data_7NGM
# 
_entry.id   7NGM 
# 
_audit_conform.dict_name       mmcif_pdbx.dic 
_audit_conform.dict_version    5.384 
_audit_conform.dict_location   http://mmcif.pdb.org/dictionaries/ascii/mmcif_pdbx.dic 
# 
loop_
_database_2.database_id 
_database_2.database_code 
_database_2.pdbx_database_accession 
_database_2.pdbx_DOI 
PDB   7NGM         pdb_00007ngm 10.2210/pdb7ngm/pdb 
WWPDB D_1292113943 ?            ?                   
# 
loop_
_pdbx_audit_revision_history.ordinal 
_pdbx_audit_revision_history.data_content_type 
_pdbx_audit_revision_history.major_revision 
_pdbx_audit_revision_history.minor_revision 
_pdbx_audit_revision_history.revision_date 
1 'Structure model' 1 0 2022-02-23 
2 'Structure model' 1 1 2024-01-31 
# 
_pdbx_audit_revision_details.ordinal             1 
_pdbx_audit_revision_details.revision_ordinal    1 
_pdbx_audit_revision_details.data_content_type   'Structure model' 
_pdbx_audit_revision_details.provider            repository 
_pdbx_audit_revision_details.type                'Initial release' 
_pdbx_audit_revision_details.description         ? 
_pdbx_audit_revision_details.details             ? 
# 
loop_
_pdbx_audit_revision_group.ordinal 
_pdbx_audit_revision_group.revision_ordinal 
_pdbx_audit_revision_group.data_content_type 
_pdbx_audit_revision_group.group 
1 2 'Structure model' 'Data collection'        
2 2 'Structure model' 'Refinement description' 
# 
loop_
_pdbx_audit_revision_category.ordinal 
_pdbx_audit_revision_category.revision_ordinal 
_pdbx_audit_revision_category.data_content_type 
_pdbx_audit_revision_category.category 
1 2 'Structure model' chem_comp_atom                
2 2 'Structure model' chem_comp_bond                
3 2 'Structure model' pdbx_initial_refinement_model 
# 
_pdbx_database_status.status_code                     REL 
_pdbx_database_status.status_code_sf                  REL 
_pdbx_database_status.status_code_mr                  ? 
_pdbx_database_status.entry_id                        7NGM 
_pdbx_database_status.recvd_initial_deposition_date   2021-02-09 
_pdbx_database_status.SG_entry                        N 
_pdbx_database_status.deposit_site                    PDBE 
_pdbx_database_status.process_site                    PDBE 
_pdbx_database_status.status_code_cs                  ? 
_pdbx_database_status.status_code_nmr_data            ? 
_pdbx_database_status.methods_development_category    ? 
_pdbx_database_status.pdb_format_compatible           Y 
# 
loop_
_pdbx_database_related.db_name 
_pdbx_database_related.details 
_pdbx_database_related.db_id 
_pdbx_database_related.content_type 
PDB 'related ligands' 7NGD unspecified 
PDB 'related ligands' 7NGG unspecified 
PDB 'related ligands' 7NGI unspecified 
PDB 'related ligands' 7NGJ unspecified 
PDB 'related ligands' 7NGK unspecified 
# 
loop_
_audit_author.name 
_audit_author.pdbx_ordinal 
_audit_author.identifier_ORCID 
'Tomlinson, C.W.E.' 1 0000-0002-1845-6028 
'Tatum, N.J.'       2 0000-0003-3878-9265 
'Pohl, E.'          3 0000-0002-9949-4471 
# 
_citation.abstract                  ? 
_citation.abstract_id_CAS           ? 
_citation.book_id_ISBN              ? 
_citation.book_publisher            ? 
_citation.book_publisher_city       ? 
_citation.book_title                ? 
_citation.coordinate_linkage        ? 
_citation.country                   ? 
_citation.database_id_Medline       ? 
_citation.details                   ? 
_citation.id                        primary 
_citation.journal_abbrev            'To Be Published' 
_citation.journal_id_ASTM           ? 
_citation.journal_id_CSD            0353 
_citation.journal_id_ISSN           ? 
_citation.journal_full              ? 
_citation.journal_issue             ? 
_citation.journal_volume            ? 
_citation.language                  ? 
_citation.page_first                ? 
_citation.page_last                 ? 
_citation.title                     
'Systematic exploration of the hydrophobic capacity of the EthR binding site for lead compound optimization' 
_citation.year                      ? 
_citation.database_id_CSD           ? 
_citation.pdbx_database_id_DOI      ? 
_citation.pdbx_database_id_PubMed   ? 
_citation.unpublished_flag          ? 
# 
loop_
_citation_author.citation_id 
_citation_author.name 
_citation_author.ordinal 
_citation_author.identifier_ORCID 
primary 'Tatum, N.J.'       1 ? 
primary 'Tomlinson, C.W.E.' 2 ? 
primary 'Frita, R.'         3 ? 
primary 'Bennett, R.'       4 ? 
primary 'Baulard, A.R.'     5 ? 
primary 'Pohl, E.'          6 ? 
primary 'Kitching, M.O.'    7 ? 
# 
loop_
_entity.id 
_entity.type 
_entity.src_method 
_entity.pdbx_description 
_entity.formula_weight 
_entity.pdbx_number_of_molecules 
_entity.pdbx_ec 
_entity.pdbx_mutation 
_entity.pdbx_fragment 
_entity.details 
1 polymer     man 'HTH-type transcriptional regulator EthR'                       23781.705 1  ? ? ? ? 
2 non-polymer syn '4-methyl-~{N}-[(1~{R})-1-phenylethyl]piperidine-1-carboxamide' 246.348   1  ? ? ? ? 
3 water       nat water                                                           18.015    73 ? ? ? ? 
# 
_entity_poly.entity_id                      1 
_entity_poly.type                           'polypeptide(L)' 
_entity_poly.nstd_linkage                   no 
_entity_poly.nstd_monomer                   no 
_entity_poly.pdbx_seq_one_letter_code       
;MTTSAASQASLPRGRRTARPSGDDRELAILATAENLLEDRPLADISVDDLAKGAGISRPTFYFYFPSKEAVLLTLLDRVV
NQADMALQTLAENPADTDRENMWRTGINVFFETFGSHKAVTRAGQAARATSVEVAELWSTFMQKWIAYTAAVIDAERDRG
AAPRTLPAHELATALNLMNERTLFASFAGEQPSVPEARVLDTLVHIWVTSIYGENR
;
_entity_poly.pdbx_seq_one_letter_code_can   
;MTTSAASQASLPRGRRTARPSGDDRELAILATAENLLEDRPLADISVDDLAKGAGISRPTFYFYFPSKEAVLLTLLDRVV
NQADMALQTLAENPADTDRENMWRTGINVFFETFGSHKAVTRAGQAARATSVEVAELWSTFMQKWIAYTAAVIDAERDRG
AAPRTLPAHELATALNLMNERTLFASFAGEQPSVPEARVLDTLVHIWVTSIYGENR
;
_entity_poly.pdbx_strand_id                 A 
_entity_poly.pdbx_target_identifier         ? 
# 
loop_
_pdbx_entity_nonpoly.entity_id 
_pdbx_entity_nonpoly.name 
_pdbx_entity_nonpoly.comp_id 
2 '4-methyl-~{N}-[(1~{R})-1-phenylethyl]piperidine-1-carboxamide' UAK 
3 water                                                           HOH 
# 
loop_
_entity_poly_seq.entity_id 
_entity_poly_seq.num 
_entity_poly_seq.mon_id 
_entity_poly_seq.hetero 
1 1   MET n 
1 2   THR n 
1 3   THR n 
1 4   SER n 
1 5   ALA n 
1 6   ALA n 
1 7   SER n 
1 8   GLN n 
1 9   ALA n 
1 10  SER n 
1 11  LEU n 
1 12  PRO n 
1 13  ARG n 
1 14  GLY n 
1 15  ARG n 
1 16  ARG n 
1 17  THR n 
1 18  ALA n 
1 19  ARG n 
1 20  PRO n 
1 21  SER n 
1 22  GLY n 
1 23  ASP n 
1 24  ASP n 
1 25  ARG n 
1 26  GLU n 
1 27  LEU n 
1 28  ALA n 
1 29  ILE n 
1 30  LEU n 
1 31  ALA n 
1 32  THR n 
1 33  ALA n 
1 34  GLU n 
1 35  ASN n 
1 36  LEU n 
1 37  LEU n 
1 38  GLU n 
1 39  ASP n 
1 40  ARG n 
1 41  PRO n 
1 42  LEU n 
1 43  ALA n 
1 44  ASP n 
1 45  ILE n 
1 46  SER n 
1 47  VAL n 
1 48  ASP n 
1 49  ASP n 
1 50  LEU n 
1 51  ALA n 
1 52  LYS n 
1 53  GLY n 
1 54  ALA n 
1 55  GLY n 
1 56  ILE n 
1 57  SER n 
1 58  ARG n 
1 59  PRO n 
1 60  THR n 
1 61  PHE n 
1 62  TYR n 
1 63  PHE n 
1 64  TYR n 
1 65  PHE n 
1 66  PRO n 
1 67  SER n 
1 68  LYS n 
1 69  GLU n 
1 70  ALA n 
1 71  VAL n 
1 72  LEU n 
1 73  LEU n 
1 74  THR n 
1 75  LEU n 
1 76  LEU n 
1 77  ASP n 
1 78  ARG n 
1 79  VAL n 
1 80  VAL n 
1 81  ASN n 
1 82  GLN n 
1 83  ALA n 
1 84  ASP n 
1 85  MET n 
1 86  ALA n 
1 87  LEU n 
1 88  GLN n 
1 89  THR n 
1 90  LEU n 
1 91  ALA n 
1 92  GLU n 
1 93  ASN n 
1 94  PRO n 
1 95  ALA n 
1 96  ASP n 
1 97  THR n 
1 98  ASP n 
1 99  ARG n 
1 100 GLU n 
1 101 ASN n 
1 102 MET n 
1 103 TRP n 
1 104 ARG n 
1 105 THR n 
1 106 GLY n 
1 107 ILE n 
1 108 ASN n 
1 109 VAL n 
1 110 PHE n 
1 111 PHE n 
1 112 GLU n 
1 113 THR n 
1 114 PHE n 
1 115 GLY n 
1 116 SER n 
1 117 HIS n 
1 118 LYS n 
1 119 ALA n 
1 120 VAL n 
1 121 THR n 
1 122 ARG n 
1 123 ALA n 
1 124 GLY n 
1 125 GLN n 
1 126 ALA n 
1 127 ALA n 
1 128 ARG n 
1 129 ALA n 
1 130 THR n 
1 131 SER n 
1 132 VAL n 
1 133 GLU n 
1 134 VAL n 
1 135 ALA n 
1 136 GLU n 
1 137 LEU n 
1 138 TRP n 
1 139 SER n 
1 140 THR n 
1 141 PHE n 
1 142 MET n 
1 143 GLN n 
1 144 LYS n 
1 145 TRP n 
1 146 ILE n 
1 147 ALA n 
1 148 TYR n 
1 149 THR n 
1 150 ALA n 
1 151 ALA n 
1 152 VAL n 
1 153 ILE n 
1 154 ASP n 
1 155 ALA n 
1 156 GLU n 
1 157 ARG n 
1 158 ASP n 
1 159 ARG n 
1 160 GLY n 
1 161 ALA n 
1 162 ALA n 
1 163 PRO n 
1 164 ARG n 
1 165 THR n 
1 166 LEU n 
1 167 PRO n 
1 168 ALA n 
1 169 HIS n 
1 170 GLU n 
1 171 LEU n 
1 172 ALA n 
1 173 THR n 
1 174 ALA n 
1 175 LEU n 
1 176 ASN n 
1 177 LEU n 
1 178 MET n 
1 179 ASN n 
1 180 GLU n 
1 181 ARG n 
1 182 THR n 
1 183 LEU n 
1 184 PHE n 
1 185 ALA n 
1 186 SER n 
1 187 PHE n 
1 188 ALA n 
1 189 GLY n 
1 190 GLU n 
1 191 GLN n 
1 192 PRO n 
1 193 SER n 
1 194 VAL n 
1 195 PRO n 
1 196 GLU n 
1 197 ALA n 
1 198 ARG n 
1 199 VAL n 
1 200 LEU n 
1 201 ASP n 
1 202 THR n 
1 203 LEU n 
1 204 VAL n 
1 205 HIS n 
1 206 ILE n 
1 207 TRP n 
1 208 VAL n 
1 209 THR n 
1 210 SER n 
1 211 ILE n 
1 212 TYR n 
1 213 GLY n 
1 214 GLU n 
1 215 ASN n 
1 216 ARG n 
# 
_entity_src_gen.entity_id                          1 
_entity_src_gen.pdbx_src_id                        1 
_entity_src_gen.pdbx_alt_source_flag               sample 
_entity_src_gen.pdbx_seq_type                      'Biological sequence' 
_entity_src_gen.pdbx_beg_seq_num                   1 
_entity_src_gen.pdbx_end_seq_num                   216 
_entity_src_gen.gene_src_common_name               ? 
_entity_src_gen.gene_src_genus                     ? 
_entity_src_gen.pdbx_gene_src_gene                 'ethR, etaR, Rv3855' 
_entity_src_gen.gene_src_species                   ? 
_entity_src_gen.gene_src_strain                    ? 
_entity_src_gen.gene_src_tissue                    ? 
_entity_src_gen.gene_src_tissue_fraction           ? 
_entity_src_gen.gene_src_details                   ? 
_entity_src_gen.pdbx_gene_src_fragment             ? 
_entity_src_gen.pdbx_gene_src_scientific_name      'Mycobacterium tuberculosis' 
_entity_src_gen.pdbx_gene_src_ncbi_taxonomy_id     1773 
_entity_src_gen.pdbx_gene_src_variant              ? 
_entity_src_gen.pdbx_gene_src_cell_line            ? 
_entity_src_gen.pdbx_gene_src_atcc                 ? 
_entity_src_gen.pdbx_gene_src_organ                ? 
_entity_src_gen.pdbx_gene_src_organelle            ? 
_entity_src_gen.pdbx_gene_src_cell                 ? 
_entity_src_gen.pdbx_gene_src_cellular_location    ? 
_entity_src_gen.host_org_common_name               ? 
_entity_src_gen.pdbx_host_org_scientific_name      'Escherichia coli BL21(DE3)' 
_entity_src_gen.pdbx_host_org_ncbi_taxonomy_id     469008 
_entity_src_gen.host_org_genus                     ? 
_entity_src_gen.pdbx_host_org_gene                 ? 
_entity_src_gen.pdbx_host_org_organ                ? 
_entity_src_gen.host_org_species                   ? 
_entity_src_gen.pdbx_host_org_tissue               ? 
_entity_src_gen.pdbx_host_org_tissue_fraction      ? 
_entity_src_gen.pdbx_host_org_strain               ? 
_entity_src_gen.pdbx_host_org_variant              ? 
_entity_src_gen.pdbx_host_org_cell_line            ? 
_entity_src_gen.pdbx_host_org_atcc                 ? 
_entity_src_gen.pdbx_host_org_culture_collection   ? 
_entity_src_gen.pdbx_host_org_cell                 ? 
_entity_src_gen.pdbx_host_org_organelle            ? 
_entity_src_gen.pdbx_host_org_cellular_location    ? 
_entity_src_gen.pdbx_host_org_vector_type          ? 
_entity_src_gen.pdbx_host_org_vector               ? 
_entity_src_gen.host_org_details                   ? 
_entity_src_gen.expression_system_id               ? 
_entity_src_gen.plasmid_name                       ? 
_entity_src_gen.plasmid_details                    ? 
_entity_src_gen.pdbx_description                   ? 
# 
loop_
_chem_comp.id 
_chem_comp.type 
_chem_comp.mon_nstd_flag 
_chem_comp.name 
_chem_comp.pdbx_synonyms 
_chem_comp.formula 
_chem_comp.formula_weight 
ALA 'L-peptide linking' y ALANINE                                                         ? 'C3 H7 N O2'     89.093  
ARG 'L-peptide linking' y ARGININE                                                        ? 'C6 H15 N4 O2 1' 175.209 
ASN 'L-peptide linking' y ASPARAGINE                                                      ? 'C4 H8 N2 O3'    132.118 
ASP 'L-peptide linking' y 'ASPARTIC ACID'                                                 ? 'C4 H7 N O4'     133.103 
GLN 'L-peptide linking' y GLUTAMINE                                                       ? 'C5 H10 N2 O3'   146.144 
GLU 'L-peptide linking' y 'GLUTAMIC ACID'                                                 ? 'C5 H9 N O4'     147.129 
GLY 'peptide linking'   y GLYCINE                                                         ? 'C2 H5 N O2'     75.067  
HIS 'L-peptide linking' y HISTIDINE                                                       ? 'C6 H10 N3 O2 1' 156.162 
HOH non-polymer         . WATER                                                           ? 'H2 O'           18.015  
ILE 'L-peptide linking' y ISOLEUCINE                                                      ? 'C6 H13 N O2'    131.173 
LEU 'L-peptide linking' y LEUCINE                                                         ? 'C6 H13 N O2'    131.173 
LYS 'L-peptide linking' y LYSINE                                                          ? 'C6 H15 N2 O2 1' 147.195 
MET 'L-peptide linking' y METHIONINE                                                      ? 'C5 H11 N O2 S'  149.211 
PHE 'L-peptide linking' y PHENYLALANINE                                                   ? 'C9 H11 N O2'    165.189 
PRO 'L-peptide linking' y PROLINE                                                         ? 'C5 H9 N O2'     115.130 
SER 'L-peptide linking' y SERINE                                                          ? 'C3 H7 N O3'     105.093 
THR 'L-peptide linking' y THREONINE                                                       ? 'C4 H9 N O3'     119.119 
TRP 'L-peptide linking' y TRYPTOPHAN                                                      ? 'C11 H12 N2 O2'  204.225 
TYR 'L-peptide linking' y TYROSINE                                                        ? 'C9 H11 N O3'    181.189 
UAK non-polymer         . '4-methyl-~{N}-[(1~{R})-1-phenylethyl]piperidine-1-carboxamide' ? 'C15 H22 N2 O'   246.348 
VAL 'L-peptide linking' y VALINE                                                          ? 'C5 H11 N O2'    117.146 
# 
loop_
_pdbx_poly_seq_scheme.asym_id 
_pdbx_poly_seq_scheme.entity_id 
_pdbx_poly_seq_scheme.seq_id 
_pdbx_poly_seq_scheme.mon_id 
_pdbx_poly_seq_scheme.ndb_seq_num 
_pdbx_poly_seq_scheme.pdb_seq_num 
_pdbx_poly_seq_scheme.auth_seq_num 
_pdbx_poly_seq_scheme.pdb_mon_id 
_pdbx_poly_seq_scheme.auth_mon_id 
_pdbx_poly_seq_scheme.pdb_strand_id 
_pdbx_poly_seq_scheme.pdb_ins_code 
_pdbx_poly_seq_scheme.hetero 
A 1 1   MET 1   1   ?   ?   ?   A . n 
A 1 2   THR 2   2   ?   ?   ?   A . n 
A 1 3   THR 3   3   ?   ?   ?   A . n 
A 1 4   SER 4   4   ?   ?   ?   A . n 
A 1 5   ALA 5   5   ?   ?   ?   A . n 
A 1 6   ALA 6   6   ?   ?   ?   A . n 
A 1 7   SER 7   7   ?   ?   ?   A . n 
A 1 8   GLN 8   8   ?   ?   ?   A . n 
A 1 9   ALA 9   9   ?   ?   ?   A . n 
A 1 10  SER 10  10  ?   ?   ?   A . n 
A 1 11  LEU 11  11  ?   ?   ?   A . n 
A 1 12  PRO 12  12  ?   ?   ?   A . n 
A 1 13  ARG 13  13  ?   ?   ?   A . n 
A 1 14  GLY 14  14  ?   ?   ?   A . n 
A 1 15  ARG 15  15  ?   ?   ?   A . n 
A 1 16  ARG 16  16  ?   ?   ?   A . n 
A 1 17  THR 17  17  ?   ?   ?   A . n 
A 1 18  ALA 18  18  ?   ?   ?   A . n 
A 1 19  ARG 19  19  ?   ?   ?   A . n 
A 1 20  PRO 20  20  ?   ?   ?   A . n 
A 1 21  SER 21  21  ?   ?   ?   A . n 
A 1 22  GLY 22  22  22  GLY GLY A . n 
A 1 23  ASP 23  23  23  ASP ASP A . n 
A 1 24  ASP 24  24  24  ASP ASP A . n 
A 1 25  ARG 25  25  25  ARG ARG A . n 
A 1 26  GLU 26  26  26  GLU GLU A . n 
A 1 27  LEU 27  27  27  LEU LEU A . n 
A 1 28  ALA 28  28  28  ALA ALA A . n 
A 1 29  ILE 29  29  29  ILE ILE A . n 
A 1 30  LEU 30  30  30  LEU LEU A . n 
A 1 31  ALA 31  31  31  ALA ALA A . n 
A 1 32  THR 32  32  32  THR THR A . n 
A 1 33  ALA 33  33  33  ALA ALA A . n 
A 1 34  GLU 34  34  34  GLU GLU A . n 
A 1 35  ASN 35  35  35  ASN ASN A . n 
A 1 36  LEU 36  36  36  LEU LEU A . n 
A 1 37  LEU 37  37  37  LEU LEU A . n 
A 1 38  GLU 38  38  38  GLU GLU A . n 
A 1 39  ASP 39  39  39  ASP ASP A . n 
A 1 40  ARG 40  40  40  ARG ARG A . n 
A 1 41  PRO 41  41  41  PRO PRO A . n 
A 1 42  LEU 42  42  42  LEU LEU A . n 
A 1 43  ALA 43  43  43  ALA ALA A . n 
A 1 44  ASP 44  44  44  ASP ASP A . n 
A 1 45  ILE 45  45  45  ILE ILE A . n 
A 1 46  SER 46  46  46  SER SER A . n 
A 1 47  VAL 47  47  47  VAL VAL A . n 
A 1 48  ASP 48  48  48  ASP ASP A . n 
A 1 49  ASP 49  49  49  ASP ASP A . n 
A 1 50  LEU 50  50  50  LEU LEU A . n 
A 1 51  ALA 51  51  51  ALA ALA A . n 
A 1 52  LYS 52  52  52  LYS LYS A . n 
A 1 53  GLY 53  53  53  GLY GLY A . n 
A 1 54  ALA 54  54  54  ALA ALA A . n 
A 1 55  GLY 55  55  55  GLY GLY A . n 
A 1 56  ILE 56  56  56  ILE ILE A . n 
A 1 57  SER 57  57  57  SER SER A . n 
A 1 58  ARG 58  58  58  ARG ARG A . n 
A 1 59  PRO 59  59  59  PRO PRO A . n 
A 1 60  THR 60  60  60  THR THR A . n 
A 1 61  PHE 61  61  61  PHE PHE A . n 
A 1 62  TYR 62  62  62  TYR TYR A . n 
A 1 63  PHE 63  63  63  PHE PHE A . n 
A 1 64  TYR 64  64  64  TYR TYR A . n 
A 1 65  PHE 65  65  65  PHE PHE A . n 
A 1 66  PRO 66  66  66  PRO PRO A . n 
A 1 67  SER 67  67  67  SER SER A . n 
A 1 68  LYS 68  68  68  LYS LYS A . n 
A 1 69  GLU 69  69  69  GLU GLU A . n 
A 1 70  ALA 70  70  70  ALA ALA A . n 
A 1 71  VAL 71  71  71  VAL VAL A . n 
A 1 72  LEU 72  72  72  LEU LEU A . n 
A 1 73  LEU 73  73  73  LEU LEU A . n 
A 1 74  THR 74  74  74  THR THR A . n 
A 1 75  LEU 75  75  75  LEU LEU A . n 
A 1 76  LEU 76  76  76  LEU LEU A . n 
A 1 77  ASP 77  77  77  ASP ASP A . n 
A 1 78  ARG 78  78  78  ARG ARG A . n 
A 1 79  VAL 79  79  79  VAL VAL A . n 
A 1 80  VAL 80  80  80  VAL VAL A . n 
A 1 81  ASN 81  81  81  ASN ASN A . n 
A 1 82  GLN 82  82  82  GLN GLN A . n 
A 1 83  ALA 83  83  83  ALA ALA A . n 
A 1 84  ASP 84  84  84  ASP ASP A . n 
A 1 85  MET 85  85  85  MET MET A . n 
A 1 86  ALA 86  86  86  ALA ALA A . n 
A 1 87  LEU 87  87  87  LEU LEU A . n 
A 1 88  GLN 88  88  88  GLN GLN A . n 
A 1 89  THR 89  89  89  THR THR A . n 
A 1 90  LEU 90  90  90  LEU LEU A . n 
A 1 91  ALA 91  91  91  ALA ALA A . n 
A 1 92  GLU 92  92  92  GLU GLU A . n 
A 1 93  ASN 93  93  93  ASN ASN A . n 
A 1 94  PRO 94  94  94  PRO PRO A . n 
A 1 95  ALA 95  95  95  ALA ALA A . n 
A 1 96  ASP 96  96  96  ASP ASP A . n 
A 1 97  THR 97  97  97  THR THR A . n 
A 1 98  ASP 98  98  98  ASP ASP A . n 
A 1 99  ARG 99  99  99  ARG ARG A . n 
A 1 100 GLU 100 100 100 GLU GLU A . n 
A 1 101 ASN 101 101 101 ASN ASN A . n 
A 1 102 MET 102 102 102 MET MET A . n 
A 1 103 TRP 103 103 103 TRP TRP A . n 
A 1 104 ARG 104 104 104 ARG ARG A . n 
A 1 105 THR 105 105 105 THR THR A . n 
A 1 106 GLY 106 106 106 GLY GLY A . n 
A 1 107 ILE 107 107 107 ILE ILE A . n 
A 1 108 ASN 108 108 108 ASN ASN A . n 
A 1 109 VAL 109 109 109 VAL VAL A . n 
A 1 110 PHE 110 110 110 PHE PHE A . n 
A 1 111 PHE 111 111 111 PHE PHE A . n 
A 1 112 GLU 112 112 112 GLU GLU A . n 
A 1 113 THR 113 113 113 THR THR A . n 
A 1 114 PHE 114 114 114 PHE PHE A . n 
A 1 115 GLY 115 115 115 GLY GLY A . n 
A 1 116 SER 116 116 116 SER SER A . n 
A 1 117 HIS 117 117 117 HIS HIS A . n 
A 1 118 LYS 118 118 118 LYS LYS A . n 
A 1 119 ALA 119 119 119 ALA ALA A . n 
A 1 120 VAL 120 120 120 VAL VAL A . n 
A 1 121 THR 121 121 121 THR THR A . n 
A 1 122 ARG 122 122 122 ARG ARG A . n 
A 1 123 ALA 123 123 123 ALA ALA A . n 
A 1 124 GLY 124 124 124 GLY GLY A . n 
A 1 125 GLN 125 125 125 GLN GLN A . n 
A 1 126 ALA 126 126 126 ALA ALA A . n 
A 1 127 ALA 127 127 127 ALA ALA A . n 
A 1 128 ARG 128 128 128 ARG ARG A . n 
A 1 129 ALA 129 129 129 ALA ALA A . n 
A 1 130 THR 130 130 130 THR THR A . n 
A 1 131 SER 131 131 131 SER SER A . n 
A 1 132 VAL 132 132 132 VAL VAL A . n 
A 1 133 GLU 133 133 133 GLU GLU A . n 
A 1 134 VAL 134 134 134 VAL VAL A . n 
A 1 135 ALA 135 135 135 ALA ALA A . n 
A 1 136 GLU 136 136 136 GLU GLU A . n 
A 1 137 LEU 137 137 137 LEU LEU A . n 
A 1 138 TRP 138 138 138 TRP TRP A . n 
A 1 139 SER 139 139 139 SER SER A . n 
A 1 140 THR 140 140 140 THR THR A . n 
A 1 141 PHE 141 141 141 PHE PHE A . n 
A 1 142 MET 142 142 142 MET MET A . n 
A 1 143 GLN 143 143 143 GLN GLN A . n 
A 1 144 LYS 144 144 144 LYS LYS A . n 
A 1 145 TRP 145 145 145 TRP TRP A . n 
A 1 146 ILE 146 146 146 ILE ILE A . n 
A 1 147 ALA 147 147 147 ALA ALA A . n 
A 1 148 TYR 148 148 148 TYR TYR A . n 
A 1 149 THR 149 149 149 THR THR A . n 
A 1 150 ALA 150 150 150 ALA ALA A . n 
A 1 151 ALA 151 151 151 ALA ALA A . n 
A 1 152 VAL 152 152 152 VAL VAL A . n 
A 1 153 ILE 153 153 153 ILE ILE A . n 
A 1 154 ASP 154 154 154 ASP ASP A . n 
A 1 155 ALA 155 155 155 ALA ALA A . n 
A 1 156 GLU 156 156 156 GLU GLU A . n 
A 1 157 ARG 157 157 157 ARG ARG A . n 
A 1 158 ASP 158 158 158 ASP ASP A . n 
A 1 159 ARG 159 159 159 ARG ARG A . n 
A 1 160 GLY 160 160 160 GLY GLY A . n 
A 1 161 ALA 161 161 161 ALA ALA A . n 
A 1 162 ALA 162 162 162 ALA ALA A . n 
A 1 163 PRO 163 163 163 PRO PRO A . n 
A 1 164 ARG 164 164 164 ARG ARG A . n 
A 1 165 THR 165 165 165 THR THR A . n 
A 1 166 LEU 166 166 166 LEU LEU A . n 
A 1 167 PRO 167 167 167 PRO PRO A . n 
A 1 168 ALA 168 168 168 ALA ALA A . n 
A 1 169 HIS 169 169 169 HIS HIS A . n 
A 1 170 GLU 170 170 170 GLU GLU A . n 
A 1 171 LEU 171 171 171 LEU LEU A . n 
A 1 172 ALA 172 172 172 ALA ALA A . n 
A 1 173 THR 173 173 173 THR THR A . n 
A 1 174 ALA 174 174 174 ALA ALA A . n 
A 1 175 LEU 175 175 175 LEU LEU A . n 
A 1 176 ASN 176 176 176 ASN ASN A . n 
A 1 177 LEU 177 177 177 LEU LEU A . n 
A 1 178 MET 178 178 178 MET MET A . n 
A 1 179 ASN 179 179 179 ASN ASN A . n 
A 1 180 GLU 180 180 180 GLU GLU A . n 
A 1 181 ARG 181 181 181 ARG ARG A . n 
A 1 182 THR 182 182 182 THR THR A . n 
A 1 183 LEU 183 183 183 LEU LEU A . n 
A 1 184 PHE 184 184 184 PHE PHE A . n 
A 1 185 ALA 185 185 185 ALA ALA A . n 
A 1 186 SER 186 186 186 SER SER A . n 
A 1 187 PHE 187 187 187 PHE PHE A . n 
A 1 188 ALA 188 188 188 ALA ALA A . n 
A 1 189 GLY 189 189 189 GLY GLY A . n 
A 1 190 GLU 190 190 190 GLU GLU A . n 
A 1 191 GLN 191 191 191 GLN GLN A . n 
A 1 192 PRO 192 192 192 PRO PRO A . n 
A 1 193 SER 193 193 193 SER SER A . n 
A 1 194 VAL 194 194 194 VAL VAL A . n 
A 1 195 PRO 195 195 195 PRO PRO A . n 
A 1 196 GLU 196 196 196 GLU GLU A . n 
A 1 197 ALA 197 197 197 ALA ALA A . n 
A 1 198 ARG 198 198 198 ARG ARG A . n 
A 1 199 VAL 199 199 199 VAL VAL A . n 
A 1 200 LEU 200 200 200 LEU LEU A . n 
A 1 201 ASP 201 201 201 ASP ASP A . n 
A 1 202 THR 202 202 202 THR THR A . n 
A 1 203 LEU 203 203 203 LEU LEU A . n 
A 1 204 VAL 204 204 204 VAL VAL A . n 
A 1 205 HIS 205 205 205 HIS HIS A . n 
A 1 206 ILE 206 206 206 ILE ILE A . n 
A 1 207 TRP 207 207 207 TRP TRP A . n 
A 1 208 VAL 208 208 208 VAL VAL A . n 
A 1 209 THR 209 209 209 THR THR A . n 
A 1 210 SER 210 210 210 SER SER A . n 
A 1 211 ILE 211 211 211 ILE ILE A . n 
A 1 212 TYR 212 212 212 TYR TYR A . n 
A 1 213 GLY 213 213 213 GLY GLY A . n 
A 1 214 GLU 214 214 214 GLU GLU A . n 
A 1 215 ASN 215 215 ?   ?   ?   A . n 
A 1 216 ARG 216 216 ?   ?   ?   A . n 
# 
loop_
_pdbx_nonpoly_scheme.asym_id 
_pdbx_nonpoly_scheme.entity_id 
_pdbx_nonpoly_scheme.mon_id 
_pdbx_nonpoly_scheme.ndb_seq_num 
_pdbx_nonpoly_scheme.pdb_seq_num 
_pdbx_nonpoly_scheme.auth_seq_num 
_pdbx_nonpoly_scheme.pdb_mon_id 
_pdbx_nonpoly_scheme.auth_mon_id 
_pdbx_nonpoly_scheme.pdb_strand_id 
_pdbx_nonpoly_scheme.pdb_ins_code 
B 2 UAK 1  401 401 UAK DRG A . 
C 3 HOH 1  501 50  HOH HOH A . 
C 3 HOH 2  502 60  HOH HOH A . 
C 3 HOH 3  503 41  HOH HOH A . 
C 3 HOH 4  504 28  HOH HOH A . 
C 3 HOH 5  505 19  HOH HOH A . 
C 3 HOH 6  506 13  HOH HOH A . 
C 3 HOH 7  507 40  HOH HOH A . 
C 3 HOH 8  508 15  HOH HOH A . 
C 3 HOH 9  509 45  HOH HOH A . 
C 3 HOH 10 510 33  HOH HOH A . 
C 3 HOH 11 511 7   HOH HOH A . 
C 3 HOH 12 512 10  HOH HOH A . 
C 3 HOH 13 513 11  HOH HOH A . 
C 3 HOH 14 514 29  HOH HOH A . 
C 3 HOH 15 515 43  HOH HOH A . 
C 3 HOH 16 516 44  HOH HOH A . 
C 3 HOH 17 517 57  HOH HOH A . 
C 3 HOH 18 518 5   HOH HOH A . 
C 3 HOH 19 519 59  HOH HOH A . 
C 3 HOH 20 520 64  HOH HOH A . 
C 3 HOH 21 521 22  HOH HOH A . 
C 3 HOH 22 522 24  HOH HOH A . 
C 3 HOH 23 523 1   HOH HOH A . 
C 3 HOH 24 524 3   HOH HOH A . 
C 3 HOH 25 525 23  HOH HOH A . 
C 3 HOH 26 526 46  HOH HOH A . 
C 3 HOH 27 527 35  HOH HOH A . 
C 3 HOH 28 528 39  HOH HOH A . 
C 3 HOH 29 529 6   HOH HOH A . 
C 3 HOH 30 530 26  HOH HOH A . 
C 3 HOH 31 531 9   HOH HOH A . 
C 3 HOH 32 532 66  HOH HOH A . 
C 3 HOH 33 533 61  HOH HOH A . 
C 3 HOH 34 534 4   HOH HOH A . 
C 3 HOH 35 535 42  HOH HOH A . 
C 3 HOH 36 536 30  HOH HOH A . 
C 3 HOH 37 537 17  HOH HOH A . 
C 3 HOH 38 538 38  HOH HOH A . 
C 3 HOH 39 539 16  HOH HOH A . 
C 3 HOH 40 540 49  HOH HOH A . 
C 3 HOH 41 541 18  HOH HOH A . 
C 3 HOH 42 542 51  HOH HOH A . 
C 3 HOH 43 543 62  HOH HOH A . 
C 3 HOH 44 544 2   HOH HOH A . 
C 3 HOH 45 545 36  HOH HOH A . 
C 3 HOH 46 546 67  HOH HOH A . 
C 3 HOH 47 547 21  HOH HOH A . 
C 3 HOH 48 548 8   HOH HOH A . 
C 3 HOH 49 549 37  HOH HOH A . 
C 3 HOH 50 550 20  HOH HOH A . 
C 3 HOH 51 551 58  HOH HOH A . 
C 3 HOH 52 552 65  HOH HOH A . 
C 3 HOH 53 553 12  HOH HOH A . 
C 3 HOH 54 554 32  HOH HOH A . 
C 3 HOH 55 555 52  HOH HOH A . 
C 3 HOH 56 556 54  HOH HOH A . 
C 3 HOH 57 557 48  HOH HOH A . 
C 3 HOH 58 558 55  HOH HOH A . 
C 3 HOH 59 559 34  HOH HOH A . 
C 3 HOH 60 560 47  HOH HOH A . 
C 3 HOH 61 561 63  HOH HOH A . 
C 3 HOH 62 562 72  HOH HOH A . 
C 3 HOH 63 563 68  HOH HOH A . 
C 3 HOH 64 564 31  HOH HOH A . 
C 3 HOH 65 565 56  HOH HOH A . 
C 3 HOH 66 566 25  HOH HOH A . 
C 3 HOH 67 567 27  HOH HOH A . 
C 3 HOH 68 568 69  HOH HOH A . 
C 3 HOH 69 569 14  HOH HOH A . 
C 3 HOH 70 570 70  HOH HOH A . 
C 3 HOH 71 571 71  HOH HOH A . 
C 3 HOH 72 572 73  HOH HOH A . 
C 3 HOH 73 573 53  HOH HOH A . 
# 
loop_
_pdbx_unobs_or_zero_occ_atoms.id 
_pdbx_unobs_or_zero_occ_atoms.PDB_model_num 
_pdbx_unobs_or_zero_occ_atoms.polymer_flag 
_pdbx_unobs_or_zero_occ_atoms.occupancy_flag 
_pdbx_unobs_or_zero_occ_atoms.auth_asym_id 
_pdbx_unobs_or_zero_occ_atoms.auth_comp_id 
_pdbx_unobs_or_zero_occ_atoms.auth_seq_id 
_pdbx_unobs_or_zero_occ_atoms.PDB_ins_code 
_pdbx_unobs_or_zero_occ_atoms.auth_atom_id 
_pdbx_unobs_or_zero_occ_atoms.label_alt_id 
_pdbx_unobs_or_zero_occ_atoms.label_asym_id 
_pdbx_unobs_or_zero_occ_atoms.label_comp_id 
_pdbx_unobs_or_zero_occ_atoms.label_seq_id 
_pdbx_unobs_or_zero_occ_atoms.label_atom_id 
1 1 Y 1 A ASP 23 ? CG  ? A ASP 23 CG  
2 1 Y 1 A ASP 23 ? OD1 ? A ASP 23 OD1 
3 1 Y 1 A ASP 23 ? OD2 ? A ASP 23 OD2 
4 1 Y 1 A ASP 96 ? CG  ? A ASP 96 CG  
5 1 Y 1 A ASP 96 ? OD1 ? A ASP 96 OD1 
6 1 Y 1 A ASP 96 ? OD2 ? A ASP 96 OD2 
# 
loop_
_software.citation_id 
_software.classification 
_software.compiler_name 
_software.compiler_version 
_software.contact_author 
_software.contact_author_email 
_software.date 
_software.description 
_software.dependencies 
_software.hardware 
_software.language 
_software.location 
_software.mods 
_software.name 
_software.os 
_software.os_version 
_software.type 
_software.version 
_software.pdbx_ordinal 
? refinement        ? ? ? ? ? ? ? ? ? ? ? REFMAC      ? ? ? 5.8.0238 1 
? 'data extraction' ? ? ? ? ? ? ? ? ? ? ? PDB_EXTRACT ? ? ? 3.22     2 
? 'data reduction'  ? ? ? ? ? ? ? ? ? ? ? Aimless     ? ? ? .        3 
? 'data scaling'    ? ? ? ? ? ? ? ? ? ? ? pointless   ? ? ? .        4 
? phasing           ? ? ? ? ? ? ? ? ? ? ? PHASER      ? ? ? .        5 
# 
_cell.angle_alpha                  90.000 
_cell.angle_alpha_esd              ? 
_cell.angle_beta                   90.000 
_cell.angle_beta_esd               ? 
_cell.angle_gamma                  90.000 
_cell.angle_gamma_esd              ? 
_cell.entry_id                     7NGM 
_cell.details                      ? 
_cell.formula_units_Z              ? 
_cell.length_a                     121.416 
_cell.length_a_esd                 ? 
_cell.length_b                     121.416 
_cell.length_b_esd                 ? 
_cell.length_c                     33.709 
_cell.length_c_esd                 ? 
_cell.volume                       ? 
_cell.volume_esd                   ? 
_cell.Z_PDB                        8 
_cell.reciprocal_angle_alpha       ? 
_cell.reciprocal_angle_beta        ? 
_cell.reciprocal_angle_gamma       ? 
_cell.reciprocal_angle_alpha_esd   ? 
_cell.reciprocal_angle_beta_esd    ? 
_cell.reciprocal_angle_gamma_esd   ? 
_cell.reciprocal_length_a          ? 
_cell.reciprocal_length_b          ? 
_cell.reciprocal_length_c          ? 
_cell.reciprocal_length_a_esd      ? 
_cell.reciprocal_length_b_esd      ? 
_cell.reciprocal_length_c_esd      ? 
_cell.pdbx_unique_axis             ? 
# 
_symmetry.entry_id                         7NGM 
_symmetry.cell_setting                     ? 
_symmetry.Int_Tables_number                92 
_symmetry.space_group_name_Hall            ? 
_symmetry.space_group_name_H-M             'P 41 21 2' 
_symmetry.pdbx_full_space_group_name_H-M   ? 
# 
_exptl.absorpt_coefficient_mu     ? 
_exptl.absorpt_correction_T_max   ? 
_exptl.absorpt_correction_T_min   ? 
_exptl.absorpt_correction_type    ? 
_exptl.absorpt_process_details    ? 
_exptl.entry_id                   7NGM 
_exptl.crystals_number            1 
_exptl.details                    ? 
_exptl.method                     'X-RAY DIFFRACTION' 
_exptl.method_details             ? 
# 
_exptl_crystal.colour                      ? 
_exptl_crystal.density_diffrn              ? 
_exptl_crystal.density_Matthews            2.61 
_exptl_crystal.density_method              ? 
_exptl_crystal.density_percent_sol         52.91 
_exptl_crystal.description                 ? 
_exptl_crystal.F_000                       ? 
_exptl_crystal.id                          1 
_exptl_crystal.preparation                 ? 
_exptl_crystal.size_max                    ? 
_exptl_crystal.size_mid                    ? 
_exptl_crystal.size_min                    ? 
_exptl_crystal.size_rad                    ? 
_exptl_crystal.colour_lustre               ? 
_exptl_crystal.colour_modifier             ? 
_exptl_crystal.colour_primary              ? 
_exptl_crystal.density_meas                ? 
_exptl_crystal.density_meas_esd            ? 
_exptl_crystal.density_meas_gt             ? 
_exptl_crystal.density_meas_lt             ? 
_exptl_crystal.density_meas_temp           ? 
_exptl_crystal.density_meas_temp_esd       ? 
_exptl_crystal.density_meas_temp_gt        ? 
_exptl_crystal.density_meas_temp_lt        ? 
_exptl_crystal.pdbx_crystal_image_url      ? 
_exptl_crystal.pdbx_crystal_image_format   ? 
_exptl_crystal.pdbx_mosaicity              ? 
_exptl_crystal.pdbx_mosaicity_esd          ? 
# 
_exptl_crystal_grow.apparatus       ? 
_exptl_crystal_grow.atmosphere      ? 
_exptl_crystal_grow.crystal_id      1 
_exptl_crystal_grow.details         ? 
_exptl_crystal_grow.method          'VAPOR DIFFUSION, SITTING DROP' 
_exptl_crystal_grow.method_ref      ? 
_exptl_crystal_grow.pH              ? 
_exptl_crystal_grow.pressure        ? 
_exptl_crystal_grow.pressure_esd    ? 
_exptl_crystal_grow.seeding         ? 
_exptl_crystal_grow.seeding_ref     ? 
_exptl_crystal_grow.temp            300 
_exptl_crystal_grow.temp_details    ? 
_exptl_crystal_grow.temp_esd        ? 
_exptl_crystal_grow.time            ? 
_exptl_crystal_grow.pdbx_details    'PEG based' 
_exptl_crystal_grow.pdbx_pH_range   ? 
# 
_diffrn.ambient_environment              ? 
_diffrn.ambient_temp                     100 
_diffrn.ambient_temp_details             ? 
_diffrn.ambient_temp_esd                 ? 
_diffrn.crystal_id                       1 
_diffrn.crystal_support                  ? 
_diffrn.crystal_treatment                ? 
_diffrn.details                          ? 
_diffrn.id                               1 
_diffrn.ambient_pressure                 ? 
_diffrn.ambient_pressure_esd             ? 
_diffrn.ambient_pressure_gt              ? 
_diffrn.ambient_pressure_lt              ? 
_diffrn.ambient_temp_gt                  ? 
_diffrn.ambient_temp_lt                  ? 
_diffrn.pdbx_serial_crystal_experiment   N 
# 
_diffrn_detector.details                      ? 
_diffrn_detector.detector                     PIXEL 
_diffrn_detector.diffrn_id                    1 
_diffrn_detector.type                         'DECTRIS PILATUS 6M' 
_diffrn_detector.area_resol_mean              ? 
_diffrn_detector.dtime                        ? 
_diffrn_detector.pdbx_frames_total            ? 
_diffrn_detector.pdbx_collection_time_total   ? 
_diffrn_detector.pdbx_collection_date         2018-05-03 
_diffrn_detector.pdbx_frequency               ? 
# 
_diffrn_radiation.collimation                      ? 
_diffrn_radiation.diffrn_id                        1 
_diffrn_radiation.filter_edge                      ? 
_diffrn_radiation.inhomogeneity                    ? 
_diffrn_radiation.monochromator                    ? 
_diffrn_radiation.polarisn_norm                    ? 
_diffrn_radiation.polarisn_ratio                   ? 
_diffrn_radiation.probe                            ? 
_diffrn_radiation.type                             ? 
_diffrn_radiation.xray_symbol                      ? 
_diffrn_radiation.wavelength_id                    1 
_diffrn_radiation.pdbx_monochromatic_or_laue_m_l   M 
_diffrn_radiation.pdbx_wavelength_list             ? 
_diffrn_radiation.pdbx_wavelength                  ? 
_diffrn_radiation.pdbx_diffrn_protocol             'SINGLE WAVELENGTH' 
_diffrn_radiation.pdbx_analyzer                    ? 
_diffrn_radiation.pdbx_scattering_type             x-ray 
# 
_diffrn_radiation_wavelength.id           1 
_diffrn_radiation_wavelength.wavelength   0.9795 
_diffrn_radiation_wavelength.wt           1.0 
# 
_diffrn_source.current                     ? 
_diffrn_source.details                     ? 
_diffrn_source.diffrn_id                   1 
_diffrn_source.power                       ? 
_diffrn_source.size                        ? 
_diffrn_source.source                      SYNCHROTRON 
_diffrn_source.target                      ? 
_diffrn_source.type                        'DIAMOND BEAMLINE I04' 
_diffrn_source.voltage                     ? 
_diffrn_source.take-off_angle              ? 
_diffrn_source.pdbx_wavelength_list        0.9795 
_diffrn_source.pdbx_wavelength             ? 
_diffrn_source.pdbx_synchrotron_beamline   I04 
_diffrn_source.pdbx_synchrotron_site       Diamond 
# 
_reflns.B_iso_Wilson_estimate            ? 
_reflns.entry_id                         7NGM 
_reflns.data_reduction_details           ? 
_reflns.data_reduction_method            ? 
_reflns.d_resolution_high                1.76 
_reflns.d_resolution_low                 85.89 
_reflns.details                          ? 
_reflns.limit_h_max                      ? 
_reflns.limit_h_min                      ? 
_reflns.limit_k_max                      ? 
_reflns.limit_k_min                      ? 
_reflns.limit_l_max                      ? 
_reflns.limit_l_min                      ? 
_reflns.number_all                       ? 
_reflns.number_obs                       25735 
_reflns.observed_criterion               ? 
_reflns.observed_criterion_F_max         ? 
_reflns.observed_criterion_F_min         ? 
_reflns.observed_criterion_I_max         ? 
_reflns.observed_criterion_I_min         ? 
_reflns.observed_criterion_sigma_F       ? 
_reflns.observed_criterion_sigma_I       ? 
_reflns.percent_possible_obs             100 
_reflns.R_free_details                   ? 
_reflns.Rmerge_F_all                     ? 
_reflns.Rmerge_F_obs                     ? 
_reflns.Friedel_coverage                 ? 
_reflns.number_gt                        ? 
_reflns.threshold_expression             ? 
_reflns.pdbx_redundancy                  12.3 
_reflns.pdbx_Rmerge_I_obs                ? 
_reflns.pdbx_Rmerge_I_all                ? 
_reflns.pdbx_Rsym_value                  ? 
_reflns.pdbx_netI_over_av_sigmaI         ? 
_reflns.pdbx_netI_over_sigmaI            11.5 
_reflns.pdbx_res_netI_over_av_sigmaI_2   ? 
_reflns.pdbx_res_netI_over_sigmaI_2      ? 
_reflns.pdbx_chi_squared                 ? 
_reflns.pdbx_scaling_rejects             ? 
_reflns.pdbx_d_res_high_opt              ? 
_reflns.pdbx_d_res_low_opt               ? 
_reflns.pdbx_d_res_opt_method            ? 
_reflns.phase_calculation_details        ? 
_reflns.pdbx_Rrim_I_all                  ? 
_reflns.pdbx_Rpim_I_all                  ? 
_reflns.pdbx_d_opt                       ? 
_reflns.pdbx_number_measured_all         ? 
_reflns.pdbx_diffrn_id                   1 
_reflns.pdbx_ordinal                     1 
_reflns.pdbx_CC_half                     0.999 
_reflns.pdbx_CC_star                     ? 
_reflns.pdbx_R_split                     ? 
# 
_reflns_shell.d_res_high                  1.76 
_reflns_shell.d_res_low                   1.79 
_reflns_shell.meanI_over_sigI_all         ? 
_reflns_shell.meanI_over_sigI_obs         0.93 
_reflns_shell.number_measured_all         ? 
_reflns_shell.number_measured_obs         ? 
_reflns_shell.number_possible             ? 
_reflns_shell.number_unique_all           ? 
_reflns_shell.number_unique_obs           1274 
_reflns_shell.percent_possible_all        ? 
_reflns_shell.percent_possible_obs        ? 
_reflns_shell.Rmerge_F_all                ? 
_reflns_shell.Rmerge_F_obs                ? 
_reflns_shell.Rmerge_I_all                ? 
_reflns_shell.Rmerge_I_obs                ? 
_reflns_shell.meanI_over_sigI_gt          ? 
_reflns_shell.meanI_over_uI_all           ? 
_reflns_shell.meanI_over_uI_gt            ? 
_reflns_shell.number_measured_gt          ? 
_reflns_shell.number_unique_gt            ? 
_reflns_shell.percent_possible_gt         ? 
_reflns_shell.Rmerge_F_gt                 ? 
_reflns_shell.Rmerge_I_gt                 ? 
_reflns_shell.pdbx_redundancy             ? 
_reflns_shell.pdbx_Rsym_value             ? 
_reflns_shell.pdbx_chi_squared            ? 
_reflns_shell.pdbx_netI_over_sigmaI_all   ? 
_reflns_shell.pdbx_netI_over_sigmaI_obs   ? 
_reflns_shell.pdbx_Rrim_I_all             ? 
_reflns_shell.pdbx_Rpim_I_all             ? 
_reflns_shell.pdbx_rejects                ? 
_reflns_shell.pdbx_ordinal                1 
_reflns_shell.pdbx_diffrn_id              1 
_reflns_shell.pdbx_CC_half                0.744 
_reflns_shell.pdbx_CC_star                ? 
_reflns_shell.pdbx_R_split                ? 
# 
_refine.aniso_B[1][1]                            1.0300 
_refine.aniso_B[1][2]                            -0.0000 
_refine.aniso_B[1][3]                            -0.0000 
_refine.aniso_B[2][2]                            1.0300 
_refine.aniso_B[2][3]                            -0.0000 
_refine.aniso_B[3][3]                            -2.0600 
_refine.B_iso_max                                80.570 
_refine.B_iso_mean                               30.5610 
_refine.B_iso_min                                13.530 
_refine.correlation_coeff_Fo_to_Fc               0.9540 
_refine.correlation_coeff_Fo_to_Fc_free          0.9350 
_refine.details                                  
'HYDROGENS HAVE BEEN ADDED IN THE RIDING POSITIONS U VALUES      : REFINED INDIVIDUALLY' 
_refine.diff_density_max                         ? 
_refine.diff_density_max_esd                     ? 
_refine.diff_density_min                         ? 
_refine.diff_density_min_esd                     ? 
_refine.diff_density_rms                         ? 
_refine.diff_density_rms_esd                     ? 
_refine.entry_id                                 7NGM 
_refine.pdbx_refine_id                           'X-RAY DIFFRACTION' 
_refine.ls_abs_structure_details                 ? 
_refine.ls_abs_structure_Flack                   ? 
_refine.ls_abs_structure_Flack_esd               ? 
_refine.ls_abs_structure_Rogers                  ? 
_refine.ls_abs_structure_Rogers_esd              ? 
_refine.ls_d_res_high                            1.7600 
_refine.ls_d_res_low                             85.8500 
_refine.ls_extinction_coef                       ? 
_refine.ls_extinction_coef_esd                   ? 
_refine.ls_extinction_expression                 ? 
_refine.ls_extinction_method                     ? 
_refine.ls_goodness_of_fit_all                   ? 
_refine.ls_goodness_of_fit_all_esd               ? 
_refine.ls_goodness_of_fit_obs                   ? 
_refine.ls_goodness_of_fit_obs_esd               ? 
_refine.ls_hydrogen_treatment                    ? 
_refine.ls_matrix_type                           ? 
_refine.ls_number_constraints                    ? 
_refine.ls_number_parameters                     ? 
_refine.ls_number_reflns_all                     ? 
_refine.ls_number_reflns_obs                     24403 
_refine.ls_number_reflns_R_free                  1280 
_refine.ls_number_reflns_R_work                  ? 
_refine.ls_number_restraints                     ? 
_refine.ls_percent_reflns_obs                    99.9700 
_refine.ls_percent_reflns_R_free                 5.0000 
_refine.ls_R_factor_all                          ? 
_refine.ls_R_factor_obs                          0.2119 
_refine.ls_R_factor_R_free                       0.2448 
_refine.ls_R_factor_R_free_error                 ? 
_refine.ls_R_factor_R_free_error_details         ? 
_refine.ls_R_factor_R_work                       0.2102 
_refine.ls_R_Fsqd_factor_obs                     ? 
_refine.ls_R_I_factor_obs                        ? 
_refine.ls_redundancy_reflns_all                 ? 
_refine.ls_redundancy_reflns_obs                 ? 
_refine.ls_restrained_S_all                      ? 
_refine.ls_restrained_S_obs                      ? 
_refine.ls_shift_over_esd_max                    ? 
_refine.ls_shift_over_esd_mean                   ? 
_refine.ls_structure_factor_coef                 ? 
_refine.ls_weighting_details                     ? 
_refine.ls_weighting_scheme                      ? 
_refine.ls_wR_factor_all                         ? 
_refine.ls_wR_factor_obs                         ? 
_refine.ls_wR_factor_R_free                      ? 
_refine.ls_wR_factor_R_work                      ? 
_refine.occupancy_max                            ? 
_refine.occupancy_min                            ? 
_refine.solvent_model_details                    MASK 
_refine.solvent_model_param_bsol                 ? 
_refine.solvent_model_param_ksol                 ? 
_refine.pdbx_R_complete                          ? 
_refine.ls_R_factor_gt                           ? 
_refine.ls_goodness_of_fit_gt                    ? 
_refine.ls_goodness_of_fit_ref                   ? 
_refine.ls_shift_over_su_max                     ? 
_refine.ls_shift_over_su_max_lt                  ? 
_refine.ls_shift_over_su_mean                    ? 
_refine.ls_shift_over_su_mean_lt                 ? 
_refine.pdbx_ls_sigma_I                          ? 
_refine.pdbx_ls_sigma_F                          0.000 
_refine.pdbx_ls_sigma_Fsqd                       ? 
_refine.pdbx_data_cutoff_high_absF               ? 
_refine.pdbx_data_cutoff_high_rms_absF           ? 
_refine.pdbx_data_cutoff_low_absF                ? 
_refine.pdbx_isotropic_thermal_model             ? 
_refine.pdbx_ls_cross_valid_method               THROUGHOUT 
_refine.pdbx_method_to_determine_struct          'MOLECULAR REPLACEMENT' 
_refine.pdbx_starting_model                      5NIO 
_refine.pdbx_stereochemistry_target_values       'MAXIMUM LIKELIHOOD' 
_refine.pdbx_R_Free_selection_details            RANDOM 
_refine.pdbx_stereochem_target_val_spec_case     ? 
_refine.pdbx_overall_ESU_R                       0.1120 
_refine.pdbx_overall_ESU_R_Free                  0.1120 
_refine.pdbx_solvent_vdw_probe_radii             1.2000 
_refine.pdbx_solvent_ion_probe_radii             0.8000 
_refine.pdbx_solvent_shrinkage_radii             0.8000 
_refine.pdbx_real_space_R                        ? 
_refine.pdbx_density_correlation                 ? 
_refine.pdbx_pd_number_of_powder_patterns        ? 
_refine.pdbx_pd_number_of_points                 ? 
_refine.pdbx_pd_meas_number_of_points            ? 
_refine.pdbx_pd_proc_ls_prof_R_factor            ? 
_refine.pdbx_pd_proc_ls_prof_wR_factor           ? 
_refine.pdbx_pd_Marquardt_correlation_coeff      ? 
_refine.pdbx_pd_Fsqrd_R_factor                   ? 
_refine.pdbx_pd_ls_matrix_band_width             ? 
_refine.pdbx_overall_phase_error                 ? 
_refine.pdbx_overall_SU_R_free_Cruickshank_DPI   ? 
_refine.pdbx_overall_SU_R_free_Blow_DPI          ? 
_refine.pdbx_overall_SU_R_Blow_DPI               ? 
_refine.pdbx_TLS_residual_ADP_flag               ? 
_refine.pdbx_diffrn_id                           1 
_refine.overall_SU_B                             ? 
_refine.overall_SU_ML                            ? 
_refine.overall_SU_R_Cruickshank_DPI             ? 
_refine.overall_SU_R_free                        ? 
_refine.overall_FOM_free_R_set                   ? 
_refine.overall_FOM_work_R_set                   ? 
_refine.pdbx_average_fsc_overall                 ? 
_refine.pdbx_average_fsc_work                    ? 
_refine.pdbx_average_fsc_free                    ? 
# 
_refine_hist.pdbx_refine_id                   'X-RAY DIFFRACTION' 
_refine_hist.cycle_id                         final 
_refine_hist.details                          ? 
_refine_hist.d_res_high                       1.7600 
_refine_hist.d_res_low                        85.8500 
_refine_hist.number_atoms_solvent             73 
_refine_hist.number_atoms_total               1587 
_refine_hist.number_reflns_all                ? 
_refine_hist.number_reflns_obs                ? 
_refine_hist.number_reflns_R_free             ? 
_refine_hist.number_reflns_R_work             ? 
_refine_hist.R_factor_all                     ? 
_refine_hist.R_factor_obs                     ? 
_refine_hist.R_factor_R_free                  ? 
_refine_hist.R_factor_R_work                  ? 
_refine_hist.pdbx_number_residues_total       193 
_refine_hist.pdbx_B_iso_mean_ligand           38.08 
_refine_hist.pdbx_B_iso_mean_solvent          37.94 
_refine_hist.pdbx_number_atoms_protein        1496 
_refine_hist.pdbx_number_atoms_nucleic_acid   0 
_refine_hist.pdbx_number_atoms_ligand         18 
_refine_hist.pdbx_number_atoms_lipid          ? 
_refine_hist.pdbx_number_atoms_carb           ? 
_refine_hist.pdbx_pseudo_atom_details         ? 
# 
loop_
_refine_ls_restr.pdbx_refine_id 
_refine_ls_restr.criterion 
_refine_ls_restr.dev_ideal 
_refine_ls_restr.dev_ideal_target 
_refine_ls_restr.number 
_refine_ls_restr.rejects 
_refine_ls_restr.type 
_refine_ls_restr.weight 
_refine_ls_restr.pdbx_restraint_function 
'X-RAY DIFFRACTION' ? 0.016  0.013  1546 ? r_bond_refined_d       ? ? 
'X-RAY DIFFRACTION' ? 0.035  0.017  1435 ? r_bond_other_d         ? ? 
'X-RAY DIFFRACTION' ? 1.792  1.643  2107 ? r_angle_refined_deg    ? ? 
'X-RAY DIFFRACTION' ? 2.344  1.568  3300 ? r_angle_other_deg      ? ? 
'X-RAY DIFFRACTION' ? 4.901  5.000  192  ? r_dihedral_angle_1_deg ? ? 
'X-RAY DIFFRACTION' ? 35.266 21.163 86   ? r_dihedral_angle_2_deg ? ? 
'X-RAY DIFFRACTION' ? 12.949 15.000 239  ? r_dihedral_angle_3_deg ? ? 
'X-RAY DIFFRACTION' ? 15.924 15.000 13   ? r_dihedral_angle_4_deg ? ? 
'X-RAY DIFFRACTION' ? 0.109  0.200  209  ? r_chiral_restr         ? ? 
'X-RAY DIFFRACTION' ? 0.017  0.020  1753 ? r_gen_planes_refined   ? ? 
'X-RAY DIFFRACTION' ? 0.034  0.020  346  ? r_gen_planes_other     ? ? 
'X-RAY DIFFRACTION' ? 2.813  3.067  771  ? r_mcbond_it            ? ? 
'X-RAY DIFFRACTION' ? 2.759  3.064  770  ? r_mcbond_other         ? ? 
'X-RAY DIFFRACTION' ? 3.812  4.586  962  ? r_mcangle_it           ? ? 
# 
_refine_ls_shell.pdbx_refine_id                   'X-RAY DIFFRACTION' 
_refine_ls_shell.d_res_high                       1.760 
_refine_ls_shell.d_res_low                        1.8050 
_refine_ls_shell.number_reflns_all                ? 
_refine_ls_shell.number_reflns_obs                ? 
_refine_ls_shell.number_reflns_R_free             83 
_refine_ls_shell.number_reflns_R_work             1773 
_refine_ls_shell.percent_reflns_obs               99.7300 
_refine_ls_shell.percent_reflns_R_free            ? 
_refine_ls_shell.R_factor_all                     ? 
_refine_ls_shell.R_factor_obs                     ? 
_refine_ls_shell.R_factor_R_free                  0.3400 
_refine_ls_shell.R_factor_R_free_error            ? 
_refine_ls_shell.R_factor_R_work                  0.3200 
_refine_ls_shell.redundancy_reflns_all            ? 
_refine_ls_shell.redundancy_reflns_obs            ? 
_refine_ls_shell.wR_factor_all                    ? 
_refine_ls_shell.wR_factor_obs                    ? 
_refine_ls_shell.wR_factor_R_free                 ? 
_refine_ls_shell.wR_factor_R_work                 ? 
_refine_ls_shell.pdbx_R_complete                  ? 
_refine_ls_shell.pdbx_total_number_of_bins_used   ? 
_refine_ls_shell.pdbx_phase_error                 ? 
_refine_ls_shell.pdbx_fsc_work                    ? 
_refine_ls_shell.pdbx_fsc_free                    ? 
# 
_struct.entry_id                     7NGM 
_struct.title                        'Mycobacterium tuberculosis transcriptional regulator EthR with bound inhibitory compound' 
_struct.pdbx_model_details           ? 
_struct.pdbx_formula_weight          ? 
_struct.pdbx_formula_weight_method   ? 
_struct.pdbx_model_type_details      ? 
_struct.pdbx_CASP_flag               N 
# 
_struct_keywords.entry_id        7NGM 
_struct_keywords.text            'ETHR, Tuberculosis, Inhibition, TRANSCRIPTION' 
_struct_keywords.pdbx_keywords   TRANSCRIPTION 
# 
loop_
_struct_asym.id 
_struct_asym.pdbx_blank_PDB_chainid_flag 
_struct_asym.pdbx_modified 
_struct_asym.entity_id 
_struct_asym.details 
A N N 1 ? 
B N N 2 ? 
C N N 3 ? 
# 
_struct_ref.id                         1 
_struct_ref.db_name                    UNP 
_struct_ref.db_code                    ETHR_MYCTU 
_struct_ref.pdbx_db_accession          P9WMC1 
_struct_ref.pdbx_db_isoform            ? 
_struct_ref.entity_id                  1 
_struct_ref.pdbx_seq_one_letter_code   
;MTTSAASQASLPRGRRTARPSGDDRELAILATAENLLEDRPLADISVDDLAKGAGISRPTFYFYFPSKEAVLLTLLDRVV
NQADMALQTLAENPADTDRENMWRTGINVFFETFGSHKAVTRAGQAARATSVEVAELWSTFMQKWIAYTAAVIDAERDRG
AAPRTLPAHELATALNLMNERTLFASFAGEQPSVPEARVLDTLVHIWVTSIYGENR
;
_struct_ref.pdbx_align_begin           1 
# 
_struct_ref_seq.align_id                      1 
_struct_ref_seq.ref_id                        1 
_struct_ref_seq.pdbx_PDB_id_code              7NGM 
_struct_ref_seq.pdbx_strand_id                A 
_struct_ref_seq.seq_align_beg                 1 
_struct_ref_seq.pdbx_seq_align_beg_ins_code   ? 
_struct_ref_seq.seq_align_end                 216 
_struct_ref_seq.pdbx_seq_align_end_ins_code   ? 
_struct_ref_seq.pdbx_db_accession             P9WMC1 
_struct_ref_seq.db_align_beg                  1 
_struct_ref_seq.pdbx_db_align_beg_ins_code    ? 
_struct_ref_seq.db_align_end                  216 
_struct_ref_seq.pdbx_db_align_end_ins_code    ? 
_struct_ref_seq.pdbx_auth_seq_align_beg       1 
_struct_ref_seq.pdbx_auth_seq_align_end       216 
# 
_pdbx_struct_assembly.id                   1 
_pdbx_struct_assembly.details              author_and_software_defined_assembly 
_pdbx_struct_assembly.method_details       PISA 
_pdbx_struct_assembly.oligomeric_details   dimeric 
_pdbx_struct_assembly.oligomeric_count     2 
# 
loop_
_pdbx_struct_assembly_prop.biol_id 
_pdbx_struct_assembly_prop.type 
_pdbx_struct_assembly_prop.value 
_pdbx_struct_assembly_prop.details 
1 'ABSA (A^2)' 2740  ? 
1 MORE         -22   ? 
1 'SSA (A^2)'  17170 ? 
# 
_pdbx_struct_assembly_gen.assembly_id       1 
_pdbx_struct_assembly_gen.oper_expression   1,2 
_pdbx_struct_assembly_gen.asym_id_list      A,B,C 
# 
_pdbx_struct_assembly_auth_evidence.id                     1 
_pdbx_struct_assembly_auth_evidence.assembly_id            1 
_pdbx_struct_assembly_auth_evidence.experimental_support   none 
_pdbx_struct_assembly_auth_evidence.details                ? 
# 
loop_
_pdbx_struct_oper_list.id 
_pdbx_struct_oper_list.type 
_pdbx_struct_oper_list.name 
_pdbx_struct_oper_list.symmetry_operation 
_pdbx_struct_oper_list.matrix[1][1] 
_pdbx_struct_oper_list.matrix[1][2] 
_pdbx_struct_oper_list.matrix[1][3] 
_pdbx_struct_oper_list.vector[1] 
_pdbx_struct_oper_list.matrix[2][1] 
_pdbx_struct_oper_list.matrix[2][2] 
_pdbx_struct_oper_list.matrix[2][3] 
_pdbx_struct_oper_list.vector[2] 
_pdbx_struct_oper_list.matrix[3][1] 
_pdbx_struct_oper_list.matrix[3][2] 
_pdbx_struct_oper_list.matrix[3][3] 
_pdbx_struct_oper_list.vector[3] 
1 'identity operation'         1_555 x,y,z  1.0000000000 0.0000000000 0.0000000000  0.0000000000  0.0000000000 1.0000000000  0.0000000000  0.0000000000  0.0000000000  0.0000000000  1.0000000000  0.0000000000  
2 'crystal symmetry operation' 7_555 y,x,-z 0.9050851347 0.4251691564 -0.0072171527 -4.7606854452 0.4251691564 -0.9051124759 -0.0016106948 21.5427493689 -0.0072171527 -0.0016106948 -0.9999726588 12.4427884267 
# 
loop_
_struct_conf.conf_type_id 
_struct_conf.id 
_struct_conf.pdbx_PDB_helix_id 
_struct_conf.beg_label_comp_id 
_struct_conf.beg_label_asym_id 
_struct_conf.beg_label_seq_id 
_struct_conf.pdbx_beg_PDB_ins_code 
_struct_conf.end_label_comp_id 
_struct_conf.end_label_asym_id 
_struct_conf.end_label_seq_id 
_struct_conf.pdbx_end_PDB_ins_code 
_struct_conf.beg_auth_comp_id 
_struct_conf.beg_auth_asym_id 
_struct_conf.beg_auth_seq_id 
_struct_conf.end_auth_comp_id 
_struct_conf.end_auth_asym_id 
_struct_conf.end_auth_seq_id 
_struct_conf.pdbx_PDB_helix_class 
_struct_conf.details 
_struct_conf.pdbx_PDB_helix_length 
HELX_P HELX_P1  AA1 GLY A 22  ? GLU A 38  ? GLY A 22  GLU A 38  1 ? 17 
HELX_P HELX_P2  AA2 PRO A 41  ? ILE A 45  ? PRO A 41  ILE A 45  5 ? 5  
HELX_P HELX_P3  AA3 SER A 46  ? GLY A 55  ? SER A 46  GLY A 55  1 ? 10 
HELX_P HELX_P4  AA4 SER A 57  ? PHE A 65  ? SER A 57  PHE A 65  1 ? 9  
HELX_P HELX_P5  AA5 SER A 67  ? ASN A 93  ? SER A 67  ASN A 93  1 ? 27 
HELX_P HELX_P6  AA6 ASP A 98  ? SER A 116 ? ASP A 98  SER A 116 1 ? 19 
HELX_P HELX_P7  AA7 HIS A 117 ? ARG A 128 ? HIS A 117 ARG A 128 1 ? 12 
HELX_P HELX_P8  AA8 SER A 131 ? ARG A 159 ? SER A 131 ARG A 159 1 ? 29 
HELX_P HELX_P9  AA9 PRO A 167 ? GLY A 189 ? PRO A 167 GLY A 189 1 ? 23 
HELX_P HELX_P10 AB1 PRO A 195 ? GLY A 213 ? PRO A 195 GLY A 213 1 ? 19 
# 
_struct_conf_type.id          HELX_P 
_struct_conf_type.criteria    ? 
_struct_conf_type.reference   ? 
# 
_struct_mon_prot_cis.pdbx_id                1 
_struct_mon_prot_cis.label_comp_id          GLN 
_struct_mon_prot_cis.label_seq_id           191 
_struct_mon_prot_cis.label_asym_id          A 
_struct_mon_prot_cis.label_alt_id           . 
_struct_mon_prot_cis.pdbx_PDB_ins_code      ? 
_struct_mon_prot_cis.auth_comp_id           GLN 
_struct_mon_prot_cis.auth_seq_id            191 
_struct_mon_prot_cis.auth_asym_id           A 
_struct_mon_prot_cis.pdbx_label_comp_id_2   PRO 
_struct_mon_prot_cis.pdbx_label_seq_id_2    192 
_struct_mon_prot_cis.pdbx_label_asym_id_2   A 
_struct_mon_prot_cis.pdbx_PDB_ins_code_2    ? 
_struct_mon_prot_cis.pdbx_auth_comp_id_2    PRO 
_struct_mon_prot_cis.pdbx_auth_seq_id_2     192 
_struct_mon_prot_cis.pdbx_auth_asym_id_2    A 
_struct_mon_prot_cis.pdbx_PDB_model_num     1 
_struct_mon_prot_cis.pdbx_omega_angle       -5.06 
# 
_struct_site.id                   AC1 
_struct_site.pdbx_evidence_code   Software 
_struct_site.pdbx_auth_asym_id    A 
_struct_site.pdbx_auth_comp_id    UAK 
_struct_site.pdbx_auth_seq_id     401 
_struct_site.pdbx_auth_ins_code   ? 
_struct_site.pdbx_num_residues    13 
_struct_site.details              'binding site for residue UAK A 401' 
# 
loop_
_struct_site_gen.id 
_struct_site_gen.site_id 
_struct_site_gen.pdbx_num_res 
_struct_site_gen.label_comp_id 
_struct_site_gen.label_asym_id 
_struct_site_gen.label_seq_id 
_struct_site_gen.pdbx_auth_ins_code 
_struct_site_gen.auth_comp_id 
_struct_site_gen.auth_asym_id 
_struct_site_gen.auth_seq_id 
_struct_site_gen.label_atom_id 
_struct_site_gen.label_alt_id 
_struct_site_gen.symmetry 
_struct_site_gen.details 
1  AC1 13 ILE A 107 ? ILE A 107 . ? 1_555 ? 
2  AC1 13 PHE A 110 ? PHE A 110 . ? 1_555 ? 
3  AC1 13 PHE A 114 ? PHE A 114 . ? 1_555 ? 
4  AC1 13 TRP A 138 ? TRP A 138 . ? 1_555 ? 
5  AC1 13 MET A 142 ? MET A 142 . ? 1_555 ? 
6  AC1 13 TRP A 145 ? TRP A 145 . ? 1_555 ? 
7  AC1 13 THR A 149 ? THR A 149 . ? 1_555 ? 
8  AC1 13 ASN A 176 ? ASN A 176 . ? 1_555 ? 
9  AC1 13 ASN A 179 ? ASN A 179 . ? 1_555 ? 
10 AC1 13 GLU A 180 ? GLU A 180 . ? 1_555 ? 
11 AC1 13 LEU A 183 ? LEU A 183 . ? 1_555 ? 
12 AC1 13 PHE A 184 ? PHE A 184 . ? 1_555 ? 
13 AC1 13 TRP A 207 ? TRP A 207 . ? 1_555 ? 
# 
_pdbx_validate_symm_contact.id                1 
_pdbx_validate_symm_contact.PDB_model_num     1 
_pdbx_validate_symm_contact.auth_atom_id_1    O 
_pdbx_validate_symm_contact.auth_asym_id_1    A 
_pdbx_validate_symm_contact.auth_comp_id_1    HOH 
_pdbx_validate_symm_contact.auth_seq_id_1     556 
_pdbx_validate_symm_contact.PDB_ins_code_1    ? 
_pdbx_validate_symm_contact.label_alt_id_1    ? 
_pdbx_validate_symm_contact.site_symmetry_1   1_555 
_pdbx_validate_symm_contact.auth_atom_id_2    O 
_pdbx_validate_symm_contact.auth_asym_id_2    A 
_pdbx_validate_symm_contact.auth_comp_id_2    HOH 
_pdbx_validate_symm_contact.auth_seq_id_2     556 
_pdbx_validate_symm_contact.PDB_ins_code_2    ? 
_pdbx_validate_symm_contact.label_alt_id_2    ? 
_pdbx_validate_symm_contact.site_symmetry_2   7_555 
_pdbx_validate_symm_contact.dist              1.59 
# 
_pdbx_validate_torsion.id              1 
_pdbx_validate_torsion.PDB_model_num   1 
_pdbx_validate_torsion.auth_comp_id    THR 
_pdbx_validate_torsion.auth_asym_id    A 
_pdbx_validate_torsion.auth_seq_id     165 
_pdbx_validate_torsion.PDB_ins_code    ? 
_pdbx_validate_torsion.label_alt_id    ? 
_pdbx_validate_torsion.phi             -104.48 
_pdbx_validate_torsion.psi             -107.17 
# 
loop_
_pdbx_validate_planes.id 
_pdbx_validate_planes.PDB_model_num 
_pdbx_validate_planes.auth_comp_id 
_pdbx_validate_planes.auth_asym_id 
_pdbx_validate_planes.auth_seq_id 
_pdbx_validate_planes.PDB_ins_code 
_pdbx_validate_planes.label_alt_id 
_pdbx_validate_planes.rmsd 
_pdbx_validate_planes.type 
1 1 ARG A 78  ? ? 0.088 'SIDE CHAIN' 
2 1 ARG A 122 ? ? 0.080 'SIDE CHAIN' 
# 
_pdbx_struct_special_symmetry.id              1 
_pdbx_struct_special_symmetry.PDB_model_num   1 
_pdbx_struct_special_symmetry.auth_asym_id    A 
_pdbx_struct_special_symmetry.auth_comp_id    HOH 
_pdbx_struct_special_symmetry.auth_seq_id     514 
_pdbx_struct_special_symmetry.PDB_ins_code    ? 
_pdbx_struct_special_symmetry.label_asym_id   C 
_pdbx_struct_special_symmetry.label_comp_id   HOH 
_pdbx_struct_special_symmetry.label_seq_id    . 
# 
_pdbx_entry_details.entry_id                 7NGM 
_pdbx_entry_details.has_ligand_of_interest   Y 
_pdbx_entry_details.compound_details         ? 
_pdbx_entry_details.source_details           ? 
_pdbx_entry_details.nonpolymer_details       ? 
_pdbx_entry_details.sequence_details         ? 
# 
loop_
_pdbx_unobs_or_zero_occ_residues.id 
_pdbx_unobs_or_zero_occ_residues.PDB_model_num 
_pdbx_unobs_or_zero_occ_residues.polymer_flag 
_pdbx_unobs_or_zero_occ_residues.occupancy_flag 
_pdbx_unobs_or_zero_occ_residues.auth_asym_id 
_pdbx_unobs_or_zero_occ_residues.auth_comp_id 
_pdbx_unobs_or_zero_occ_residues.auth_seq_id 
_pdbx_unobs_or_zero_occ_residues.PDB_ins_code 
_pdbx_unobs_or_zero_occ_residues.label_asym_id 
_pdbx_unobs_or_zero_occ_residues.label_comp_id 
_pdbx_unobs_or_zero_occ_residues.label_seq_id 
1  1 Y 1 A MET 1   ? A MET 1   
2  1 Y 1 A THR 2   ? A THR 2   
3  1 Y 1 A THR 3   ? A THR 3   
4  1 Y 1 A SER 4   ? A SER 4   
5  1 Y 1 A ALA 5   ? A ALA 5   
6  1 Y 1 A ALA 6   ? A ALA 6   
7  1 Y 1 A SER 7   ? A SER 7   
8  1 Y 1 A GLN 8   ? A GLN 8   
9  1 Y 1 A ALA 9   ? A ALA 9   
10 1 Y 1 A SER 10  ? A SER 10  
11 1 Y 1 A LEU 11  ? A LEU 11  
12 1 Y 1 A PRO 12  ? A PRO 12  
13 1 Y 1 A ARG 13  ? A ARG 13  
14 1 Y 1 A GLY 14  ? A GLY 14  
15 1 Y 1 A ARG 15  ? A ARG 15  
16 1 Y 1 A ARG 16  ? A ARG 16  
17 1 Y 1 A THR 17  ? A THR 17  
18 1 Y 1 A ALA 18  ? A ALA 18  
19 1 Y 1 A ARG 19  ? A ARG 19  
20 1 Y 1 A PRO 20  ? A PRO 20  
21 1 Y 1 A SER 21  ? A SER 21  
22 1 Y 1 A ASN 215 ? A ASN 215 
23 1 Y 1 A ARG 216 ? A ARG 216 
# 
loop_
_chem_comp_atom.comp_id 
_chem_comp_atom.atom_id 
_chem_comp_atom.type_symbol 
_chem_comp_atom.pdbx_aromatic_flag 
_chem_comp_atom.pdbx_stereo_config 
_chem_comp_atom.pdbx_ordinal 
ALA N    N N N 1   
ALA CA   C N S 2   
ALA C    C N N 3   
ALA O    O N N 4   
ALA CB   C N N 5   
ALA OXT  O N N 6   
ALA H    H N N 7   
ALA H2   H N N 8   
ALA HA   H N N 9   
ALA HB1  H N N 10  
ALA HB2  H N N 11  
ALA HB3  H N N 12  
ALA HXT  H N N 13  
ARG N    N N N 14  
ARG CA   C N S 15  
ARG C    C N N 16  
ARG O    O N N 17  
ARG CB   C N N 18  
ARG CG   C N N 19  
ARG CD   C N N 20  
ARG NE   N N N 21  
ARG CZ   C N N 22  
ARG NH1  N N N 23  
ARG NH2  N N N 24  
ARG OXT  O N N 25  
ARG H    H N N 26  
ARG H2   H N N 27  
ARG HA   H N N 28  
ARG HB2  H N N 29  
ARG HB3  H N N 30  
ARG HG2  H N N 31  
ARG HG3  H N N 32  
ARG HD2  H N N 33  
ARG HD3  H N N 34  
ARG HE   H N N 35  
ARG HH11 H N N 36  
ARG HH12 H N N 37  
ARG HH21 H N N 38  
ARG HH22 H N N 39  
ARG HXT  H N N 40  
ASN N    N N N 41  
ASN CA   C N S 42  
ASN C    C N N 43  
ASN O    O N N 44  
ASN CB   C N N 45  
ASN CG   C N N 46  
ASN OD1  O N N 47  
ASN ND2  N N N 48  
ASN OXT  O N N 49  
ASN H    H N N 50  
ASN H2   H N N 51  
ASN HA   H N N 52  
ASN HB2  H N N 53  
ASN HB3  H N N 54  
ASN HD21 H N N 55  
ASN HD22 H N N 56  
ASN HXT  H N N 57  
ASP N    N N N 58  
ASP CA   C N S 59  
ASP C    C N N 60  
ASP O    O N N 61  
ASP CB   C N N 62  
ASP CG   C N N 63  
ASP OD1  O N N 64  
ASP OD2  O N N 65  
ASP OXT  O N N 66  
ASP H    H N N 67  
ASP H2   H N N 68  
ASP HA   H N N 69  
ASP HB2  H N N 70  
ASP HB3  H N N 71  
ASP HD2  H N N 72  
ASP HXT  H N N 73  
GLN N    N N N 74  
GLN CA   C N S 75  
GLN C    C N N 76  
GLN O    O N N 77  
GLN CB   C N N 78  
GLN CG   C N N 79  
GLN CD   C N N 80  
GLN OE1  O N N 81  
GLN NE2  N N N 82  
GLN OXT  O N N 83  
GLN H    H N N 84  
GLN H2   H N N 85  
GLN HA   H N N 86  
GLN HB2  H N N 87  
GLN HB3  H N N 88  
GLN HG2  H N N 89  
GLN HG3  H N N 90  
GLN HE21 H N N 91  
GLN HE22 H N N 92  
GLN HXT  H N N 93  
GLU N    N N N 94  
GLU CA   C N S 95  
GLU C    C N N 96  
GLU O    O N N 97  
GLU CB   C N N 98  
GLU CG   C N N 99  
GLU CD   C N N 100 
GLU OE1  O N N 101 
GLU OE2  O N N 102 
GLU OXT  O N N 103 
GLU H    H N N 104 
GLU H2   H N N 105 
GLU HA   H N N 106 
GLU HB2  H N N 107 
GLU HB3  H N N 108 
GLU HG2  H N N 109 
GLU HG3  H N N 110 
GLU HE2  H N N 111 
GLU HXT  H N N 112 
GLY N    N N N 113 
GLY CA   C N N 114 
GLY C    C N N 115 
GLY O    O N N 116 
GLY OXT  O N N 117 
GLY H    H N N 118 
GLY H2   H N N 119 
GLY HA2  H N N 120 
GLY HA3  H N N 121 
GLY HXT  H N N 122 
HIS N    N N N 123 
HIS CA   C N S 124 
HIS C    C N N 125 
HIS O    O N N 126 
HIS CB   C N N 127 
HIS CG   C Y N 128 
HIS ND1  N Y N 129 
HIS CD2  C Y N 130 
HIS CE1  C Y N 131 
HIS NE2  N Y N 132 
HIS OXT  O N N 133 
HIS H    H N N 134 
HIS H2   H N N 135 
HIS HA   H N N 136 
HIS HB2  H N N 137 
HIS HB3  H N N 138 
HIS HD1  H N N 139 
HIS HD2  H N N 140 
HIS HE1  H N N 141 
HIS HE2  H N N 142 
HIS HXT  H N N 143 
HOH O    O N N 144 
HOH H1   H N N 145 
HOH H2   H N N 146 
ILE N    N N N 147 
ILE CA   C N S 148 
ILE C    C N N 149 
ILE O    O N N 150 
ILE CB   C N S 151 
ILE CG1  C N N 152 
ILE CG2  C N N 153 
ILE CD1  C N N 154 
ILE OXT  O N N 155 
ILE H    H N N 156 
ILE H2   H N N 157 
ILE HA   H N N 158 
ILE HB   H N N 159 
ILE HG12 H N N 160 
ILE HG13 H N N 161 
ILE HG21 H N N 162 
ILE HG22 H N N 163 
ILE HG23 H N N 164 
ILE HD11 H N N 165 
ILE HD12 H N N 166 
ILE HD13 H N N 167 
ILE HXT  H N N 168 
LEU N    N N N 169 
LEU CA   C N S 170 
LEU C    C N N 171 
LEU O    O N N 172 
LEU CB   C N N 173 
LEU CG   C N N 174 
LEU CD1  C N N 175 
LEU CD2  C N N 176 
LEU OXT  O N N 177 
LEU H    H N N 178 
LEU H2   H N N 179 
LEU HA   H N N 180 
LEU HB2  H N N 181 
LEU HB3  H N N 182 
LEU HG   H N N 183 
LEU HD11 H N N 184 
LEU HD12 H N N 185 
LEU HD13 H N N 186 
LEU HD21 H N N 187 
LEU HD22 H N N 188 
LEU HD23 H N N 189 
LEU HXT  H N N 190 
LYS N    N N N 191 
LYS CA   C N S 192 
LYS C    C N N 193 
LYS O    O N N 194 
LYS CB   C N N 195 
LYS CG   C N N 196 
LYS CD   C N N 197 
LYS CE   C N N 198 
LYS NZ   N N N 199 
LYS OXT  O N N 200 
LYS H    H N N 201 
LYS H2   H N N 202 
LYS HA   H N N 203 
LYS HB2  H N N 204 
LYS HB3  H N N 205 
LYS HG2  H N N 206 
LYS HG3  H N N 207 
LYS HD2  H N N 208 
LYS HD3  H N N 209 
LYS HE2  H N N 210 
LYS HE3  H N N 211 
LYS HZ1  H N N 212 
LYS HZ2  H N N 213 
LYS HZ3  H N N 214 
LYS HXT  H N N 215 
MET N    N N N 216 
MET CA   C N S 217 
MET C    C N N 218 
MET O    O N N 219 
MET CB   C N N 220 
MET CG   C N N 221 
MET SD   S N N 222 
MET CE   C N N 223 
MET OXT  O N N 224 
MET H    H N N 225 
MET H2   H N N 226 
MET HA   H N N 227 
MET HB2  H N N 228 
MET HB3  H N N 229 
MET HG2  H N N 230 
MET HG3  H N N 231 
MET HE1  H N N 232 
MET HE2  H N N 233 
MET HE3  H N N 234 
MET HXT  H N N 235 
PHE N    N N N 236 
PHE CA   C N S 237 
PHE C    C N N 238 
PHE O    O N N 239 
PHE CB   C N N 240 
PHE CG   C Y N 241 
PHE CD1  C Y N 242 
PHE CD2  C Y N 243 
PHE CE1  C Y N 244 
PHE CE2  C Y N 245 
PHE CZ   C Y N 246 
PHE OXT  O N N 247 
PHE H    H N N 248 
PHE H2   H N N 249 
PHE HA   H N N 250 
PHE HB2  H N N 251 
PHE HB3  H N N 252 
PHE HD1  H N N 253 
PHE HD2  H N N 254 
PHE HE1  H N N 255 
PHE HE2  H N N 256 
PHE HZ   H N N 257 
PHE HXT  H N N 258 
PRO N    N N N 259 
PRO CA   C N S 260 
PRO C    C N N 261 
PRO O    O N N 262 
PRO CB   C N N 263 
PRO CG   C N N 264 
PRO CD   C N N 265 
PRO OXT  O N N 266 
PRO H    H N N 267 
PRO HA   H N N 268 
PRO HB2  H N N 269 
PRO HB3  H N N 270 
PRO HG2  H N N 271 
PRO HG3  H N N 272 
PRO HD2  H N N 273 
PRO HD3  H N N 274 
PRO HXT  H N N 275 
SER N    N N N 276 
SER CA   C N S 277 
SER C    C N N 278 
SER O    O N N 279 
SER CB   C N N 280 
SER OG   O N N 281 
SER OXT  O N N 282 
SER H    H N N 283 
SER H2   H N N 284 
SER HA   H N N 285 
SER HB2  H N N 286 
SER HB3  H N N 287 
SER HG   H N N 288 
SER HXT  H N N 289 
THR N    N N N 290 
THR CA   C N S 291 
THR C    C N N 292 
THR O    O N N 293 
THR CB   C N R 294 
THR OG1  O N N 295 
THR CG2  C N N 296 
THR OXT  O N N 297 
THR H    H N N 298 
THR H2   H N N 299 
THR HA   H N N 300 
THR HB   H N N 301 
THR HG1  H N N 302 
THR HG21 H N N 303 
THR HG22 H N N 304 
THR HG23 H N N 305 
THR HXT  H N N 306 
TRP N    N N N 307 
TRP CA   C N S 308 
TRP C    C N N 309 
TRP O    O N N 310 
TRP CB   C N N 311 
TRP CG   C Y N 312 
TRP CD1  C Y N 313 
TRP CD2  C Y N 314 
TRP NE1  N Y N 315 
TRP CE2  C Y N 316 
TRP CE3  C Y N 317 
TRP CZ2  C Y N 318 
TRP CZ3  C Y N 319 
TRP CH2  C Y N 320 
TRP OXT  O N N 321 
TRP H    H N N 322 
TRP H2   H N N 323 
TRP HA   H N N 324 
TRP HB2  H N N 325 
TRP HB3  H N N 326 
TRP HD1  H N N 327 
TRP HE1  H N N 328 
TRP HE3  H N N 329 
TRP HZ2  H N N 330 
TRP HZ3  H N N 331 
TRP HH2  H N N 332 
TRP HXT  H N N 333 
TYR N    N N N 334 
TYR CA   C N S 335 
TYR C    C N N 336 
TYR O    O N N 337 
TYR CB   C N N 338 
TYR CG   C Y N 339 
TYR CD1  C Y N 340 
TYR CD2  C Y N 341 
TYR CE1  C Y N 342 
TYR CE2  C Y N 343 
TYR CZ   C Y N 344 
TYR OH   O N N 345 
TYR OXT  O N N 346 
TYR H    H N N 347 
TYR H2   H N N 348 
TYR HA   H N N 349 
TYR HB2  H N N 350 
TYR HB3  H N N 351 
TYR HD1  H N N 352 
TYR HD2  H N N 353 
TYR HE1  H N N 354 
TYR HE2  H N N 355 
TYR HH   H N N 356 
TYR HXT  H N N 357 
UAK C4   C N N 358 
UAK C14  C N N 359 
UAK C5   C N N 360 
UAK C6   C N R 361 
UAK C11  C Y N 362 
UAK C7   C N N 363 
UAK C8   C Y N 364 
UAK C9   C Y N 365 
UAK C10  C Y N 366 
UAK C12  C Y N 367 
UAK C13  C Y N 368 
UAK N1   N N N 369 
UAK N2   N N N 370 
UAK C3   C N N 371 
UAK C1   C N N 372 
UAK C2   C N N 373 
UAK O1   O N N 374 
UAK C15  C N N 375 
UAK H1   H N N 376 
UAK H2   H N N 377 
UAK H3   H N N 378 
UAK H4   H N N 379 
UAK H5   H N N 380 
UAK H6   H N N 381 
UAK H7   H N N 382 
UAK H8   H N N 383 
UAK H9   H N N 384 
UAK H10  H N N 385 
UAK H11  H N N 386 
UAK H12  H N N 387 
UAK H13  H N N 388 
UAK H14  H N N 389 
UAK H15  H N N 390 
UAK H16  H N N 391 
UAK H17  H N N 392 
UAK H18  H N N 393 
UAK H19  H N N 394 
UAK H20  H N N 395 
UAK H21  H N N 396 
UAK H22  H N N 397 
VAL N    N N N 398 
VAL CA   C N S 399 
VAL C    C N N 400 
VAL O    O N N 401 
VAL CB   C N N 402 
VAL CG1  C N N 403 
VAL CG2  C N N 404 
VAL OXT  O N N 405 
VAL H    H N N 406 
VAL H2   H N N 407 
VAL HA   H N N 408 
VAL HB   H N N 409 
VAL HG11 H N N 410 
VAL HG12 H N N 411 
VAL HG13 H N N 412 
VAL HG21 H N N 413 
VAL HG22 H N N 414 
VAL HG23 H N N 415 
VAL HXT  H N N 416 
# 
loop_
_chem_comp_bond.comp_id 
_chem_comp_bond.atom_id_1 
_chem_comp_bond.atom_id_2 
_chem_comp_bond.value_order 
_chem_comp_bond.pdbx_aromatic_flag 
_chem_comp_bond.pdbx_stereo_config 
_chem_comp_bond.pdbx_ordinal 
ALA N   CA   sing N N 1   
ALA N   H    sing N N 2   
ALA N   H2   sing N N 3   
ALA CA  C    sing N N 4   
ALA CA  CB   sing N N 5   
ALA CA  HA   sing N N 6   
ALA C   O    doub N N 7   
ALA C   OXT  sing N N 8   
ALA CB  HB1  sing N N 9   
ALA CB  HB2  sing N N 10  
ALA CB  HB3  sing N N 11  
ALA OXT HXT  sing N N 12  
ARG N   CA   sing N N 13  
ARG N   H    sing N N 14  
ARG N   H2   sing N N 15  
ARG CA  C    sing N N 16  
ARG CA  CB   sing N N 17  
ARG CA  HA   sing N N 18  
ARG C   O    doub N N 19  
ARG C   OXT  sing N N 20  
ARG CB  CG   sing N N 21  
ARG CB  HB2  sing N N 22  
ARG CB  HB3  sing N N 23  
ARG CG  CD   sing N N 24  
ARG CG  HG2  sing N N 25  
ARG CG  HG3  sing N N 26  
ARG CD  NE   sing N N 27  
ARG CD  HD2  sing N N 28  
ARG CD  HD3  sing N N 29  
ARG NE  CZ   sing N N 30  
ARG NE  HE   sing N N 31  
ARG CZ  NH1  sing N N 32  
ARG CZ  NH2  doub N N 33  
ARG NH1 HH11 sing N N 34  
ARG NH1 HH12 sing N N 35  
ARG NH2 HH21 sing N N 36  
ARG NH2 HH22 sing N N 37  
ARG OXT HXT  sing N N 38  
ASN N   CA   sing N N 39  
ASN N   H    sing N N 40  
ASN N   H2   sing N N 41  
ASN CA  C    sing N N 42  
ASN CA  CB   sing N N 43  
ASN CA  HA   sing N N 44  
ASN C   O    doub N N 45  
ASN C   OXT  sing N N 46  
ASN CB  CG   sing N N 47  
ASN CB  HB2  sing N N 48  
ASN CB  HB3  sing N N 49  
ASN CG  OD1  doub N N 50  
ASN CG  ND2  sing N N 51  
ASN ND2 HD21 sing N N 52  
ASN ND2 HD22 sing N N 53  
ASN OXT HXT  sing N N 54  
ASP N   CA   sing N N 55  
ASP N   H    sing N N 56  
ASP N   H2   sing N N 57  
ASP CA  C    sing N N 58  
ASP CA  CB   sing N N 59  
ASP CA  HA   sing N N 60  
ASP C   O    doub N N 61  
ASP C   OXT  sing N N 62  
ASP CB  CG   sing N N 63  
ASP CB  HB2  sing N N 64  
ASP CB  HB3  sing N N 65  
ASP CG  OD1  doub N N 66  
ASP CG  OD2  sing N N 67  
ASP OD2 HD2  sing N N 68  
ASP OXT HXT  sing N N 69  
GLN N   CA   sing N N 70  
GLN N   H    sing N N 71  
GLN N   H2   sing N N 72  
GLN CA  C    sing N N 73  
GLN CA  CB   sing N N 74  
GLN CA  HA   sing N N 75  
GLN C   O    doub N N 76  
GLN C   OXT  sing N N 77  
GLN CB  CG   sing N N 78  
GLN CB  HB2  sing N N 79  
GLN CB  HB3  sing N N 80  
GLN CG  CD   sing N N 81  
GLN CG  HG2  sing N N 82  
GLN CG  HG3  sing N N 83  
GLN CD  OE1  doub N N 84  
GLN CD  NE2  sing N N 85  
GLN NE2 HE21 sing N N 86  
GLN NE2 HE22 sing N N 87  
GLN OXT HXT  sing N N 88  
GLU N   CA   sing N N 89  
GLU N   H    sing N N 90  
GLU N   H2   sing N N 91  
GLU CA  C    sing N N 92  
GLU CA  CB   sing N N 93  
GLU CA  HA   sing N N 94  
GLU C   O    doub N N 95  
GLU C   OXT  sing N N 96  
GLU CB  CG   sing N N 97  
GLU CB  HB2  sing N N 98  
GLU CB  HB3  sing N N 99  
GLU CG  CD   sing N N 100 
GLU CG  HG2  sing N N 101 
GLU CG  HG3  sing N N 102 
GLU CD  OE1  doub N N 103 
GLU CD  OE2  sing N N 104 
GLU OE2 HE2  sing N N 105 
GLU OXT HXT  sing N N 106 
GLY N   CA   sing N N 107 
GLY N   H    sing N N 108 
GLY N   H2   sing N N 109 
GLY CA  C    sing N N 110 
GLY CA  HA2  sing N N 111 
GLY CA  HA3  sing N N 112 
GLY C   O    doub N N 113 
GLY C   OXT  sing N N 114 
GLY OXT HXT  sing N N 115 
HIS N   CA   sing N N 116 
HIS N   H    sing N N 117 
HIS N   H2   sing N N 118 
HIS CA  C    sing N N 119 
HIS CA  CB   sing N N 120 
HIS CA  HA   sing N N 121 
HIS C   O    doub N N 122 
HIS C   OXT  sing N N 123 
HIS CB  CG   sing N N 124 
HIS CB  HB2  sing N N 125 
HIS CB  HB3  sing N N 126 
HIS CG  ND1  sing Y N 127 
HIS CG  CD2  doub Y N 128 
HIS ND1 CE1  doub Y N 129 
HIS ND1 HD1  sing N N 130 
HIS CD2 NE2  sing Y N 131 
HIS CD2 HD2  sing N N 132 
HIS CE1 NE2  sing Y N 133 
HIS CE1 HE1  sing N N 134 
HIS NE2 HE2  sing N N 135 
HIS OXT HXT  sing N N 136 
HOH O   H1   sing N N 137 
HOH O   H2   sing N N 138 
ILE N   CA   sing N N 139 
ILE N   H    sing N N 140 
ILE N   H2   sing N N 141 
ILE CA  C    sing N N 142 
ILE CA  CB   sing N N 143 
ILE CA  HA   sing N N 144 
ILE C   O    doub N N 145 
ILE C   OXT  sing N N 146 
ILE CB  CG1  sing N N 147 
ILE CB  CG2  sing N N 148 
ILE CB  HB   sing N N 149 
ILE CG1 CD1  sing N N 150 
ILE CG1 HG12 sing N N 151 
ILE CG1 HG13 sing N N 152 
ILE CG2 HG21 sing N N 153 
ILE CG2 HG22 sing N N 154 
ILE CG2 HG23 sing N N 155 
ILE CD1 HD11 sing N N 156 
ILE CD1 HD12 sing N N 157 
ILE CD1 HD13 sing N N 158 
ILE OXT HXT  sing N N 159 
LEU N   CA   sing N N 160 
LEU N   H    sing N N 161 
LEU N   H2   sing N N 162 
LEU CA  C    sing N N 163 
LEU CA  CB   sing N N 164 
LEU CA  HA   sing N N 165 
LEU C   O    doub N N 166 
LEU C   OXT  sing N N 167 
LEU CB  CG   sing N N 168 
LEU CB  HB2  sing N N 169 
LEU CB  HB3  sing N N 170 
LEU CG  CD1  sing N N 171 
LEU CG  CD2  sing N N 172 
LEU CG  HG   sing N N 173 
LEU CD1 HD11 sing N N 174 
LEU CD1 HD12 sing N N 175 
LEU CD1 HD13 sing N N 176 
LEU CD2 HD21 sing N N 177 
LEU CD2 HD22 sing N N 178 
LEU CD2 HD23 sing N N 179 
LEU OXT HXT  sing N N 180 
LYS N   CA   sing N N 181 
LYS N   H    sing N N 182 
LYS N   H2   sing N N 183 
LYS CA  C    sing N N 184 
LYS CA  CB   sing N N 185 
LYS CA  HA   sing N N 186 
LYS C   O    doub N N 187 
LYS C   OXT  sing N N 188 
LYS CB  CG   sing N N 189 
LYS CB  HB2  sing N N 190 
LYS CB  HB3  sing N N 191 
LYS CG  CD   sing N N 192 
LYS CG  HG2  sing N N 193 
LYS CG  HG3  sing N N 194 
LYS CD  CE   sing N N 195 
LYS CD  HD2  sing N N 196 
LYS CD  HD3  sing N N 197 
LYS CE  NZ   sing N N 198 
LYS CE  HE2  sing N N 199 
LYS CE  HE3  sing N N 200 
LYS NZ  HZ1  sing N N 201 
LYS NZ  HZ2  sing N N 202 
LYS NZ  HZ3  sing N N 203 
LYS OXT HXT  sing N N 204 
MET N   CA   sing N N 205 
MET N   H    sing N N 206 
MET N   H2   sing N N 207 
MET CA  C    sing N N 208 
MET CA  CB   sing N N 209 
MET CA  HA   sing N N 210 
MET C   O    doub N N 211 
MET C   OXT  sing N N 212 
MET CB  CG   sing N N 213 
MET CB  HB2  sing N N 214 
MET CB  HB3  sing N N 215 
MET CG  SD   sing N N 216 
MET CG  HG2  sing N N 217 
MET CG  HG3  sing N N 218 
MET SD  CE   sing N N 219 
MET CE  HE1  sing N N 220 
MET CE  HE2  sing N N 221 
MET CE  HE3  sing N N 222 
MET OXT HXT  sing N N 223 
PHE N   CA   sing N N 224 
PHE N   H    sing N N 225 
PHE N   H2   sing N N 226 
PHE CA  C    sing N N 227 
PHE CA  CB   sing N N 228 
PHE CA  HA   sing N N 229 
PHE C   O    doub N N 230 
PHE C   OXT  sing N N 231 
PHE CB  CG   sing N N 232 
PHE CB  HB2  sing N N 233 
PHE CB  HB3  sing N N 234 
PHE CG  CD1  doub Y N 235 
PHE CG  CD2  sing Y N 236 
PHE CD1 CE1  sing Y N 237 
PHE CD1 HD1  sing N N 238 
PHE CD2 CE2  doub Y N 239 
PHE CD2 HD2  sing N N 240 
PHE CE1 CZ   doub Y N 241 
PHE CE1 HE1  sing N N 242 
PHE CE2 CZ   sing Y N 243 
PHE CE2 HE2  sing N N 244 
PHE CZ  HZ   sing N N 245 
PHE OXT HXT  sing N N 246 
PRO N   CA   sing N N 247 
PRO N   CD   sing N N 248 
PRO N   H    sing N N 249 
PRO CA  C    sing N N 250 
PRO CA  CB   sing N N 251 
PRO CA  HA   sing N N 252 
PRO C   O    doub N N 253 
PRO C   OXT  sing N N 254 
PRO CB  CG   sing N N 255 
PRO CB  HB2  sing N N 256 
PRO CB  HB3  sing N N 257 
PRO CG  CD   sing N N 258 
PRO CG  HG2  sing N N 259 
PRO CG  HG3  sing N N 260 
PRO CD  HD2  sing N N 261 
PRO CD  HD3  sing N N 262 
PRO OXT HXT  sing N N 263 
SER N   CA   sing N N 264 
SER N   H    sing N N 265 
SER N   H2   sing N N 266 
SER CA  C    sing N N 267 
SER CA  CB   sing N N 268 
SER CA  HA   sing N N 269 
SER C   O    doub N N 270 
SER C   OXT  sing N N 271 
SER CB  OG   sing N N 272 
SER CB  HB2  sing N N 273 
SER CB  HB3  sing N N 274 
SER OG  HG   sing N N 275 
SER OXT HXT  sing N N 276 
THR N   CA   sing N N 277 
THR N   H    sing N N 278 
THR N   H2   sing N N 279 
THR CA  C    sing N N 280 
THR CA  CB   sing N N 281 
THR CA  HA   sing N N 282 
THR C   O    doub N N 283 
THR C   OXT  sing N N 284 
THR CB  OG1  sing N N 285 
THR CB  CG2  sing N N 286 
THR CB  HB   sing N N 287 
THR OG1 HG1  sing N N 288 
THR CG2 HG21 sing N N 289 
THR CG2 HG22 sing N N 290 
THR CG2 HG23 sing N N 291 
THR OXT HXT  sing N N 292 
TRP N   CA   sing N N 293 
TRP N   H    sing N N 294 
TRP N   H2   sing N N 295 
TRP CA  C    sing N N 296 
TRP CA  CB   sing N N 297 
TRP CA  HA   sing N N 298 
TRP C   O    doub N N 299 
TRP C   OXT  sing N N 300 
TRP CB  CG   sing N N 301 
TRP CB  HB2  sing N N 302 
TRP CB  HB3  sing N N 303 
TRP CG  CD1  doub Y N 304 
TRP CG  CD2  sing Y N 305 
TRP CD1 NE1  sing Y N 306 
TRP CD1 HD1  sing N N 307 
TRP CD2 CE2  doub Y N 308 
TRP CD2 CE3  sing Y N 309 
TRP NE1 CE2  sing Y N 310 
TRP NE1 HE1  sing N N 311 
TRP CE2 CZ2  sing Y N 312 
TRP CE3 CZ3  doub Y N 313 
TRP CE3 HE3  sing N N 314 
TRP CZ2 CH2  doub Y N 315 
TRP CZ2 HZ2  sing N N 316 
TRP CZ3 CH2  sing Y N 317 
TRP CZ3 HZ3  sing N N 318 
TRP CH2 HH2  sing N N 319 
TRP OXT HXT  sing N N 320 
TYR N   CA   sing N N 321 
TYR N   H    sing N N 322 
TYR N   H2   sing N N 323 
TYR CA  C    sing N N 324 
TYR CA  CB   sing N N 325 
TYR CA  HA   sing N N 326 
TYR C   O    doub N N 327 
TYR C   OXT  sing N N 328 
TYR CB  CG   sing N N 329 
TYR CB  HB2  sing N N 330 
TYR CB  HB3  sing N N 331 
TYR CG  CD1  doub Y N 332 
TYR CG  CD2  sing Y N 333 
TYR CD1 CE1  sing Y N 334 
TYR CD1 HD1  sing N N 335 
TYR CD2 CE2  doub Y N 336 
TYR CD2 HD2  sing N N 337 
TYR CE1 CZ   doub Y N 338 
TYR CE1 HE1  sing N N 339 
TYR CE2 CZ   sing Y N 340 
TYR CE2 HE2  sing N N 341 
TYR CZ  OH   sing N N 342 
TYR OH  HH   sing N N 343 
TYR OXT HXT  sing N N 344 
UAK C10 C11  doub Y N 345 
UAK C10 C9   sing Y N 346 
UAK C11 C12  sing Y N 347 
UAK C9  C8   doub Y N 348 
UAK O1  C5   doub N N 349 
UAK C12 C13  doub Y N 350 
UAK C8  C13  sing Y N 351 
UAK C8  C6   sing N N 352 
UAK C4  C3   sing N N 353 
UAK C4  N1   sing N N 354 
UAK C5  N1   sing N N 355 
UAK C5  N2   sing N N 356 
UAK C6  N2   sing N N 357 
UAK C6  C7   sing N N 358 
UAK C3  C2   sing N N 359 
UAK N1  C14  sing N N 360 
UAK C2  C1   sing N N 361 
UAK C2  C15  sing N N 362 
UAK C14 C15  sing N N 363 
UAK C4  H1   sing N N 364 
UAK C4  H2   sing N N 365 
UAK C14 H3   sing N N 366 
UAK C14 H4   sing N N 367 
UAK C6  H5   sing N N 368 
UAK C11 H6   sing N N 369 
UAK C7  H7   sing N N 370 
UAK C7  H8   sing N N 371 
UAK C7  H9   sing N N 372 
UAK C9  H10  sing N N 373 
UAK C10 H11  sing N N 374 
UAK C12 H12  sing N N 375 
UAK C13 H13  sing N N 376 
UAK N2  H14  sing N N 377 
UAK C3  H15  sing N N 378 
UAK C3  H16  sing N N 379 
UAK C1  H17  sing N N 380 
UAK C1  H18  sing N N 381 
UAK C1  H19  sing N N 382 
UAK C2  H20  sing N N 383 
UAK C15 H21  sing N N 384 
UAK C15 H22  sing N N 385 
VAL N   CA   sing N N 386 
VAL N   H    sing N N 387 
VAL N   H2   sing N N 388 
VAL CA  C    sing N N 389 
VAL CA  CB   sing N N 390 
VAL CA  HA   sing N N 391 
VAL C   O    doub N N 392 
VAL C   OXT  sing N N 393 
VAL CB  CG1  sing N N 394 
VAL CB  CG2  sing N N 395 
VAL CB  HB   sing N N 396 
VAL CG1 HG11 sing N N 397 
VAL CG1 HG12 sing N N 398 
VAL CG1 HG13 sing N N 399 
VAL CG2 HG21 sing N N 400 
VAL CG2 HG22 sing N N 401 
VAL CG2 HG23 sing N N 402 
VAL OXT HXT  sing N N 403 
# 
_pdbx_entity_instance_feature.ordinal        1 
_pdbx_entity_instance_feature.comp_id        UAK 
_pdbx_entity_instance_feature.asym_id        ? 
_pdbx_entity_instance_feature.seq_num        ? 
_pdbx_entity_instance_feature.auth_comp_id   UAK 
_pdbx_entity_instance_feature.auth_asym_id   ? 
_pdbx_entity_instance_feature.auth_seq_num   ? 
_pdbx_entity_instance_feature.feature_type   'SUBJECT OF INVESTIGATION' 
_pdbx_entity_instance_feature.details        ? 
# 
_pdbx_initial_refinement_model.id               1 
_pdbx_initial_refinement_model.entity_id_list   ? 
_pdbx_initial_refinement_model.type             'experimental model' 
_pdbx_initial_refinement_model.source_name      PDB 
_pdbx_initial_refinement_model.accession_code   5NIO 
_pdbx_initial_refinement_model.details          ? 
# 
_atom_sites.entry_id                    7NGM 
_atom_sites.Cartn_transf_matrix[1][1]   ? 
_atom_sites.Cartn_transf_matrix[1][2]   ? 
_atom_sites.Cartn_transf_matrix[1][3]   ? 
_atom_sites.Cartn_transf_matrix[2][1]   ? 
_atom_sites.Cartn_transf_matrix[2][2]   ? 
_atom_sites.Cartn_transf_matrix[2][3]   ? 
_atom_sites.Cartn_transf_matrix[3][1]   ? 
_atom_sites.Cartn_transf_matrix[3][2]   ? 
_atom_sites.Cartn_transf_matrix[3][3]   ? 
_atom_sites.Cartn_transf_vector[1]      ? 
_atom_sites.Cartn_transf_vector[2]      ? 
_atom_sites.Cartn_transf_vector[3]      ? 
_atom_sites.fract_transf_matrix[1][1]   -0.00457640 
_atom_sites.fract_transf_matrix[1][2]   -0.00627757 
_atom_sites.fract_transf_matrix[1][3]   -0.00273502 
_atom_sites.fract_transf_matrix[2][1]   -0.00679132 
_atom_sites.fract_transf_matrix[2][2]   0.00374057 
_atom_sites.fract_transf_matrix[2][3]   0.00277809 
_atom_sites.fract_transf_matrix[3][1]   -0.00315288 
_atom_sites.fract_transf_matrix[3][2]   0.01368374 
_atom_sites.fract_transf_matrix[3][3]   -0.02613209 
_atom_sites.fract_transf_vector[1]      -0.140828 
_atom_sites.fract_transf_vector[2]      -0.288309 
_atom_sites.fract_transf_vector[3]      0.007680 
_atom_sites.solution_primary            ? 
_atom_sites.solution_secondary          ? 
_atom_sites.solution_hydrogens          ? 
_atom_sites.special_details             ? 
# 
loop_
_atom_type.symbol 
C 
N 
O 
S 
# 
loop_
_atom_site.group_PDB 
_atom_site.id 
_atom_site.type_symbol 
_atom_site.label_atom_id 
_atom_site.label_alt_id 
_atom_site.label_comp_id 
_atom_site.label_asym_id 
_atom_site.label_entity_id 
_atom_site.label_seq_id 
_atom_site.pdbx_PDB_ins_code 
_atom_site.Cartn_x 
_atom_site.Cartn_y 
_atom_site.Cartn_z 
_atom_site.occupancy 
_atom_site.B_iso_or_equiv 
_atom_site.pdbx_formal_charge 
_atom_site.auth_seq_id 
_atom_site.auth_comp_id 
_atom_site.auth_asym_id 
_atom_site.auth_atom_id 
_atom_site.pdbx_PDB_model_num 
ATOM   1    N N   . GLY A 1 22  ? 23.291  -12.739 -10.157 1.00 63.72 ? 22  GLY A N   1 
ATOM   2    C CA  . GLY A 1 22  ? 22.662  -11.641 -10.950 1.00 67.02 ? 22  GLY A CA  1 
ATOM   3    C C   . GLY A 1 22  ? 21.365  -11.171 -10.308 1.00 75.11 ? 22  GLY A C   1 
ATOM   4    O O   . GLY A 1 22  ? 21.393  -10.328 -9.419  1.00 71.37 ? 22  GLY A O   1 
ATOM   5    N N   . ASP A 1 23  ? 20.230  -11.739 -10.746 1.00 74.50 ? 23  ASP A N   1 
ATOM   6    C CA  . ASP A 1 23  ? 18.936  -11.524 -10.094 1.00 71.52 ? 23  ASP A CA  1 
ATOM   7    C C   . ASP A 1 23  ? 19.034  -12.031 -8.646  1.00 70.63 ? 23  ASP A C   1 
ATOM   8    O O   . ASP A 1 23  ? 18.324  -11.544 -7.786  1.00 74.15 ? 23  ASP A O   1 
ATOM   9    C CB  . ASP A 1 23  ? 17.774  -12.163 -10.868 1.00 66.54 ? 23  ASP A CB  1 
ATOM   10   N N   . ASP A 1 24  ? 19.936  -12.985 -8.384  1.00 66.56 ? 24  ASP A N   1 
ATOM   11   C CA  . ASP A 1 24  ? 20.118  -13.539 -7.039  1.00 66.29 ? 24  ASP A CA  1 
ATOM   12   C C   . ASP A 1 24  ? 20.806  -12.532 -6.110  1.00 54.63 ? 24  ASP A C   1 
ATOM   13   O O   . ASP A 1 24  ? 20.432  -12.452 -4.936  1.00 48.80 ? 24  ASP A O   1 
ATOM   14   C CB  . ASP A 1 24  ? 20.884  -14.864 -7.052  1.00 69.32 ? 24  ASP A CB  1 
ATOM   15   C CG  . ASP A 1 24  ? 19.980  -16.051 -7.347  1.00 73.07 ? 24  ASP A CG  1 
ATOM   16   O OD1 . ASP A 1 24  ? 18.774  -15.957 -7.029  1.00 76.71 ? 24  ASP A OD1 1 
ATOM   17   O OD2 . ASP A 1 24  ? 20.478  -17.048 -7.907  1.00 74.19 ? 24  ASP A OD2 1 
ATOM   18   N N   . ARG A 1 25  ? 21.828  -11.821 -6.605  1.00 44.93 ? 25  ARG A N   1 
ATOM   19   C CA  . ARG A 1 25  ? 22.478  -10.775 -5.792  1.00 44.71 ? 25  ARG A CA  1 
ATOM   20   C C   . ARG A 1 25  ? 21.481  -9.629  -5.582  1.00 38.04 ? 25  ARG A C   1 
ATOM   21   O O   . ARG A 1 25  ? 21.347  -9.120  -4.491  1.00 36.09 ? 25  ARG A O   1 
ATOM   22   C CB  . ARG A 1 25  ? 23.810  -10.320 -6.393  1.00 44.11 ? 25  ARG A CB  1 
ATOM   23   C CG  . ARG A 1 25  ? 24.991  -11.086 -5.808  1.00 49.86 ? 25  ARG A CG  1 
ATOM   24   C CD  . ARG A 1 25  ? 26.324  -10.793 -6.480  1.00 57.75 ? 25  ARG A CD  1 
ATOM   25   N NE  . ARG A 1 25  ? 26.360  -11.401 -7.800  1.00 63.49 ? 25  ARG A NE  1 
ATOM   26   C CZ  . ARG A 1 25  ? 27.430  -11.503 -8.572  1.00 61.44 ? 25  ARG A CZ  1 
ATOM   27   N NH1 . ARG A 1 25  ? 28.592  -11.017 -8.171  1.00 52.69 ? 25  ARG A NH1 1 
ATOM   28   N NH2 . ARG A 1 25  ? 27.309  -12.092 -9.751  1.00 57.16 ? 25  ARG A NH2 1 
ATOM   29   N N   . GLU A 1 26  ? 20.777  -9.253  -6.641  1.00 37.52 ? 26  GLU A N   1 
ATOM   30   C CA  . GLU A 1 26  ? 19.791  -8.202  -6.536  1.00 37.27 ? 26  GLU A CA  1 
ATOM   31   C C   . GLU A 1 26  ? 18.758  -8.555  -5.460  1.00 35.26 ? 26  GLU A C   1 
ATOM   32   O O   . GLU A 1 26  ? 18.434  -7.720  -4.633  1.00 35.33 ? 26  GLU A O   1 
ATOM   33   C CB  . GLU A 1 26  ? 19.125  -7.963  -7.879  1.00 36.11 ? 26  GLU A CB  1 
ATOM   34   C CG  . GLU A 1 26  ? 18.206  -6.780  -7.819  1.00 42.30 ? 26  GLU A CG  1 
ATOM   35   C CD  . GLU A 1 26  ? 17.686  -6.337  -9.167  1.00 47.92 ? 26  GLU A CD  1 
ATOM   36   O OE1 . GLU A 1 26  ? 18.394  -6.590  -10.153 1.00 49.84 ? 26  GLU A OE1 1 
ATOM   37   O OE2 . GLU A 1 26  ? 16.583  -5.739  -9.201  1.00 47.83 ? 26  GLU A OE2 1 
ATOM   38   N N   . LEU A 1 27  ? 18.247  -9.793  -5.492  1.00 36.35 ? 27  LEU A N   1 
ATOM   39   C CA  . LEU A 1 27  ? 17.187  -10.250 -4.555  1.00 40.33 ? 27  LEU A CA  1 
ATOM   40   C C   . LEU A 1 27  ? 17.721  -10.272 -3.116  1.00 36.18 ? 27  LEU A C   1 
ATOM   41   O O   . LEU A 1 27  ? 16.998  -9.925  -2.129  1.00 33.94 ? 27  LEU A O   1 
ATOM   42   C CB  . LEU A 1 27  ? 16.665  -11.623 -4.996  1.00 40.61 ? 27  LEU A CB  1 
ATOM   43   C CG  . LEU A 1 27  ? 15.667  -11.593 -6.156  1.00 45.80 ? 27  LEU A CG  1 
ATOM   44   C CD1 . LEU A 1 27  ? 15.435  -12.986 -6.727  1.00 48.46 ? 27  LEU A CD1 1 
ATOM   45   C CD2 . LEU A 1 27  ? 14.332  -10.962 -5.741  1.00 44.63 ? 27  LEU A CD2 1 
ATOM   46   N N   . ALA A 1 28  ? 18.990  -10.670 -2.976  1.00 37.34 ? 28  ALA A N   1 
ATOM   47   C CA  . ALA A 1 28  ? 19.665  -10.682 -1.666  1.00 36.82 ? 28  ALA A CA  1 
ATOM   48   C C   . ALA A 1 28  ? 19.798  -9.256  -1.116  1.00 31.35 ? 28  ALA A C   1 
ATOM   49   O O   . ALA A 1 28  ? 19.690  -9.032  0.072   1.00 35.22 ? 28  ALA A O   1 
ATOM   50   C CB  . ALA A 1 28  ? 21.020  -11.342 -1.773  1.00 38.42 ? 28  ALA A CB  1 
ATOM   51   N N   . ILE A 1 29  ? 20.082  -8.278  -1.984  1.00 28.42 ? 29  ILE A N   1 
ATOM   52   C CA  . ILE A 1 29  ? 20.220  -6.923  -1.520  1.00 26.69 ? 29  ILE A CA  1 
ATOM   53   C C   . ILE A 1 29  ? 18.823  -6.469  -1.012  1.00 26.20 ? 29  ILE A C   1 
ATOM   54   O O   . ILE A 1 29  ? 18.686  -5.860  0.029   1.00 27.12 ? 29  ILE A O   1 
ATOM   55   C CB  . ILE A 1 29  ? 20.724  -6.000  -2.654  1.00 29.24 ? 29  ILE A CB  1 
ATOM   56   C CG1 . ILE A 1 29  ? 22.185  -6.258  -3.052  1.00 30.49 ? 29  ILE A CG1 1 
ATOM   57   C CG2 . ILE A 1 29  ? 20.492  -4.547  -2.267  1.00 25.79 ? 29  ILE A CG2 1 
ATOM   58   C CD1 . ILE A 1 29  ? 22.648  -5.437  -4.261  1.00 31.15 ? 29  ILE A CD1 1 
ATOM   59   N N   . LEU A 1 30  ? 17.797  -6.760  -1.800  1.00 28.12 ? 30  LEU A N   1 
ATOM   60   C CA  . LEU A 1 30  ? 16.390  -6.381  -1.458  1.00 29.03 ? 30  LEU A CA  1 
ATOM   61   C C   . LEU A 1 30  ? 15.972  -7.012  -0.109  1.00 27.23 ? 30  LEU A C   1 
ATOM   62   O O   . LEU A 1 30  ? 15.434  -6.318  0.758   1.00 28.88 ? 30  LEU A O   1 
ATOM   63   C CB  . LEU A 1 30  ? 15.491  -6.820  -2.611  1.00 29.08 ? 30  LEU A CB  1 
ATOM   64   C CG  . LEU A 1 30  ? 15.631  -5.971  -3.873  1.00 29.49 ? 30  LEU A CG  1 
ATOM   65   C CD1 . LEU A 1 30  ? 14.935  -6.619  -5.046  1.00 31.03 ? 30  LEU A CD1 1 
ATOM   66   C CD2 . LEU A 1 30  ? 15.094  -4.563  -3.635  1.00 31.27 ? 30  LEU A CD2 1 
ATOM   67   N N   . ALA A 1 31  ? 16.186  -8.320  0.042   1.00 28.98 ? 31  ALA A N   1 
ATOM   68   C CA  . ALA A 1 31  ? 15.890  -9.064  1.274   1.00 30.02 ? 31  ALA A CA  1 
ATOM   69   C C   . ALA A 1 31  ? 16.636  -8.471  2.469   1.00 32.23 ? 31  ALA A C   1 
ATOM   70   O O   . ALA A 1 31  ? 16.054  -8.260  3.545   1.00 32.86 ? 31  ALA A O   1 
ATOM   71   C CB  . ALA A 1 31  ? 16.246  -10.510 1.088   1.00 34.77 ? 31  ALA A CB  1 
ATOM   72   N N   . THR A 1 32  ? 17.931  -8.156  2.285   1.00 32.57 ? 32  THR A N   1 
ATOM   73   C CA  . THR A 1 32  ? 18.733  -7.548  3.349   1.00 30.25 ? 32  THR A CA  1 
ATOM   74   C C   . THR A 1 32  ? 18.137  -6.204  3.755   1.00 33.40 ? 32  THR A C   1 
ATOM   75   O O   . THR A 1 32  ? 18.012  -5.916  4.941   1.00 34.30 ? 32  THR A O   1 
ATOM   76   C CB  . THR A 1 32  ? 20.194  -7.356  2.931   1.00 30.67 ? 32  THR A CB  1 
ATOM   77   O OG1 . THR A 1 32  ? 20.694  -8.647  2.616   1.00 33.19 ? 32  THR A OG1 1 
ATOM   78   C CG2 . THR A 1 32  ? 21.044  -6.657  3.965   1.00 31.92 ? 32  THR A CG2 1 
ATOM   79   N N   . ALA A 1 33  ? 17.807  -5.368  2.765   1.00 28.64 ? 33  ALA A N   1 
ATOM   80   C CA  . ALA A 1 33  ? 17.275  -4.063  3.028   1.00 28.52 ? 33  ALA A CA  1 
ATOM   81   C C   . ALA A 1 33  ? 15.930  -4.197  3.794   1.00 29.22 ? 33  ALA A C   1 
ATOM   82   O O   . ALA A 1 33  ? 15.703  -3.510  4.770   1.00 28.81 ? 33  ALA A O   1 
ATOM   83   C CB  . ALA A 1 33  ? 17.104  -3.322  1.722   1.00 28.95 ? 33  ALA A CB  1 
ATOM   84   N N   . GLU A 1 34  ? 15.064  -5.122  3.374   1.00 28.60 ? 34  GLU A N   1 
ATOM   85   C CA  . GLU A 1 34  ? 13.758  -5.274  4.040   1.00 31.94 ? 34  GLU A CA  1 
ATOM   86   C C   . GLU A 1 34  ? 13.973  -5.745  5.497   1.00 36.15 ? 34  GLU A C   1 
ATOM   87   O O   . GLU A 1 34  ? 13.370  -5.228  6.437   1.00 30.25 ? 34  GLU A O   1 
ATOM   88   C CB  . GLU A 1 34  ? 12.850  -6.251  3.301   1.00 33.59 ? 34  GLU A CB  1 
ATOM   89   C CG  . GLU A 1 34  ? 11.474  -6.339  3.953   1.00 37.31 ? 34  GLU A CG  1 
ATOM   90   C CD  . GLU A 1 34  ? 10.358  -6.879  3.076   1.00 40.32 ? 34  GLU A CD  1 
ATOM   91   O OE1 . GLU A 1 34  ? 10.650  -7.615  2.135   1.00 36.82 ? 34  GLU A OE1 1 
ATOM   92   O OE2 . GLU A 1 34  ? 9.200   -6.539  3.342   1.00 38.48 ? 34  GLU A OE2 1 
ATOM   93   N N   . ASN A 1 35  ? 14.886  -6.699  5.667   1.00 34.72 ? 35  ASN A N   1 
ATOM   94   C CA  . ASN A 1 35  ? 15.233  -7.222  6.984   1.00 37.64 ? 35  ASN A CA  1 
ATOM   95   C C   . ASN A 1 35  ? 15.795  -6.087  7.852   1.00 34.88 ? 35  ASN A C   1 
ATOM   96   O O   . ASN A 1 35  ? 15.431  -5.949  9.024   1.00 41.61 ? 35  ASN A O   1 
ATOM   97   C CB  . ASN A 1 35  ? 16.129  -8.460  6.878   1.00 39.30 ? 35  ASN A CB  1 
ATOM   98   C CG  . ASN A 1 35  ? 16.517  -9.005  8.237   1.00 46.15 ? 35  ASN A CG  1 
ATOM   99   O OD1 . ASN A 1 35  ? 15.954  -9.998  8.702   1.00 55.13 ? 35  ASN A OD1 1 
ATOM   100  N ND2 . ASN A 1 35  ? 17.444  -8.339  8.903   1.00 46.82 ? 35  ASN A ND2 1 
ATOM   101  N N   . LEU A 1 36  ? 16.649  -5.227  7.302   1.00 36.47 ? 36  LEU A N   1 
ATOM   102  C CA  . LEU A 1 36  ? 17.301  -4.218  8.135   1.00 36.91 ? 36  LEU A CA  1 
ATOM   103  C C   . LEU A 1 36  ? 16.326  -3.080  8.486   1.00 38.03 ? 36  LEU A C   1 
ATOM   104  O O   . LEU A 1 36  ? 16.496  -2.389  9.499   1.00 37.03 ? 36  LEU A O   1 
ATOM   105  C CB  . LEU A 1 36  ? 18.548  -3.679  7.424   1.00 39.53 ? 36  LEU A CB  1 
ATOM   106  C CG  . LEU A 1 36  ? 19.747  -4.631  7.380   1.00 41.69 ? 36  LEU A CG  1 
ATOM   107  C CD1 . LEU A 1 36  ? 20.957  -3.918  6.795   1.00 43.23 ? 36  LEU A CD1 1 
ATOM   108  C CD2 . LEU A 1 36  ? 20.075  -5.189  8.764   1.00 41.58 ? 36  LEU A CD2 1 
ATOM   109  N N   . LEU A 1 37  ? 15.349  -2.831  7.613   1.00 33.43 ? 37  LEU A N   1 
ATOM   110  C CA  . LEU A 1 37  ? 14.393  -1.769  7.855   1.00 33.67 ? 37  LEU A CA  1 
ATOM   111  C C   . LEU A 1 37  ? 13.438  -2.151  8.999   1.00 34.51 ? 37  LEU A C   1 
ATOM   112  O O   . LEU A 1 37  ? 12.740  -1.293  9.486   1.00 38.49 ? 37  LEU A O   1 
ATOM   113  C CB  . LEU A 1 37  ? 13.629  -1.464  6.573   1.00 32.34 ? 37  LEU A CB  1 
ATOM   114  C CG  . LEU A 1 37  ? 14.410  -0.640  5.561   1.00 30.19 ? 37  LEU A CG  1 
ATOM   115  C CD1 . LEU A 1 37  ? 13.781  -0.748  4.199   1.00 28.44 ? 37  LEU A CD1 1 
ATOM   116  C CD2 . LEU A 1 37  ? 14.536  0.801   6.018   1.00 32.67 ? 37  LEU A CD2 1 
ATOM   117  N N   . GLU A 1 38  ? 13.381  -3.434  9.385   1.00 39.21 ? 38  GLU A N   1 
ATOM   118  C CA  . GLU A 1 38  ? 12.583  -3.844  10.545  1.00 42.50 ? 38  GLU A CA  1 
ATOM   119  C C   . GLU A 1 38  ? 13.200  -3.332  11.849  1.00 47.49 ? 38  GLU A C   1 
ATOM   120  O O   . GLU A 1 38  ? 12.488  -3.159  12.787  1.00 52.49 ? 38  GLU A O   1 
ATOM   121  C CB  . GLU A 1 38  ? 12.397  -5.355  10.564  1.00 47.20 ? 38  GLU A CB  1 
ATOM   122  C CG  . GLU A 1 38  ? 11.213  -5.779  9.719   1.00 53.08 ? 38  GLU A CG  1 
ATOM   123  C CD  . GLU A 1 38  ? 11.361  -7.129  9.057   1.00 57.11 ? 38  GLU A CD  1 
ATOM   124  O OE1 . GLU A 1 38  ? 11.046  -7.224  7.863   1.00 59.74 ? 38  GLU A OE1 1 
ATOM   125  O OE2 . GLU A 1 38  ? 11.812  -8.064  9.735   1.00 58.25 ? 38  GLU A OE2 1 
ATOM   126  N N   . ASP A 1 39  ? 14.510  -3.066  11.889  1.00 52.08 ? 39  ASP A N   1 
ATOM   127  C CA  . ASP A 1 39  ? 15.189  -2.711  13.136  1.00 53.06 ? 39  ASP A CA  1 
ATOM   128  C C   . ASP A 1 39  ? 15.578  -1.231  13.150  1.00 48.53 ? 39  ASP A C   1 
ATOM   129  O O   . ASP A 1 39  ? 15.728  -0.676  14.204  1.00 52.28 ? 39  ASP A O   1 
ATOM   130  C CB  . ASP A 1 39  ? 16.372  -3.645  13.378  1.00 59.85 ? 39  ASP A CB  1 
ATOM   131  C CG  . ASP A 1 39  ? 15.950  -5.100  13.244  1.00 73.63 ? 39  ASP A CG  1 
ATOM   132  O OD1 . ASP A 1 39  ? 15.229  -5.597  14.149  1.00 74.02 ? 39  ASP A OD1 1 
ATOM   133  O OD2 . ASP A 1 39  ? 16.279  -5.709  12.198  1.00 80.57 ? 39  ASP A OD2 1 
ATOM   134  N N   . ARG A 1 40  ? 15.732  -0.590  11.990  1.00 45.15 ? 40  ARG A N   1 
ATOM   135  C CA  . ARG A 1 40  ? 16.132  0.796   11.969  1.00 46.76 ? 40  ARG A CA  1 
ATOM   136  C C   . ARG A 1 40  ? 15.715  1.459   10.660  1.00 41.97 ? 40  ARG A C   1 
ATOM   137  O O   . ARG A 1 40  ? 15.384  0.797   9.673   1.00 40.48 ? 40  ARG A O   1 
ATOM   138  C CB  . ARG A 1 40  ? 17.642  0.916   12.201  1.00 56.05 ? 40  ARG A CB  1 
ATOM   139  C CG  . ARG A 1 40  ? 18.503  -0.133  11.504  1.00 56.90 ? 40  ARG A CG  1 
ATOM   140  C CD  . ARG A 1 40  ? 19.937  0.036   11.991  1.00 60.33 ? 40  ARG A CD  1 
ATOM   141  N NE  . ARG A 1 40  ? 20.935  -0.225  10.966  1.00 57.30 ? 40  ARG A NE  1 
ATOM   142  C CZ  . ARG A 1 40  ? 21.449  -1.414  10.702  1.00 56.49 ? 40  ARG A CZ  1 
ATOM   143  N NH1 . ARG A 1 40  ? 21.170  -2.449  11.476  1.00 60.98 ? 40  ARG A NH1 1 
ATOM   144  N NH2 . ARG A 1 40  ? 22.233  -1.569  9.652   1.00 58.77 ? 40  ARG A NH2 1 
ATOM   145  N N   . PRO A 1 41  ? 15.706  2.801   10.630  1.00 40.52 ? 41  PRO A N   1 
ATOM   146  C CA  . PRO A 1 41  ? 15.356  3.536   9.418   1.00 42.76 ? 41  PRO A CA  1 
ATOM   147  C C   . PRO A 1 41  ? 16.465  3.530   8.353   1.00 44.56 ? 41  PRO A C   1 
ATOM   148  O O   . PRO A 1 41  ? 17.632  3.198   8.682   1.00 41.08 ? 41  PRO A O   1 
ATOM   149  C CB  . PRO A 1 41  ? 15.098  4.971   9.905   1.00 45.63 ? 41  PRO A CB  1 
ATOM   150  C CG  . PRO A 1 41  ? 15.798  5.079   11.242  1.00 47.02 ? 41  PRO A CG  1 
ATOM   151  C CD  . PRO A 1 41  ? 16.000  3.675   11.774  1.00 43.38 ? 41  PRO A CD  1 
ATOM   152  N N   . LEU A 1 42  ? 16.099  3.976   7.139   1.00 43.62 ? 42  LEU A N   1 
ATOM   153  C CA  . LEU A 1 42  ? 16.971  3.966   5.965   1.00 47.91 ? 42  LEU A CA  1 
ATOM   154  C C   . LEU A 1 42  ? 18.228  4.804   6.240   1.00 50.05 ? 42  LEU A C   1 
ATOM   155  O O   . LEU A 1 42  ? 19.355  4.349   5.978   1.00 46.35 ? 42  LEU A O   1 
ATOM   156  C CB  . LEU A 1 42  ? 16.223  4.484   4.730   1.00 44.90 ? 42  LEU A CB  1 
ATOM   157  C CG  . LEU A 1 42  ? 16.939  4.201   3.400   1.00 43.92 ? 42  LEU A CG  1 
ATOM   158  C CD1 . LEU A 1 42  ? 17.220  2.707   3.219   1.00 44.16 ? 42  LEU A CD1 1 
ATOM   159  C CD2 . LEU A 1 42  ? 16.163  4.741   2.202   1.00 43.90 ? 42  LEU A CD2 1 
ATOM   160  N N   . ALA A 1 43  ? 18.019  6.003   6.794   1.00 54.02 ? 43  ALA A N   1 
ATOM   161  C CA  . ALA A 1 43  ? 19.095  6.911   7.268   1.00 52.28 ? 43  ALA A CA  1 
ATOM   162  C C   . ALA A 1 43  ? 20.133  6.178   8.140   1.00 54.02 ? 43  ALA A C   1 
ATOM   163  O O   . ALA A 1 43  ? 21.318  6.470   8.062   1.00 56.54 ? 43  ALA A O   1 
ATOM   164  C CB  . ALA A 1 43  ? 18.491  8.078   8.007   1.00 51.10 ? 43  ALA A CB  1 
ATOM   165  N N   . ASP A 1 44  ? 19.712  5.217   8.962   1.00 47.10 ? 44  ASP A N   1 
ATOM   166  C CA  . ASP A 1 44  ? 20.647  4.510   9.810   1.00 46.73 ? 44  ASP A CA  1 
ATOM   167  C C   . ASP A 1 44  ? 21.140  3.224   9.145   1.00 45.97 ? 44  ASP A C   1 
ATOM   168  O O   . ASP A 1 44  ? 21.731  2.402   9.821   1.00 45.34 ? 44  ASP A O   1 
ATOM   169  C CB  . ASP A 1 44  ? 20.035  4.081   11.140  1.00 51.13 ? 44  ASP A CB  1 
ATOM   170  C CG  . ASP A 1 44  ? 19.831  5.171   12.172  1.00 56.96 ? 44  ASP A CG  1 
ATOM   171  O OD1 . ASP A 1 44  ? 19.707  6.357   11.784  1.00 64.36 ? 44  ASP A OD1 1 
ATOM   172  O OD2 . ASP A 1 44  ? 19.766  4.806   13.365  1.00 59.83 ? 44  ASP A OD2 1 
ATOM   173  N N   . ILE A 1 45  ? 20.851  3.026   7.852   1.00 45.70 ? 45  ILE A N   1 
ATOM   174  C CA  . ILE A 1 45  ? 21.365  1.864   7.127   1.00 43.95 ? 45  ILE A CA  1 
ATOM   175  C C   . ILE A 1 45  ? 22.340  2.353   6.047   1.00 43.12 ? 45  ILE A C   1 
ATOM   176  O O   . ILE A 1 45  ? 22.022  3.256   5.250   1.00 43.65 ? 45  ILE A O   1 
ATOM   177  C CB  . ILE A 1 45  ? 20.222  1.013   6.527   1.00 43.59 ? 45  ILE A CB  1 
ATOM   178  C CG1 . ILE A 1 45  ? 19.212  0.564   7.586   1.00 39.72 ? 45  ILE A CG1 1 
ATOM   179  C CG2 . ILE A 1 45  ? 20.779  -0.191  5.780   1.00 43.02 ? 45  ILE A CG2 1 
ATOM   180  C CD1 . ILE A 1 45  ? 17.987  -0.093  6.993   1.00 37.24 ? 45  ILE A CD1 1 
ATOM   181  N N   . SER A 1 46  ? 23.516  1.718   5.991   1.00 47.26 ? 46  SER A N   1 
ATOM   182  C CA  . SER A 1 46  ? 24.539  2.084   5.005   1.00 49.55 ? 46  SER A CA  1 
ATOM   183  C C   . SER A 1 46  ? 24.534  1.091   3.838   1.00 47.18 ? 46  SER A C   1 
ATOM   184  O O   . SER A 1 46  ? 24.151  -0.066  3.992   1.00 43.45 ? 46  SER A O   1 
ATOM   185  C CB  . SER A 1 46  ? 25.920  2.178   5.638   1.00 46.71 ? 46  SER A CB  1 
ATOM   186  O OG  . SER A 1 46  ? 26.374  0.903   6.056   1.00 44.33 ? 46  SER A OG  1 
ATOM   187  N N   . VAL A 1 47  ? 25.015  1.567   2.682   1.00 53.22 ? 47  VAL A N   1 
ATOM   188  C CA  . VAL A 1 47  ? 25.307  0.725   1.514   1.00 49.38 ? 47  VAL A CA  1 
ATOM   189  C C   . VAL A 1 47  ? 26.269  -0.404  1.923   1.00 46.13 ? 47  VAL A C   1 
ATOM   190  O O   . VAL A 1 47  ? 26.130  -1.558  1.492   1.00 43.69 ? 47  VAL A O   1 
ATOM   191  C CB  . VAL A 1 47  ? 25.836  1.595   0.359   1.00 46.81 ? 47  VAL A CB  1 
ATOM   192  C CG1 . VAL A 1 47  ? 26.556  0.795   -0.711  1.00 44.63 ? 47  VAL A CG1 1 
ATOM   193  C CG2 . VAL A 1 47  ? 24.711  2.408   -0.253  1.00 48.62 ? 47  VAL A CG2 1 
ATOM   194  N N   . ASP A 1 48  ? 27.227  -0.096  2.797   1.00 52.58 ? 48  ASP A N   1 
ATOM   195  C CA  . ASP A 1 48  ? 28.145  -1.122  3.296   1.00 52.87 ? 48  ASP A CA  1 
ATOM   196  C C   . ASP A 1 48  ? 27.335  -2.166  4.074   1.00 47.73 ? 48  ASP A C   1 
ATOM   197  O O   . ASP A 1 48  ? 27.598  -3.373  3.947   1.00 44.40 ? 48  ASP A O   1 
ATOM   198  C CB  . ASP A 1 48  ? 29.322  -0.507  4.075   1.00 63.41 ? 48  ASP A CB  1 
ATOM   199  C CG  . ASP A 1 48  ? 30.306  0.282   3.204   1.00 64.71 ? 48  ASP A CG  1 
ATOM   200  O OD1 . ASP A 1 48  ? 30.714  -0.226  2.125   1.00 66.57 ? 48  ASP A OD1 1 
ATOM   201  O OD2 . ASP A 1 48  ? 30.644  1.415   3.586   1.00 68.20 ? 48  ASP A OD2 1 
ATOM   202  N N   . ASP A 1 49  ? 26.318  -1.716  4.828   1.00 47.41 ? 49  ASP A N   1 
ATOM   203  C CA  . ASP A 1 49  ? 25.400  -2.636  5.544   1.00 42.38 ? 49  ASP A CA  1 
ATOM   204  C C   . ASP A 1 49  ? 24.658  -3.539  4.547   1.00 37.41 ? 49  ASP A C   1 
ATOM   205  O O   . ASP A 1 49  ? 24.577  -4.762  4.724   1.00 38.80 ? 49  ASP A O   1 
ATOM   206  C CB  . ASP A 1 49  ? 24.364  -1.893  6.394   1.00 50.57 ? 49  ASP A CB  1 
ATOM   207  C CG  . ASP A 1 49  ? 24.879  -1.099  7.584   1.00 51.79 ? 49  ASP A CG  1 
ATOM   208  O OD1 . ASP A 1 49  ? 25.704  -1.645  8.349   1.00 50.06 ? 49  ASP A OD1 1 
ATOM   209  O OD2 . ASP A 1 49  ? 24.387  0.049   7.766   1.00 51.97 ? 49  ASP A OD2 1 
ATOM   210  N N   . LEU A 1 50  ? 24.121  -2.949  3.470   1.00 35.90 ? 50  LEU A N   1 
ATOM   211  C CA  . LEU A 1 50  ? 23.377  -3.729  2.476   1.00 32.23 ? 50  LEU A CA  1 
ATOM   212  C C   . LEU A 1 50  ? 24.306  -4.685  1.730   1.00 34.69 ? 50  LEU A C   1 
ATOM   213  O O   . LEU A 1 50  ? 23.926  -5.824  1.439   1.00 32.59 ? 50  LEU A O   1 
ATOM   214  C CB  . LEU A 1 50  ? 22.669  -2.775  1.520   1.00 33.26 ? 50  LEU A CB  1 
ATOM   215  C CG  . LEU A 1 50  ? 21.669  -1.834  2.196   1.00 35.88 ? 50  LEU A CG  1 
ATOM   216  C CD1 . LEU A 1 50  ? 21.200  -0.764  1.223   1.00 39.13 ? 50  LEU A CD1 1 
ATOM   217  C CD2 . LEU A 1 50  ? 20.494  -2.625  2.770   1.00 37.17 ? 50  LEU A CD2 1 
ATOM   218  N N   . ALA A 1 51  ? 25.519  -4.208  1.384   1.00 37.52 ? 51  ALA A N   1 
ATOM   219  C CA  . ALA A 1 51  ? 26.482  -5.066  0.659   1.00 37.73 ? 51  ALA A CA  1 
ATOM   220  C C   . ALA A 1 51  ? 26.853  -6.250  1.553   1.00 33.93 ? 51  ALA A C   1 
ATOM   221  O O   . ALA A 1 51  ? 26.754  -7.402  1.143   1.00 31.40 ? 51  ALA A O   1 
ATOM   222  C CB  . ALA A 1 51  ? 27.689  -4.258  0.244   1.00 36.66 ? 51  ALA A CB  1 
ATOM   223  N N   . LYS A 1 52  ? 27.239  -5.935  2.791   1.00 40.28 ? 52  LYS A N   1 
ATOM   224  C CA  . LYS A 1 52  ? 27.670  -6.960  3.769   1.00 42.96 ? 52  LYS A CA  1 
ATOM   225  C C   . LYS A 1 52  ? 26.574  -8.024  3.883   1.00 40.60 ? 52  LYS A C   1 
ATOM   226  O O   . LYS A 1 52  ? 26.803  -9.202  3.666   1.00 37.91 ? 52  LYS A O   1 
ATOM   227  C CB  . LYS A 1 52  ? 27.986  -6.227  5.073   1.00 53.92 ? 52  LYS A CB  1 
ATOM   228  C CG  . LYS A 1 52  ? 28.398  -7.055  6.281   1.00 57.91 ? 52  LYS A CG  1 
ATOM   229  C CD  . LYS A 1 52  ? 28.886  -6.134  7.401   1.00 62.71 ? 52  LYS A CD  1 
ATOM   230  C CE  . LYS A 1 52  ? 29.222  -6.845  8.697   1.00 69.77 ? 52  LYS A CE  1 
ATOM   231  N NZ  . LYS A 1 52  ? 28.012  -7.391  9.364   1.00 74.30 ? 52  LYS A NZ  1 
ATOM   232  N N   . GLY A 1 53  ? 25.333  -7.574  4.138   1.00 42.62 ? 53  GLY A N   1 
ATOM   233  C CA  . GLY A 1 53  ? 24.207  -8.463  4.329   1.00 38.25 ? 53  GLY A CA  1 
ATOM   234  C C   . GLY A 1 53  ? 23.931  -9.320  3.119   1.00 37.34 ? 53  GLY A C   1 
ATOM   235  O O   . GLY A 1 53  ? 23.469  -10.444 3.261   1.00 38.60 ? 53  GLY A O   1 
ATOM   236  N N   . ALA A 1 54  ? 24.223  -8.800  1.920   1.00 31.44 ? 54  ALA A N   1 
ATOM   237  C CA  . ALA A 1 54  ? 23.949  -9.504  0.661   1.00 31.91 ? 54  ALA A CA  1 
ATOM   238  C C   . ALA A 1 54  ? 25.156  -10.337 0.196   1.00 32.86 ? 54  ALA A C   1 
ATOM   239  O O   . ALA A 1 54  ? 25.075  -11.035 -0.854  1.00 36.22 ? 54  ALA A O   1 
ATOM   240  C CB  . ALA A 1 54  ? 23.583  -8.495  -0.402  1.00 31.83 ? 54  ALA A CB  1 
ATOM   241  N N   . GLY A 1 55  ? 26.239  -10.292 0.971   1.00 34.61 ? 55  GLY A N   1 
ATOM   242  C CA  . GLY A 1 55  ? 27.455  -11.115 0.672   1.00 38.15 ? 55  GLY A CA  1 
ATOM   243  C C   . GLY A 1 55  ? 28.201  -10.619 -0.564  1.00 33.47 ? 55  GLY A C   1 
ATOM   244  O O   . GLY A 1 55  ? 28.649  -11.412 -1.386  1.00 36.57 ? 55  GLY A O   1 
ATOM   245  N N   . ILE A 1 56  ? 28.269  -9.296  -0.720  1.00 33.31 ? 56  ILE A N   1 
ATOM   246  C CA  . ILE A 1 56  ? 28.901  -8.652  -1.907  1.00 32.59 ? 56  ILE A CA  1 
ATOM   247  C C   . ILE A 1 56  ? 29.689  -7.464  -1.413  1.00 30.49 ? 56  ILE A C   1 
ATOM   248  O O   . ILE A 1 56  ? 29.473  -6.992  -0.318  1.00 30.59 ? 56  ILE A O   1 
ATOM   249  C CB  . ILE A 1 56  ? 27.888  -8.169  -2.974  1.00 30.60 ? 56  ILE A CB  1 
ATOM   250  C CG1 . ILE A 1 56  ? 26.931  -7.111  -2.398  1.00 31.52 ? 56  ILE A CG1 1 
ATOM   251  C CG2 . ILE A 1 56  ? 27.178  -9.329  -3.616  1.00 31.74 ? 56  ILE A CG2 1 
ATOM   252  C CD1 . ILE A 1 56  ? 25.912  -6.591  -3.397  1.00 33.89 ? 56  ILE A CD1 1 
ATOM   253  N N   . SER A 1 57  ? 30.547  -6.938  -2.296  1.00 32.09 ? 57  SER A N   1 
ATOM   254  C CA  . SER A 1 57  ? 31.307  -5.725  -1.999  1.00 29.05 ? 57  SER A CA  1 
ATOM   255  C C   . SER A 1 57  ? 30.441  -4.488  -2.264  1.00 30.28 ? 57  SER A C   1 
ATOM   256  O O   . SER A 1 57  ? 29.417  -4.532  -2.980  1.00 26.30 ? 57  SER A O   1 
ATOM   257  C CB  . SER A 1 57  ? 32.567  -5.687  -2.842  1.00 29.90 ? 57  SER A CB  1 
ATOM   258  O OG  . SER A 1 57  ? 32.247  -5.425  -4.203  1.00 24.53 ? 57  SER A OG  1 
ATOM   259  N N   . ARG A 1 58  ? 30.903  -3.362  -1.740  1.00 28.84 ? 58  ARG A N   1 
ATOM   260  C CA  . ARG A 1 58  ? 30.304  -2.068  -2.015  1.00 34.53 ? 58  ARG A CA  1 
ATOM   261  C C   . ARG A 1 58  ? 30.272  -1.736  -3.513  1.00 35.15 ? 58  ARG A C   1 
ATOM   262  O O   . ARG A 1 58  ? 29.227  -1.342  -4.038  1.00 26.20 ? 58  ARG A O   1 
ATOM   263  C CB  . ARG A 1 58  ? 31.028  -1.027  -1.161  1.00 39.38 ? 58  ARG A CB  1 
ATOM   264  C CG  . ARG A 1 58  ? 30.657  0.428   -1.421  1.00 48.91 ? 58  ARG A CG  1 
ATOM   265  C CD  . ARG A 1 58  ? 31.471  1.390   -0.547  1.00 51.69 ? 58  ARG A CD  1 
ATOM   266  N NE  . ARG A 1 58  ? 30.958  2.756   -0.559  1.00 62.10 ? 58  ARG A NE  1 
ATOM   267  C CZ  . ARG A 1 58  ? 30.028  3.242   0.279   1.00 66.32 ? 58  ARG A CZ  1 
ATOM   268  N NH1 . ARG A 1 58  ? 29.617  2.528   1.315   1.00 71.85 ? 58  ARG A NH1 1 
ATOM   269  N NH2 . ARG A 1 58  ? 29.499  4.439   0.073   1.00 61.26 ? 58  ARG A NH2 1 
ATOM   270  N N   . PRO A 1 59  ? 31.380  -1.788  -4.305  1.00 31.71 ? 59  PRO A N   1 
ATOM   271  C CA  . PRO A 1 59  ? 31.251  -1.521  -5.741  1.00 27.39 ? 59  PRO A CA  1 
ATOM   272  C C   . PRO A 1 59  ? 30.287  -2.502  -6.436  1.00 23.98 ? 59  PRO A C   1 
ATOM   273  O O   . PRO A 1 59  ? 29.636  -2.141  -7.423  1.00 25.16 ? 59  PRO A O   1 
ATOM   274  C CB  . PRO A 1 59  ? 32.694  -1.636  -6.287  1.00 26.17 ? 59  PRO A CB  1 
ATOM   275  C CG  . PRO A 1 59  ? 33.451  -2.328  -5.180  1.00 29.31 ? 59  PRO A CG  1 
ATOM   276  C CD  . PRO A 1 59  ? 32.780  -1.935  -3.877  1.00 30.97 ? 59  PRO A CD  1 
ATOM   277  N N   . THR A 1 60  ? 30.240  -3.742  -5.974  1.00 23.71 ? 60  THR A N   1 
ATOM   278  C CA  . THR A 1 60  ? 29.331  -4.723  -6.634  1.00 23.95 ? 60  THR A CA  1 
ATOM   279  C C   . THR A 1 60  ? 27.879  -4.257  -6.406  1.00 25.68 ? 60  THR A C   1 
ATOM   280  O O   . THR A 1 60  ? 27.097  -4.232  -7.346  1.00 27.55 ? 60  THR A O   1 
ATOM   281  C CB  . THR A 1 60  ? 29.659  -6.166  -6.233  1.00 23.73 ? 60  THR A CB  1 
ATOM   282  O OG1 . THR A 1 60  ? 30.924  -6.638  -6.727  1.00 23.18 ? 60  THR A OG1 1 
ATOM   283  C CG2 . THR A 1 60  ? 28.629  -7.155  -6.734  1.00 24.09 ? 60  THR A CG2 1 
ATOM   284  N N   . PHE A 1 61  ? 27.561  -3.841  -5.179  1.00 26.64 ? 61  PHE A N   1 
ATOM   285  C CA  . PHE A 1 61  ? 26.247  -3.234  -4.844  1.00 27.40 ? 61  PHE A CA  1 
ATOM   286  C C   . PHE A 1 61  ? 25.867  -2.189  -5.903  1.00 34.15 ? 61  PHE A C   1 
ATOM   287  O O   . PHE A 1 61  ? 24.777  -2.236  -6.480  1.00 30.38 ? 61  PHE A O   1 
ATOM   288  C CB  . PHE A 1 61  ? 26.290  -2.518  -3.493  1.00 30.34 ? 61  PHE A CB  1 
ATOM   289  C CG  . PHE A 1 61  ? 25.035  -1.729  -3.176  1.00 31.98 ? 61  PHE A CG  1 
ATOM   290  C CD1 . PHE A 1 61  ? 23.967  -2.333  -2.518  1.00 34.63 ? 61  PHE A CD1 1 
ATOM   291  C CD2 . PHE A 1 61  ? 24.880  -0.416  -3.594  1.00 32.55 ? 61  PHE A CD2 1 
ATOM   292  C CE1 . PHE A 1 61  ? 22.798  -1.624  -2.239  1.00 34.20 ? 61  PHE A CE1 1 
ATOM   293  C CE2 . PHE A 1 61  ? 23.706  0.287   -3.328  1.00 39.39 ? 61  PHE A CE2 1 
ATOM   294  C CZ  . PHE A 1 61  ? 22.668  -0.314  -2.638  1.00 35.02 ? 61  PHE A CZ  1 
ATOM   295  N N   . TYR A 1 62  ? 26.794  -1.253  -6.164  1.00 32.52 ? 62  TYR A N   1 
ATOM   296  C CA  . TYR A 1 62  ? 26.532  -0.114  -7.046  1.00 34.20 ? 62  TYR A CA  1 
ATOM   297  C C   . TYR A 1 62  ? 26.339  -0.543  -8.484  1.00 28.31 ? 62  TYR A C   1 
ATOM   298  O O   . TYR A 1 62  ? 25.847  0.231   -9.285  1.00 32.15 ? 62  TYR A O   1 
ATOM   299  C CB  . TYR A 1 62  ? 27.627  0.948   -6.980  1.00 35.16 ? 62  TYR A CB  1 
ATOM   300  C CG  . TYR A 1 62  ? 27.535  1.820   -5.767  1.00 39.40 ? 62  TYR A CG  1 
ATOM   301  C CD1 . TYR A 1 62  ? 26.461  2.677   -5.588  1.00 36.37 ? 62  TYR A CD1 1 
ATOM   302  C CD2 . TYR A 1 62  ? 28.522  1.789   -4.804  1.00 41.43 ? 62  TYR A CD2 1 
ATOM   303  C CE1 . TYR A 1 62  ? 26.385  3.488   -4.471  1.00 34.48 ? 62  TYR A CE1 1 
ATOM   304  C CE2 . TYR A 1 62  ? 28.436  2.573   -3.666  1.00 45.07 ? 62  TYR A CE2 1 
ATOM   305  C CZ  . TYR A 1 62  ? 27.363  3.430   -3.509  1.00 37.29 ? 62  TYR A CZ  1 
ATOM   306  O OH  . TYR A 1 62  ? 27.317  4.217   -2.399  1.00 41.79 ? 62  TYR A OH  1 
ATOM   307  N N   . PHE A 1 63  ? 26.722  -1.764  -8.818  1.00 34.04 ? 63  PHE A N   1 
ATOM   308  C CA  . PHE A 1 63  ? 26.335  -2.274  -10.085 1.00 34.11 ? 63  PHE A CA  1 
ATOM   309  C C   . PHE A 1 63  ? 24.821  -2.531  -10.144 1.00 37.14 ? 63  PHE A C   1 
ATOM   310  O O   . PHE A 1 63  ? 24.239  -2.506  -11.222 1.00 34.84 ? 63  PHE A O   1 
ATOM   311  C CB  . PHE A 1 63  ? 27.021  -3.599  -10.370 1.00 31.53 ? 63  PHE A CB  1 
ATOM   312  C CG  . PHE A 1 63  ? 26.712  -4.145  -11.726 1.00 32.57 ? 63  PHE A CG  1 
ATOM   313  C CD1 . PHE A 1 63  ? 27.214  -3.521  -12.857 1.00 36.42 ? 63  PHE A CD1 1 
ATOM   314  C CD2 . PHE A 1 63  ? 25.913  -5.262  -11.881 1.00 37.89 ? 63  PHE A CD2 1 
ATOM   315  C CE1 . PHE A 1 63  ? 26.958  -4.028  -14.118 1.00 37.16 ? 63  PHE A CE1 1 
ATOM   316  C CE2 . PHE A 1 63  ? 25.643  -5.765  -13.149 1.00 39.81 ? 63  PHE A CE2 1 
ATOM   317  C CZ  . PHE A 1 63  ? 26.161  -5.146  -14.260 1.00 40.67 ? 63  PHE A CZ  1 
ATOM   318  N N   . TYR A 1 64  ? 24.235  -2.983  -9.031  1.00 34.75 ? 64  TYR A N   1 
ATOM   319  C CA  . TYR A 1 64  ? 22.804  -3.403  -9.021  1.00 35.27 ? 64  TYR A CA  1 
ATOM   320  C C   . TYR A 1 64  ? 21.887  -2.204  -8.772  1.00 33.53 ? 64  TYR A C   1 
ATOM   321  O O   . TYR A 1 64  ? 20.780  -2.215  -9.284  1.00 35.76 ? 64  TYR A O   1 
ATOM   322  C CB  . TYR A 1 64  ? 22.563  -4.519  -8.000  1.00 34.35 ? 64  TYR A CB  1 
ATOM   323  C CG  . TYR A 1 64  ? 23.165  -5.817  -8.456  1.00 31.12 ? 64  TYR A CG  1 
ATOM   324  C CD1 . TYR A 1 64  ? 22.592  -6.542  -9.486  1.00 32.81 ? 64  TYR A CD1 1 
ATOM   325  C CD2 . TYR A 1 64  ? 24.369  -6.255  -7.944  1.00 31.72 ? 64  TYR A CD2 1 
ATOM   326  C CE1 . TYR A 1 64  ? 23.180  -7.706  -9.953  1.00 37.19 ? 64  TYR A CE1 1 
ATOM   327  C CE2 . TYR A 1 64  ? 24.984  -7.403  -8.417  1.00 34.47 ? 64  TYR A CE2 1 
ATOM   328  C CZ  . TYR A 1 64  ? 24.391  -8.127  -9.431  1.00 37.40 ? 64  TYR A CZ  1 
ATOM   329  O OH  . TYR A 1 64  ? 24.986  -9.277  -9.856  1.00 38.75 ? 64  TYR A OH  1 
ATOM   330  N N   . PHE A 1 65  ? 22.333  -1.234  -7.964  1.00 30.35 ? 65  PHE A N   1 
ATOM   331  C CA  . PHE A 1 65  ? 21.495  -0.130  -7.523  1.00 33.23 ? 65  PHE A CA  1 
ATOM   332  C C   . PHE A 1 65  ? 22.363  1.102   -7.370  1.00 39.16 ? 65  PHE A C   1 
ATOM   333  O O   . PHE A 1 65  ? 23.495  1.015   -6.873  1.00 37.71 ? 65  PHE A O   1 
ATOM   334  C CB  . PHE A 1 65  ? 20.809  -0.374  -6.164  1.00 32.24 ? 65  PHE A CB  1 
ATOM   335  C CG  . PHE A 1 65  ? 19.767  -1.460  -6.179  1.00 31.13 ? 65  PHE A CG  1 
ATOM   336  C CD1 . PHE A 1 65  ? 18.440  -1.175  -6.515  1.00 32.72 ? 65  PHE A CD1 1 
ATOM   337  C CD2 . PHE A 1 65  ? 20.087  -2.750  -5.792  1.00 30.42 ? 65  PHE A CD2 1 
ATOM   338  C CE1 . PHE A 1 65  ? 17.472  -2.171  -6.509  1.00 31.05 ? 65  PHE A CE1 1 
ATOM   339  C CE2 . PHE A 1 65  ? 19.126  -3.748  -5.812  1.00 33.64 ? 65  PHE A CE2 1 
ATOM   340  C CZ  . PHE A 1 65  ? 17.819  -3.455  -6.149  1.00 33.46 ? 65  PHE A CZ  1 
ATOM   341  N N   . PRO A 1 66  ? 21.863  2.266   -7.844  1.00 39.30 ? 66  PRO A N   1 
ATOM   342  C CA  . PRO A 1 66  ? 22.592  3.518   -7.697  1.00 40.84 ? 66  PRO A CA  1 
ATOM   343  C C   . PRO A 1 66  ? 22.700  4.104   -6.294  1.00 43.89 ? 66  PRO A C   1 
ATOM   344  O O   . PRO A 1 66  ? 23.482  5.028   -6.154  1.00 41.00 ? 66  PRO A O   1 
ATOM   345  C CB  . PRO A 1 66  ? 21.842  4.513   -8.606  1.00 42.82 ? 66  PRO A CB  1 
ATOM   346  C CG  . PRO A 1 66  ? 20.510  3.878   -8.882  1.00 42.04 ? 66  PRO A CG  1 
ATOM   347  C CD  . PRO A 1 66  ? 20.705  2.390   -8.744  1.00 40.13 ? 66  PRO A CD  1 
ATOM   348  N N   . SER A 1 67  ? 21.940  3.575   -5.311  1.00 38.64 ? 67  SER A N   1 
ATOM   349  C CA  . SER A 1 67  ? 21.789  4.179   -3.965  1.00 42.68 ? 67  SER A CA  1 
ATOM   350  C C   . SER A 1 67  ? 20.920  3.284   -3.069  1.00 37.40 ? 67  SER A C   1 
ATOM   351  O O   . SER A 1 67  ? 20.154  2.456   -3.575  1.00 33.56 ? 67  SER A O   1 
ATOM   352  C CB  . SER A 1 67  ? 21.125  5.520   -4.058  1.00 44.83 ? 67  SER A CB  1 
ATOM   353  O OG  . SER A 1 67  ? 19.878  5.367   -4.715  1.00 43.38 ? 67  SER A OG  1 
ATOM   354  N N   . LYS A 1 68  ? 21.000  3.507   -1.763  1.00 38.42 ? 68  LYS A N   1 
ATOM   355  C CA  . LYS A 1 68  ? 20.149  2.781   -0.839  1.00 40.98 ? 68  LYS A CA  1 
ATOM   356  C C   . LYS A 1 68  ? 18.696  3.210   -1.069  1.00 42.23 ? 68  LYS A C   1 
ATOM   357  O O   . LYS A 1 68  ? 17.796  2.360   -0.957  1.00 38.86 ? 68  LYS A O   1 
ATOM   358  C CB  . LYS A 1 68  ? 20.586  2.974   0.612   1.00 39.57 ? 68  LYS A CB  1 
ATOM   359  C CG  . LYS A 1 68  ? 20.465  4.400   1.129   1.00 44.59 ? 68  LYS A CG  1 
ATOM   360  C CD  . LYS A 1 68  ? 20.929  4.493   2.547   1.00 43.38 ? 68  LYS A CD  1 
ATOM   361  C CE  . LYS A 1 68  ? 20.913  5.891   3.105   1.00 46.32 ? 68  LYS A CE  1 
ATOM   362  N NZ  . LYS A 1 68  ? 21.492  5.888   4.470   1.00 48.84 ? 68  LYS A NZ  1 
ATOM   363  N N   . GLU A 1 69  ? 18.511  4.477   -1.482  1.00 40.25 ? 69  GLU A N   1 
ATOM   364  C CA  . GLU A 1 69  ? 17.216  5.070   -1.790  1.00 40.85 ? 69  GLU A CA  1 
ATOM   365  C C   . GLU A 1 69  ? 16.571  4.282   -2.922  1.00 40.96 ? 69  GLU A C   1 
ATOM   366  O O   . GLU A 1 69  ? 15.395  3.977   -2.879  1.00 39.33 ? 69  GLU A O   1 
ATOM   367  C CB  . GLU A 1 69  ? 17.344  6.545   -2.178  1.00 44.54 ? 69  GLU A CB  1 
ATOM   368  C CG  . GLU A 1 69  ? 17.662  7.467   -0.997  1.00 45.55 ? 69  GLU A CG  1 
ATOM   369  C CD  . GLU A 1 69  ? 19.090  7.500   -0.464  1.00 49.18 ? 69  GLU A CD  1 
ATOM   370  O OE1 . GLU A 1 69  ? 20.041  7.050   -1.172  1.00 45.10 ? 69  GLU A OE1 1 
ATOM   371  O OE2 . GLU A 1 69  ? 19.247  7.945   0.674   1.00 50.82 ? 69  GLU A OE2 1 
ATOM   372  N N   . ALA A 1 70  ? 17.368  3.911   -3.926  1.00 36.23 ? 70  ALA A N   1 
ATOM   373  C CA  . ALA A 1 70  ? 16.839  3.173   -5.046  1.00 34.58 ? 70  ALA A CA  1 
ATOM   374  C C   . ALA A 1 70  ? 16.416  1.758   -4.628  1.00 30.21 ? 70  ALA A C   1 
ATOM   375  O O   . ALA A 1 70  ? 15.548  1.130   -5.284  1.00 32.40 ? 70  ALA A O   1 
ATOM   376  C CB  . ALA A 1 70  ? 17.857  3.128   -6.160  1.00 35.97 ? 70  ALA A CB  1 
ATOM   377  N N   . VAL A 1 71  ? 17.091  1.207   -3.613  1.00 29.63 ? 71  VAL A N   1 
ATOM   378  C CA  . VAL A 1 71  ? 16.710  -0.114  -3.067  1.00 28.60 ? 71  VAL A CA  1 
ATOM   379  C C   . VAL A 1 71  ? 15.296  -0.001  -2.466  1.00 27.87 ? 71  VAL A C   1 
ATOM   380  O O   . VAL A 1 71  ? 14.464  -0.847  -2.749  1.00 26.99 ? 71  VAL A O   1 
ATOM   381  C CB  . VAL A 1 71  ? 17.734  -0.701  -2.074  1.00 29.25 ? 71  VAL A CB  1 
ATOM   382  C CG1 . VAL A 1 71  ? 17.262  -2.040  -1.489  1.00 29.41 ? 71  VAL A CG1 1 
ATOM   383  C CG2 . VAL A 1 71  ? 19.094  -0.868  -2.757  1.00 29.02 ? 71  VAL A CG2 1 
ATOM   384  N N   . LEU A 1 72  ? 15.051  1.039   -1.672  1.00 29.64 ? 72  LEU A N   1 
ATOM   385  C CA  . LEU A 1 72  ? 13.704  1.241   -1.071  1.00 32.37 ? 72  LEU A CA  1 
ATOM   386  C C   . LEU A 1 72  ? 12.641  1.383   -2.157  1.00 34.15 ? 72  LEU A C   1 
ATOM   387  O O   . LEU A 1 72  ? 11.558  0.780   -2.065  1.00 32.22 ? 72  LEU A O   1 
ATOM   388  C CB  . LEU A 1 72  ? 13.703  2.477   -0.183  1.00 34.82 ? 72  LEU A CB  1 
ATOM   389  C CG  . LEU A 1 72  ? 12.352  2.844   0.448   1.00 33.54 ? 72  LEU A CG  1 
ATOM   390  C CD1 . LEU A 1 72  ? 11.748  1.650   1.169   1.00 32.56 ? 72  LEU A CD1 1 
ATOM   391  C CD2 . LEU A 1 72  ? 12.535  3.994   1.418   1.00 36.46 ? 72  LEU A CD2 1 
ATOM   392  N N   . LEU A 1 73  ? 12.964  2.160   -3.200  1.00 32.13 ? 73  LEU A N   1 
ATOM   393  C CA  . LEU A 1 73  ? 12.016  2.433   -4.251  1.00 30.71 ? 73  LEU A CA  1 
ATOM   394  C C   . LEU A 1 73  ? 11.573  1.124   -4.885  1.00 29.88 ? 73  LEU A C   1 
ATOM   395  O O   . LEU A 1 73  ? 10.374  0.931   -5.146  1.00 29.90 ? 73  LEU A O   1 
ATOM   396  C CB  . LEU A 1 73  ? 12.605  3.399   -5.291  1.00 32.55 ? 73  LEU A CB  1 
ATOM   397  C CG  . LEU A 1 73  ? 11.731  3.651   -6.523  1.00 33.01 ? 73  LEU A CG  1 
ATOM   398  C CD1 . LEU A 1 73  ? 10.489  4.460   -6.129  1.00 31.57 ? 73  LEU A CD1 1 
ATOM   399  C CD2 . LEU A 1 73  ? 12.503  4.375   -7.640  1.00 32.36 ? 73  LEU A CD2 1 
ATOM   400  N N   . THR A 1 74  ? 12.531  0.212   -5.136  1.00 28.54 ? 74  THR A N   1 
ATOM   401  C CA  . THR A 1 74  ? 12.203  -1.072  -5.728  1.00 25.22 ? 74  THR A CA  1 
ATOM   402  C C   . THR A 1 74  ? 11.357  -1.903  -4.764  1.00 25.88 ? 74  THR A C   1 
ATOM   403  O O   . THR A 1 74  ? 10.449  -2.604  -5.201  1.00 26.77 ? 74  THR A O   1 
ATOM   404  C CB  . THR A 1 74  ? 13.467  -1.866  -6.121  1.00 27.74 ? 74  THR A CB  1 
ATOM   405  O OG1 . THR A 1 74  ? 14.256  -1.010  -6.946  1.00 32.20 ? 74  THR A OG1 1 
ATOM   406  C CG2 . THR A 1 74  ? 13.148  -3.135  -6.869  1.00 27.42 ? 74  THR A CG2 1 
ATOM   407  N N   . LEU A 1 75  ? 11.730  -1.909  -3.478  1.00 27.65 ? 75  LEU A N   1 
ATOM   408  C CA  . LEU A 1 75  ? 10.965  -2.677  -2.471  1.00 30.85 ? 75  LEU A CA  1 
ATOM   409  C C   . LEU A 1 75  ? 9.512   -2.175  -2.481  1.00 29.33 ? 75  LEU A C   1 
ATOM   410  O O   . LEU A 1 75  ? 8.585   -2.969  -2.580  1.00 26.92 ? 75  LEU A O   1 
ATOM   411  C CB  . LEU A 1 75  ? 11.559  -2.507  -1.072  1.00 28.87 ? 75  LEU A CB  1 
ATOM   412  C CG  . LEU A 1 75  ? 12.831  -3.300  -0.785  1.00 30.65 ? 75  LEU A CG  1 
ATOM   413  C CD1 . LEU A 1 75  ? 13.462  -2.830  0.514   1.00 34.60 ? 75  LEU A CD1 1 
ATOM   414  C CD2 . LEU A 1 75  ? 12.571  -4.784  -0.749  1.00 32.16 ? 75  LEU A CD2 1 
ATOM   415  N N   . LEU A 1 76  ? 9.351   -0.855  -2.470  1.00 28.51 ? 76  LEU A N   1 
ATOM   416  C CA  . LEU A 1 76  ? 8.002   -0.267  -2.418  1.00 28.16 ? 76  LEU A CA  1 
ATOM   417  C C   . LEU A 1 76  ? 7.246   -0.582  -3.707  1.00 29.23 ? 76  LEU A C   1 
ATOM   418  O O   . LEU A 1 76  ? 6.110   -0.960  -3.684  1.00 28.70 ? 76  LEU A O   1 
ATOM   419  C CB  . LEU A 1 76  ? 8.085   1.233   -2.176  1.00 31.23 ? 76  LEU A CB  1 
ATOM   420  C CG  . LEU A 1 76  ? 6.717   1.906   -2.049  1.00 32.50 ? 76  LEU A CG  1 
ATOM   421  C CD1 . LEU A 1 76  ? 5.986   1.341   -0.832  1.00 34.23 ? 76  LEU A CD1 1 
ATOM   422  C CD2 . LEU A 1 76  ? 6.869   3.413   -1.941  1.00 36.16 ? 76  LEU A CD2 1 
ATOM   423  N N   . ASP A 1 77  ? 7.926   -0.467  -4.849  1.00 30.99 ? 77  ASP A N   1 
ATOM   424  C CA  . ASP A 1 77  ? 7.364   -0.771  -6.135  1.00 28.73 ? 77  ASP A CA  1 
ATOM   425  C C   . ASP A 1 77  ? 6.815   -2.207  -6.138  1.00 30.15 ? 77  ASP A C   1 
ATOM   426  O O   . ASP A 1 77  ? 5.720   -2.480  -6.615  1.00 26.88 ? 77  ASP A O   1 
ATOM   427  C CB  . ASP A 1 77  ? 8.412   -0.542  -7.233  1.00 31.88 ? 77  ASP A CB  1 
ATOM   428  C CG  . ASP A 1 77  ? 7.834   -0.793  -8.607  1.00 35.35 ? 77  ASP A CG  1 
ATOM   429  O OD1 . ASP A 1 77  ? 7.803   -1.945  -8.999  1.00 44.64 ? 77  ASP A OD1 1 
ATOM   430  O OD2 . ASP A 1 77  ? 7.322   0.145   -9.199  1.00 37.49 ? 77  ASP A OD2 1 
ATOM   431  N N   . ARG A 1 78  ? 7.582   -3.151  -5.592  1.00 27.95 ? 78  ARG A N   1 
ATOM   432  C CA  . ARG A 1 78  ? 7.143   -4.529  -5.559  1.00 30.23 ? 78  ARG A CA  1 
ATOM   433  C C   . ARG A 1 78  ? 5.889   -4.668  -4.667  1.00 27.70 ? 78  ARG A C   1 
ATOM   434  O O   . ARG A 1 78  ? 4.949   -5.372  -5.038  1.00 24.84 ? 78  ARG A O   1 
ATOM   435  C CB  . ARG A 1 78  ? 8.301   -5.416  -5.089  1.00 35.98 ? 78  ARG A CB  1 
ATOM   436  C CG  . ARG A 1 78  ? 7.929   -6.872  -4.852  1.00 49.58 ? 78  ARG A CG  1 
ATOM   437  C CD  . ARG A 1 78  ? 9.048   -7.639  -4.136  1.00 63.19 ? 78  ARG A CD  1 
ATOM   438  N NE  . ARG A 1 78  ? 9.339   -7.194  -2.762  1.00 69.65 ? 78  ARG A NE  1 
ATOM   439  C CZ  . ARG A 1 78  ? 8.647   -7.547  -1.673  1.00 64.54 ? 78  ARG A CZ  1 
ATOM   440  N NH1 . ARG A 1 78  ? 7.429   -8.057  -1.793  1.00 59.17 ? 78  ARG A NH1 1 
ATOM   441  N NH2 . ARG A 1 78  ? 9.188   -7.393  -0.475  1.00 49.54 ? 78  ARG A NH2 1 
ATOM   442  N N   . VAL A 1 79  ? 5.914   -4.075  -3.469  1.00 26.27 ? 79  VAL A N   1 
ATOM   443  C CA  . VAL A 1 79  ? 4.727   -4.142  -2.523  1.00 28.88 ? 79  VAL A CA  1 
ATOM   444  C C   . VAL A 1 79  ? 3.465   -3.554  -3.195  1.00 27.86 ? 79  VAL A C   1 
ATOM   445  O O   . VAL A 1 79  ? 2.395   -4.167  -3.184  1.00 26.18 ? 79  VAL A O   1 
ATOM   446  C CB  . VAL A 1 79  ? 5.002   -3.478  -1.151  1.00 28.73 ? 79  VAL A CB  1 
ATOM   447  C CG1 . VAL A 1 79  ? 3.776   -3.517  -0.263  1.00 30.26 ? 79  VAL A CG1 1 
ATOM   448  C CG2 . VAL A 1 79  ? 6.140   -4.142  -0.401  1.00 30.69 ? 79  VAL A CG2 1 
ATOM   449  N N   . VAL A 1 80  ? 3.598   -2.368  -3.788  1.00 24.97 ? 80  VAL A N   1 
ATOM   450  C CA  . VAL A 1 80  ? 2.496   -1.655  -4.443  1.00 26.63 ? 80  VAL A CA  1 
ATOM   451  C C   . VAL A 1 80  ? 1.902   -2.484  -5.588  1.00 26.23 ? 80  VAL A C   1 
ATOM   452  O O   . VAL A 1 80  ? 0.684   -2.649  -5.728  1.00 23.53 ? 80  VAL A O   1 
ATOM   453  C CB  . VAL A 1 80  ? 3.022   -0.296  -4.903  1.00 26.99 ? 80  VAL A CB  1 
ATOM   454  C CG1 . VAL A 1 80  ? 2.185   0.286   -6.018  1.00 31.11 ? 80  VAL A CG1 1 
ATOM   455  C CG2 . VAL A 1 80  ? 3.223   0.667   -3.732  1.00 26.62 ? 80  VAL A CG2 1 
ATOM   456  N N   . ASN A 1 81  ? 2.780   -3.066  -6.422  1.00 26.59 ? 81  ASN A N   1 
ATOM   457  C CA  . ASN A 1 81  ? 2.326   -3.900  -7.534  1.00 28.73 ? 81  ASN A CA  1 
ATOM   458  C C   . ASN A 1 81  ? 1.684   -5.208  -7.058  1.00 26.11 ? 81  ASN A C   1 
ATOM   459  O O   . ASN A 1 81  ? 0.754   -5.666  -7.674  1.00 27.73 ? 81  ASN A O   1 
ATOM   460  C CB  . ASN A 1 81  ? 3.450   -4.153  -8.550  1.00 34.01 ? 81  ASN A CB  1 
ATOM   461  C CG  . ASN A 1 81  ? 3.493   -3.015  -9.546  1.00 35.07 ? 81  ASN A CG  1 
ATOM   462  O OD1 . ASN A 1 81  ? 2.655   -2.964  -10.452 1.00 37.40 ? 81  ASN A OD1 1 
ATOM   463  N ND2 . ASN A 1 81  ? 4.342   -2.031  -9.277  1.00 31.42 ? 81  ASN A ND2 1 
ATOM   464  N N   . GLN A 1 82  ? 2.168   -5.801  -5.969  1.00 27.30 ? 82  GLN A N   1 
ATOM   465  C CA  . GLN A 1 82  ? 1.544   -6.998  -5.387  1.00 28.28 ? 82  GLN A CA  1 
ATOM   466  C C   . GLN A 1 82  ? 0.100   -6.699  -4.958  1.00 25.33 ? 82  GLN A C   1 
ATOM   467  O O   . GLN A 1 82  ? -0.828  -7.422  -5.241  1.00 24.60 ? 82  GLN A O   1 
ATOM   468  C CB  . GLN A 1 82  ? 2.409   -7.412  -4.199  1.00 34.81 ? 82  GLN A CB  1 
ATOM   469  C CG  . GLN A 1 82  ? 2.054   -8.743  -3.559  1.00 39.73 ? 82  GLN A CG  1 
ATOM   470  C CD  . GLN A 1 82  ? 3.049   -9.028  -2.454  1.00 50.67 ? 82  GLN A CD  1 
ATOM   471  O OE1 . GLN A 1 82  ? 4.270   -8.776  -2.575  1.00 52.92 ? 82  GLN A OE1 1 
ATOM   472  N NE2 . GLN A 1 82  ? 2.509   -9.511  -1.344  1.00 47.84 ? 82  GLN A NE2 1 
ATOM   473  N N   . ALA A 1 83  ? -0.101  -5.544  -4.323  1.00 23.93 ? 83  ALA A N   1 
ATOM   474  C CA  . ALA A 1 83  ? -1.446  -5.129  -3.910  1.00 22.44 ? 83  ALA A CA  1 
ATOM   475  C C   . ALA A 1 83  ? -2.326  -4.907  -5.159  1.00 21.29 ? 83  ALA A C   1 
ATOM   476  O O   . ALA A 1 83  ? -3.479  -5.317  -5.231  1.00 25.46 ? 83  ALA A O   1 
ATOM   477  C CB  . ALA A 1 83  ? -1.309  -3.866  -3.078  1.00 23.84 ? 83  ALA A CB  1 
ATOM   478  N N   . ASP A 1 84  ? -1.773  -4.180  -6.128  1.00 25.80 ? 84  ASP A N   1 
ATOM   479  C CA  . ASP A 1 84  ? -2.488  -3.823  -7.310  1.00 24.69 ? 84  ASP A CA  1 
ATOM   480  C C   . ASP A 1 84  ? -2.916  -5.099  -8.041  1.00 25.07 ? 84  ASP A C   1 
ATOM   481  O O   . ASP A 1 84  ? -4.074  -5.228  -8.436  1.00 23.05 ? 84  ASP A O   1 
ATOM   482  C CB  . ASP A 1 84  ? -1.651  -2.960  -8.253  1.00 25.99 ? 84  ASP A CB  1 
ATOM   483  C CG  . ASP A 1 84  ? -2.518  -2.344  -9.328  1.00 31.48 ? 84  ASP A CG  1 
ATOM   484  O OD1 . ASP A 1 84  ? -3.527  -1.680  -8.968  1.00 25.12 ? 84  ASP A OD1 1 
ATOM   485  O OD2 . ASP A 1 84  ? -2.216  -2.568  -10.502 1.00 30.30 ? 84  ASP A OD2 1 
ATOM   486  N N   . MET A 1 85  ? -1.963  -6.036  -8.198  1.00 27.13 ? 85  MET A N   1 
ATOM   487  C CA  . MET A 1 85  ? -2.254  -7.323  -8.874  1.00 31.24 ? 85  MET A CA  1 
ATOM   488  C C   . MET A 1 85  ? -3.314  -8.126  -8.115  1.00 27.74 ? 85  MET A C   1 
ATOM   489  O O   . MET A 1 85  ? -4.161  -8.732  -8.710  1.00 26.85 ? 85  MET A O   1 
ATOM   490  C CB  . MET A 1 85  ? -0.982  -8.160  -9.043  1.00 36.28 ? 85  MET A CB  1 
ATOM   491  C CG  . MET A 1 85  ? -0.094  -7.625  -10.152 1.00 45.91 ? 85  MET A CG  1 
ATOM   492  S SD  . MET A 1 85  ? 1.425   -8.609  -10.452 1.00 62.88 ? 85  MET A SD  1 
ATOM   493  C CE  . MET A 1 85  ? 2.428   -8.178  -9.023  1.00 55.49 ? 85  MET A CE  1 
ATOM   494  N N   . ALA A 1 86  ? -3.261  -8.134  -6.779  1.00 26.43 ? 86  ALA A N   1 
ATOM   495  C CA  . ALA A 1 86  ? -4.240  -8.818  -5.989  1.00 26.53 ? 86  ALA A CA  1 
ATOM   496  C C   . ALA A 1 86  ? -5.606  -8.165  -6.201  1.00 28.76 ? 86  ALA A C   1 
ATOM   497  O O   . ALA A 1 86  ? -6.605  -8.853  -6.402  1.00 26.19 ? 86  ALA A O   1 
ATOM   498  C CB  . ALA A 1 86  ? -3.814  -8.824  -4.541  1.00 27.21 ? 86  ALA A CB  1 
ATOM   499  N N   . LEU A 1 87  ? -5.661  -6.835  -6.229  1.00 26.05 ? 87  LEU A N   1 
ATOM   500  C CA  . LEU A 1 87  ? -6.962  -6.183  -6.483  1.00 27.92 ? 87  LEU A CA  1 
ATOM   501  C C   . LEU A 1 87  ? -7.469  -6.524  -7.905  1.00 28.42 ? 87  LEU A C   1 
ATOM   502  O O   . LEU A 1 87  ? -8.643  -6.774  -8.085  1.00 28.72 ? 87  LEU A O   1 
ATOM   503  C CB  . LEU A 1 87  ? -6.811  -4.669  -6.287  1.00 28.37 ? 87  LEU A CB  1 
ATOM   504  C CG  . LEU A 1 87  ? -8.069  -3.845  -6.551  1.00 30.59 ? 87  LEU A CG  1 
ATOM   505  C CD1 . LEU A 1 87  ? -9.200  -4.257  -5.620  1.00 32.96 ? 87  LEU A CD1 1 
ATOM   506  C CD2 . LEU A 1 87  ? -7.753  -2.362  -6.367  1.00 31.46 ? 87  LEU A CD2 1 
ATOM   507  N N   . GLN A 1 88  ? -6.587  -6.531  -8.902  1.00 26.45 ? 88  GLN A N   1 
ATOM   508  C CA  . GLN A 1 88  ? -6.993  -6.898  -10.302 1.00 33.02 ? 88  GLN A CA  1 
ATOM   509  C C   . GLN A 1 88  ? -7.657  -8.282  -10.297 1.00 34.92 ? 88  GLN A C   1 
ATOM   510  O O   . GLN A 1 88  ? -8.645  -8.493  -10.997 1.00 31.93 ? 88  GLN A O   1 
ATOM   511  C CB  . GLN A 1 88  ? -5.809  -6.925  -11.271 1.00 35.51 ? 88  GLN A CB  1 
ATOM   512  C CG  . GLN A 1 88  ? -5.329  -5.549  -11.720 1.00 41.84 ? 88  GLN A CG  1 
ATOM   513  C CD  . GLN A 1 88  ? -4.118  -5.630  -12.623 1.00 51.34 ? 88  GLN A CD  1 
ATOM   514  O OE1 . GLN A 1 88  ? -3.065  -5.031  -12.354 1.00 53.14 ? 88  GLN A OE1 1 
ATOM   515  N NE2 . GLN A 1 88  ? -4.250  -6.410  -13.689 1.00 44.34 ? 88  GLN A NE2 1 
ATOM   516  N N   . THR A 1 89  ? -7.105  -9.215  -9.496  1.00 35.27 ? 89  THR A N   1 
ATOM   517  C CA  . THR A 1 89  ? -7.590  -10.598 -9.427  1.00 37.30 ? 89  THR A CA  1 
ATOM   518  C C   . THR A 1 89  ? -9.019  -10.653 -8.886  1.00 40.49 ? 89  THR A C   1 
ATOM   519  O O   . THR A 1 89  ? -9.883  -11.343 -9.427  1.00 38.30 ? 89  THR A O   1 
ATOM   520  C CB  . THR A 1 89  ? -6.658  -11.458 -8.567  1.00 40.56 ? 89  THR A CB  1 
ATOM   521  O OG1 . THR A 1 89  ? -5.432  -11.563 -9.290  1.00 40.11 ? 89  THR A OG1 1 
ATOM   522  C CG2 . THR A 1 89  ? -7.229  -12.827 -8.281  1.00 45.05 ? 89  THR A CG2 1 
ATOM   523  N N   . LEU A 1 90  ? -9.246  -9.950  -7.773  1.00 39.39 ? 90  LEU A N   1 
ATOM   524  C CA  . LEU A 1 90  ? -10.576 -9.754  -7.207  1.00 38.29 ? 90  LEU A CA  1 
ATOM   525  C C   . LEU A 1 90  ? -11.544 -9.192  -8.246  1.00 39.39 ? 90  LEU A C   1 
ATOM   526  O O   . LEU A 1 90  ? -12.693 -9.640  -8.353  1.00 40.09 ? 90  LEU A O   1 
ATOM   527  C CB  . LEU A 1 90  ? -10.446 -8.763  -6.051  1.00 41.17 ? 90  LEU A CB  1 
ATOM   528  C CG  . LEU A 1 90  ? -11.006 -9.207  -4.709  1.00 46.84 ? 90  LEU A CG  1 
ATOM   529  C CD1 . LEU A 1 90  ? -10.579 -10.627 -4.370  1.00 49.94 ? 90  LEU A CD1 1 
ATOM   530  C CD2 . LEU A 1 90  ? -10.564 -8.237  -3.622  1.00 40.09 ? 90  LEU A CD2 1 
ATOM   531  N N   . ALA A 1 91  ? -11.099 -8.145  -8.951  1.00 40.01 ? 91  ALA A N   1 
ATOM   532  C CA  . ALA A 1 91  ? -11.953 -7.413  -9.869  1.00 46.78 ? 91  ALA A CA  1 
ATOM   533  C C   . ALA A 1 91  ? -12.409 -8.330  -11.015 1.00 52.56 ? 91  ALA A C   1 
ATOM   534  O O   . ALA A 1 91  ? -13.429 -8.079  -11.635 1.00 56.64 ? 91  ALA A O   1 
ATOM   535  C CB  . ALA A 1 91  ? -11.212 -6.204  -10.402 1.00 41.77 ? 91  ALA A CB  1 
ATOM   536  N N   . GLU A 1 92  ? -11.605 -9.349  -11.329 1.00 53.30 ? 92  GLU A N   1 
ATOM   537  C CA  . GLU A 1 92  ? -11.871 -10.250 -12.431 1.00 57.28 ? 92  GLU A CA  1 
ATOM   538  C C   . GLU A 1 92  ? -12.682 -11.456 -11.941 1.00 56.07 ? 92  GLU A C   1 
ATOM   539  O O   . GLU A 1 92  ? -13.333 -12.080 -12.739 1.00 61.90 ? 92  GLU A O   1 
ATOM   540  C CB  . GLU A 1 92  ? -10.552 -10.672 -13.092 1.00 58.66 ? 92  GLU A CB  1 
ATOM   541  C CG  . GLU A 1 92  ? -9.868  -9.550  -13.859 1.00 59.00 ? 92  GLU A CG  1 
ATOM   542  C CD  . GLU A 1 92  ? -8.448  -9.845  -14.313 1.00 58.91 ? 92  GLU A CD  1 
ATOM   543  O OE1 . GLU A 1 92  ? -8.002  -10.987 -14.157 1.00 58.28 ? 92  GLU A OE1 1 
ATOM   544  O OE2 . GLU A 1 92  ? -7.794  -8.923  -14.816 1.00 64.08 ? 92  GLU A OE2 1 
ATOM   545  N N   . ASN A 1 93  ? -12.611 -11.788 -10.642 1.00 65.88 ? 93  ASN A N   1 
ATOM   546  C CA  . ASN A 1 93  ? -13.370 -12.927 -10.050 1.00 64.20 ? 93  ASN A CA  1 
ATOM   547  C C   . ASN A 1 93  ? -14.194 -12.462 -8.854  1.00 68.10 ? 93  ASN A C   1 
ATOM   548  O O   . ASN A 1 93  ? -13.800 -12.677 -7.705  1.00 68.52 ? 93  ASN A O   1 
ATOM   549  C CB  . ASN A 1 93  ? -12.469 -14.071 -9.582  1.00 63.34 ? 93  ASN A CB  1 
ATOM   550  C CG  . ASN A 1 93  ? -11.233 -14.230 -10.433 1.00 61.94 ? 93  ASN A CG  1 
ATOM   551  O OD1 . ASN A 1 93  ? -10.177 -14.576 -9.919  1.00 66.42 ? 93  ASN A OD1 1 
ATOM   552  N ND2 . ASN A 1 93  ? -11.351 -13.951 -11.719 1.00 64.78 ? 93  ASN A ND2 1 
ATOM   553  N N   . PRO A 1 94  ? -15.380 -11.848 -9.078  1.00 69.77 ? 94  PRO A N   1 
ATOM   554  C CA  . PRO A 1 94  ? -16.295 -11.511 -7.978  1.00 67.21 ? 94  PRO A CA  1 
ATOM   555  C C   . PRO A 1 94  ? -16.530 -12.627 -6.934  1.00 63.03 ? 94  PRO A C   1 
ATOM   556  O O   . PRO A 1 94  ? -16.970 -13.713 -7.279  1.00 57.74 ? 94  PRO A O   1 
ATOM   557  C CB  . PRO A 1 94  ? -17.616 -11.208 -8.722  1.00 65.11 ? 94  PRO A CB  1 
ATOM   558  C CG  . PRO A 1 94  ? -17.379 -11.685 -10.153 1.00 68.77 ? 94  PRO A CG  1 
ATOM   559  C CD  . PRO A 1 94  ? -15.904 -11.458 -10.396 1.00 60.48 ? 94  PRO A CD  1 
ATOM   560  N N   . ALA A 1 95  ? -16.256 -12.351 -5.653  1.00 59.03 ? 95  ALA A N   1 
ATOM   561  C CA  . ALA A 1 95  ? -16.734 -13.221 -4.566  1.00 54.42 ? 95  ALA A CA  1 
ATOM   562  C C   . ALA A 1 95  ? -18.267 -13.110 -4.500  1.00 57.83 ? 95  ALA A C   1 
ATOM   563  O O   . ALA A 1 95  ? -18.804 -12.010 -4.753  1.00 54.30 ? 95  ALA A O   1 
ATOM   564  C CB  . ALA A 1 95  ? -16.061 -12.860 -3.257  1.00 52.13 ? 95  ALA A CB  1 
ATOM   565  N N   . ASP A 1 96  ? -18.958 -14.243 -4.240  1.00 57.30 ? 96  ASP A N   1 
ATOM   566  C CA  . ASP A 1 96  ? -20.457 -14.355 -4.224  1.00 56.65 ? 96  ASP A CA  1 
ATOM   567  C C   . ASP A 1 96  ? -20.939 -14.090 -2.795  1.00 62.86 ? 96  ASP A C   1 
ATOM   568  O O   . ASP A 1 96  ? -21.019 -15.020 -1.958  1.00 60.87 ? 96  ASP A O   1 
ATOM   569  C CB  . ASP A 1 96  ? -20.971 -15.713 -4.731  1.00 54.32 ? 96  ASP A CB  1 
ATOM   570  N N   . THR A 1 97  ? -21.206 -12.802 -2.521  1.00 70.90 ? 97  THR A N   1 
ATOM   571  C CA  . THR A 1 97  ? -21.565 -12.272 -1.191  1.00 59.76 ? 97  THR A CA  1 
ATOM   572  C C   . THR A 1 97  ? -22.304 -10.929 -1.325  1.00 52.01 ? 97  THR A C   1 
ATOM   573  O O   . THR A 1 97  ? -22.525 -10.401 -2.416  1.00 54.79 ? 97  THR A O   1 
ATOM   574  C CB  . THR A 1 97  ? -20.332 -12.085 -0.291  1.00 58.28 ? 97  THR A CB  1 
ATOM   575  O OG1 . THR A 1 97  ? -19.262 -11.538 -1.074  1.00 53.35 ? 97  THR A OG1 1 
ATOM   576  C CG2 . THR A 1 97  ? -19.908 -13.360 0.399   1.00 57.57 ? 97  THR A CG2 1 
ATOM   577  N N   . ASP A 1 98  ? -22.676 -10.377 -0.165  1.00 45.82 ? 98  ASP A N   1 
ATOM   578  C CA  . ASP A 1 98  ? -23.305 -9.120  -0.100  1.00 40.85 ? 98  ASP A CA  1 
ATOM   579  C C   . ASP A 1 98  ? -22.275 -8.007  -0.311  1.00 40.95 ? 98  ASP A C   1 
ATOM   580  O O   . ASP A 1 98  ? -21.054 -8.239  -0.435  1.00 34.79 ? 98  ASP A O   1 
ATOM   581  C CB  . ASP A 1 98  ? -24.030 -8.968  1.232   1.00 44.85 ? 98  ASP A CB  1 
ATOM   582  C CG  . ASP A 1 98  ? -23.182 -9.226  2.450   1.00 43.66 ? 98  ASP A CG  1 
ATOM   583  O OD1 . ASP A 1 98  ? -22.020 -8.846  2.443   1.00 44.38 ? 98  ASP A OD1 1 
ATOM   584  O OD2 . ASP A 1 98  ? -23.722 -9.799  3.404   1.00 57.98 ? 98  ASP A OD2 1 
ATOM   585  N N   . ARG A 1 99  ? -22.805 -6.794  -0.381  1.00 38.42 ? 99  ARG A N   1 
ATOM   586  C CA  . ARG A 1 99  ? -22.033 -5.627  -0.736  1.00 40.66 ? 99  ARG A CA  1 
ATOM   587  C C   . ARG A 1 99  ? -21.038 -5.311  0.385   1.00 30.67 ? 99  ARG A C   1 
ATOM   588  O O   . ARG A 1 99  ? -19.948 -4.908  0.080   1.00 35.53 ? 99  ARG A O   1 
ATOM   589  C CB  . ARG A 1 99  ? -22.958 -4.442  -1.022  1.00 40.80 ? 99  ARG A CB  1 
ATOM   590  C CG  . ARG A 1 99  ? -23.766 -4.008  0.184   1.00 46.31 ? 99  ARG A CG  1 
ATOM   591  C CD  . ARG A 1 99  ? -25.016 -3.311  -0.273  1.00 49.19 ? 99  ARG A CD  1 
ATOM   592  N NE  . ARG A 1 99  ? -25.642 -2.609  0.826   1.00 49.31 ? 99  ARG A NE  1 
ATOM   593  C CZ  . ARG A 1 99  ? -26.764 -1.921  0.692   1.00 50.09 ? 99  ARG A CZ  1 
ATOM   594  N NH1 . ARG A 1 99  ? -27.438 -1.979  -0.447  1.00 55.66 ? 99  ARG A NH1 1 
ATOM   595  N NH2 . ARG A 1 99  ? -27.176 -1.164  1.682   1.00 47.72 ? 99  ARG A NH2 1 
ATOM   596  N N   . GLU A 1 100 ? -21.403 -5.557  1.652   1.00 29.73 ? 100 GLU A N   1 
ATOM   597  C CA  . GLU A 1 100 ? -20.519 -5.296  2.738   1.00 33.49 ? 100 GLU A CA  1 
ATOM   598  C C   . GLU A 1 100 ? -19.264 -6.155  2.567   1.00 35.74 ? 100 GLU A C   1 
ATOM   599  O O   . GLU A 1 100 ? -18.116 -5.683  2.637   1.00 27.79 ? 100 GLU A O   1 
ATOM   600  C CB  . GLU A 1 100 ? -21.169 -5.578  4.084   1.00 35.76 ? 100 GLU A CB  1 
ATOM   601  C CG  . GLU A 1 100 ? -20.173 -5.406  5.203   1.00 40.21 ? 100 GLU A CG  1 
ATOM   602  C CD  . GLU A 1 100 ? -20.691 -5.562  6.611   1.00 51.13 ? 100 GLU A CD  1 
ATOM   603  O OE1 . GLU A 1 100 ? -21.903 -5.322  6.837   1.00 55.51 ? 100 GLU A OE1 1 
ATOM   604  O OE2 . GLU A 1 100 ? -19.861 -5.896  7.478   1.00 55.95 ? 100 GLU A OE2 1 
ATOM   605  N N   . ASN A 1 101 ? -19.496 -7.443  2.325   1.00 31.24 ? 101 ASN A N   1 
ATOM   606  C CA  . ASN A 1 101 ? -18.407 -8.389  2.174   1.00 33.68 ? 101 ASN A CA  1 
ATOM   607  C C   . ASN A 1 101 ? -17.550 -8.094  0.944   1.00 27.77 ? 101 ASN A C   1 
ATOM   608  O O   . ASN A 1 101 ? -16.325 -8.343  0.956   1.00 33.66 ? 101 ASN A O   1 
ATOM   609  C CB  . ASN A 1 101 ? -18.931 -9.816  2.075   1.00 37.53 ? 101 ASN A CB  1 
ATOM   610  C CG  . ASN A 1 101 ? -17.964 -10.741 2.749   1.00 44.87 ? 101 ASN A CG  1 
ATOM   611  O OD1 . ASN A 1 101 ? -17.687 -10.576 3.939   1.00 41.73 ? 101 ASN A OD1 1 
ATOM   612  N ND2 . ASN A 1 101 ? -17.458 -11.692 1.976   1.00 49.67 ? 101 ASN A ND2 1 
ATOM   613  N N   . MET A 1 102 ? -18.172 -7.600  -0.135  1.00 27.51 ? 102 MET A N   1 
ATOM   614  C CA  . MET A 1 102 ? -17.436 -7.206  -1.362  1.00 27.28 ? 102 MET A CA  1 
ATOM   615  C C   . MET A 1 102 ? -16.408 -6.105  -1.012  1.00 24.82 ? 102 MET A C   1 
ATOM   616  O O   . MET A 1 102 ? -15.254 -6.148  -1.444  1.00 25.89 ? 102 MET A O   1 
ATOM   617  C CB  . MET A 1 102 ? -18.415 -6.670  -2.431  1.00 32.43 ? 102 MET A CB  1 
ATOM   618  C CG  . MET A 1 102 ? -17.753 -5.976  -3.635  1.00 37.36 ? 102 MET A CG  1 
ATOM   619  S SD  . MET A 1 102 ? -18.890 -5.212  -4.908  1.00 45.15 ? 102 MET A SD  1 
ATOM   620  C CE  . MET A 1 102 ? -19.313 -3.661  -4.104  1.00 39.05 ? 102 MET A CE  1 
ATOM   621  N N   . TRP A 1 103 ? -16.841 -5.077  -0.283  1.00 24.81 ? 103 TRP A N   1 
ATOM   622  C CA  . TRP A 1 103 ? -15.900 -3.987  0.085   1.00 22.32 ? 103 TRP A CA  1 
ATOM   623  C C   . TRP A 1 103 ? -14.838 -4.510  1.052   1.00 21.16 ? 103 TRP A C   1 
ATOM   624  O O   . TRP A 1 103 ? -13.682 -4.151  0.959   1.00 24.37 ? 103 TRP A O   1 
ATOM   625  C CB  . TRP A 1 103 ? -16.659 -2.781  0.637   1.00 23.53 ? 103 TRP A CB  1 
ATOM   626  C CG  . TRP A 1 103 ? -17.457 -2.065  -0.421  1.00 23.60 ? 103 TRP A CG  1 
ATOM   627  C CD1 . TRP A 1 103 ? -18.815 -2.104  -0.580  1.00 24.76 ? 103 TRP A CD1 1 
ATOM   628  C CD2 . TRP A 1 103 ? -16.951 -1.261  -1.503  1.00 23.23 ? 103 TRP A CD2 1 
ATOM   629  N NE1 . TRP A 1 103 ? -19.182 -1.350  -1.672  1.00 27.07 ? 103 TRP A NE1 1 
ATOM   630  C CE2 . TRP A 1 103 ? -18.068 -0.839  -2.261  1.00 24.97 ? 103 TRP A CE2 1 
ATOM   631  C CE3 . TRP A 1 103 ? -15.670 -0.894  -1.940  1.00 25.80 ? 103 TRP A CE3 1 
ATOM   632  C CZ2 . TRP A 1 103 ? -17.945 -0.038  -3.386  1.00 25.81 ? 103 TRP A CZ2 1 
ATOM   633  C CZ3 . TRP A 1 103 ? -15.549 -0.108  -3.074  1.00 26.63 ? 103 TRP A CZ3 1 
ATOM   634  C CH2 . TRP A 1 103 ? -16.681 0.305   -3.781  1.00 25.40 ? 103 TRP A CH2 1 
ATOM   635  N N   . ARG A 1 104 ? -15.241 -5.328  2.019   1.00 21.64 ? 104 ARG A N   1 
ATOM   636  C CA  . ARG A 1 104 ? -14.315 -5.836  2.979   1.00 20.08 ? 104 ARG A CA  1 
ATOM   637  C C   . ARG A 1 104 ? -13.209 -6.616  2.271   1.00 20.71 ? 104 ARG A C   1 
ATOM   638  O O   . ARG A 1 104 ? -12.033 -6.505  2.607   1.00 19.22 ? 104 ARG A O   1 
ATOM   639  C CB  . ARG A 1 104 ? -15.046 -6.760  3.962   1.00 23.47 ? 104 ARG A CB  1 
ATOM   640  C CG  . ARG A 1 104 ? -14.164 -7.396  5.014   1.00 23.83 ? 104 ARG A CG  1 
ATOM   641  C CD  . ARG A 1 104 ? -14.965 -8.173  6.034   1.00 25.39 ? 104 ARG A CD  1 
ATOM   642  N NE  . ARG A 1 104 ? -16.057 -7.410  6.640   1.00 31.67 ? 104 ARG A NE  1 
ATOM   643  C CZ  . ARG A 1 104 ? -15.969 -6.704  7.766   1.00 33.01 ? 104 ARG A CZ  1 
ATOM   644  N NH1 . ARG A 1 104 ? -14.829 -6.650  8.447   1.00 35.14 ? 104 ARG A NH1 1 
ATOM   645  N NH2 . ARG A 1 104 ? -17.043 -6.069  8.214   1.00 27.66 ? 104 ARG A NH2 1 
ATOM   646  N N   . THR A 1 105 ? -13.603 -7.474  1.313   1.00 21.52 ? 105 THR A N   1 
ATOM   647  C CA  . THR A 1 105 ? -12.630 -8.317  0.636   1.00 21.83 ? 105 THR A CA  1 
ATOM   648  C C   . THR A 1 105 ? -11.595 -7.411  -0.043  1.00 19.86 ? 105 THR A C   1 
ATOM   649  O O   . THR A 1 105 ? -10.395 -7.751  -0.127  1.00 20.72 ? 105 THR A O   1 
ATOM   650  C CB  . THR A 1 105 ? -13.349 -9.344  -0.278  1.00 24.73 ? 105 THR A CB  1 
ATOM   651  O OG1 . THR A 1 105 ? -14.190 -10.200 0.506   1.00 26.52 ? 105 THR A OG1 1 
ATOM   652  C CG2 . THR A 1 105 ? -12.378 -10.237 -1.012  1.00 28.99 ? 105 THR A CG2 1 
ATOM   653  N N   . GLY A 1 106 ? -12.065 -6.328  -0.668  1.00 21.88 ? 106 GLY A N   1 
ATOM   654  C CA  . GLY A 1 106 ? -11.191 -5.444  -1.420  1.00 20.46 ? 106 GLY A CA  1 
ATOM   655  C C   . GLY A 1 106 ? -10.271 -4.639  -0.492  1.00 18.81 ? 106 GLY A C   1 
ATOM   656  O O   . GLY A 1 106 ? -9.043  -4.605  -0.687  1.00 18.69 ? 106 GLY A O   1 
ATOM   657  N N   . ILE A 1 107 ? -10.845 -4.056  0.565   1.00 18.93 ? 107 ILE A N   1 
ATOM   658  C CA  . ILE A 1 107 ? -9.986  -3.341  1.559   1.00 21.61 ? 107 ILE A CA  1 
ATOM   659  C C   . ILE A 1 107 ? -8.940  -4.299  2.151   1.00 19.04 ? 107 ILE A C   1 
ATOM   660  O O   . ILE A 1 107 ? -7.796  -3.918  2.355   1.00 20.92 ? 107 ILE A O   1 
ATOM   661  C CB  . ILE A 1 107 ? -10.832 -2.658  2.652   1.00 21.08 ? 107 ILE A CB  1 
ATOM   662  C CG1 . ILE A 1 107 ? -11.718 -1.594  2.005   1.00 22.37 ? 107 ILE A CG1 1 
ATOM   663  C CG2 . ILE A 1 107 ? -9.913  -2.096  3.706   1.00 20.56 ? 107 ILE A CG2 1 
ATOM   664  C CD1 . ILE A 1 107 ? -12.862 -1.101  2.855   1.00 25.91 ? 107 ILE A CD1 1 
ATOM   665  N N   . ASN A 1 108 ? -9.338  -5.560  2.381   1.00 21.09 ? 108 ASN A N   1 
ATOM   666  C CA  . ASN A 1 108 ? -8.471  -6.596  2.943   1.00 20.94 ? 108 ASN A CA  1 
ATOM   667  C C   . ASN A 1 108 ? -7.220  -6.873  2.090   1.00 20.41 ? 108 ASN A C   1 
ATOM   668  O O   . ASN A 1 108 ? -6.193  -7.214  2.638   1.00 21.74 ? 108 ASN A O   1 
ATOM   669  C CB  . ASN A 1 108 ? -9.216  -7.910  3.140   1.00 22.30 ? 108 ASN A CB  1 
ATOM   670  C CG  . ASN A 1 108 ? -8.386  -8.904  3.934   1.00 21.61 ? 108 ASN A CG  1 
ATOM   671  O OD1 . ASN A 1 108 ? -8.014  -8.646  5.074   1.00 20.18 ? 108 ASN A OD1 1 
ATOM   672  N ND2 . ASN A 1 108 ? -8.119  -10.062 3.341   1.00 20.63 ? 108 ASN A ND2 1 
ATOM   673  N N   . VAL A 1 109 ? -7.291  -6.700  0.759   1.00 19.74 ? 109 VAL A N   1 
ATOM   674  C CA  . VAL A 1 109 ? -6.098  -6.855  -0.062  1.00 22.56 ? 109 VAL A CA  1 
ATOM   675  C C   . VAL A 1 109 ? -4.989  -5.895  0.417   1.00 20.57 ? 109 VAL A C   1 
ATOM   676  O O   . VAL A 1 109 ? -3.802  -6.261  0.457   1.00 20.69 ? 109 VAL A O   1 
ATOM   677  C CB  . VAL A 1 109 ? -6.471  -6.584  -1.533  1.00 27.89 ? 109 VAL A CB  1 
ATOM   678  C CG1 . VAL A 1 109 ? -5.251  -6.256  -2.360  1.00 31.16 ? 109 VAL A CG1 1 
ATOM   679  C CG2 . VAL A 1 109 ? -7.266  -7.742  -2.082  1.00 30.29 ? 109 VAL A CG2 1 
ATOM   680  N N   . PHE A 1 110 ? -5.368  -4.659  0.768   1.00 21.25 ? 110 PHE A N   1 
ATOM   681  C CA  . PHE A 1 110 ? -4.407  -3.595  1.184   1.00 20.91 ? 110 PHE A CA  1 
ATOM   682  C C   . PHE A 1 110 ? -3.935  -3.866  2.620   1.00 21.04 ? 110 PHE A C   1 
ATOM   683  O O   . PHE A 1 110 ? -2.749  -3.731  2.946   1.00 20.30 ? 110 PHE A O   1 
ATOM   684  C CB  . PHE A 1 110 ? -5.039  -2.207  0.987   1.00 26.03 ? 110 PHE A CB  1 
ATOM   685  C CG  . PHE A 1 110 ? -5.202  -1.925  -0.483  1.00 25.99 ? 110 PHE A CG  1 
ATOM   686  C CD1 . PHE A 1 110 ? -4.156  -1.402  -1.222  1.00 27.79 ? 110 PHE A CD1 1 
ATOM   687  C CD2 . PHE A 1 110 ? -6.305  -2.404  -1.177  1.00 29.04 ? 110 PHE A CD2 1 
ATOM   688  C CE1 . PHE A 1 110 ? -4.261  -1.248  -2.608  1.00 29.77 ? 110 PHE A CE1 1 
ATOM   689  C CE2 . PHE A 1 110 ? -6.401  -2.278  -2.564  1.00 32.27 ? 110 PHE A CE2 1 
ATOM   690  C CZ  . PHE A 1 110 ? -5.377  -1.701  -3.284  1.00 28.91 ? 110 PHE A CZ  1 
ATOM   691  N N   . PHE A 1 111 ? -4.896  -4.183  3.486   1.00 19.91 ? 111 PHE A N   1 
ATOM   692  C CA  . PHE A 1 111 ? -4.587  -4.560  4.891   1.00 20.81 ? 111 PHE A CA  1 
ATOM   693  C C   . PHE A 1 111 ? -3.525  -5.683  4.941   1.00 21.47 ? 111 PHE A C   1 
ATOM   694  O O   . PHE A 1 111 ? -2.529  -5.537  5.612   1.00 22.74 ? 111 PHE A O   1 
ATOM   695  C CB  . PHE A 1 111 ? -5.894  -4.925  5.573   1.00 21.45 ? 111 PHE A CB  1 
ATOM   696  C CG  . PHE A 1 111 ? -5.747  -5.395  6.988   1.00 21.14 ? 111 PHE A CG  1 
ATOM   697  C CD1 . PHE A 1 111 ? -5.327  -4.525  7.977   1.00 21.70 ? 111 PHE A CD1 1 
ATOM   698  C CD2 . PHE A 1 111 ? -6.056  -6.701  7.325   1.00 24.40 ? 111 PHE A CD2 1 
ATOM   699  C CE1 . PHE A 1 111 ? -5.228  -4.966  9.293   1.00 23.34 ? 111 PHE A CE1 1 
ATOM   700  C CE2 . PHE A 1 111 ? -5.906  -7.147  8.634   1.00 25.65 ? 111 PHE A CE2 1 
ATOM   701  C CZ  . PHE A 1 111 ? -5.528  -6.267  9.613   1.00 21.60 ? 111 PHE A CZ  1 
ATOM   702  N N   . GLU A 1 112 ? -3.735  -6.776  4.201   1.00 20.80 ? 112 GLU A N   1 
ATOM   703  C CA  . GLU A 1 112 ? -2.826  -7.907  4.226   1.00 22.79 ? 112 GLU A CA  1 
ATOM   704  C C   . GLU A 1 112 ? -1.518  -7.618  3.499   1.00 22.81 ? 112 GLU A C   1 
ATOM   705  O O   . GLU A 1 112 ? -0.492  -8.041  3.964   1.00 21.55 ? 112 GLU A O   1 
ATOM   706  C CB  . GLU A 1 112 ? -3.520  -9.126  3.611   1.00 25.40 ? 112 GLU A CB  1 
ATOM   707  C CG  . GLU A 1 112 ? -4.545  -9.728  4.550   1.00 26.36 ? 112 GLU A CG  1 
ATOM   708  C CD  . GLU A 1 112 ? -3.926  -10.353 5.788   1.00 30.26 ? 112 GLU A CD  1 
ATOM   709  O OE1 . GLU A 1 112 ? -2.766  -10.800 5.686   1.00 34.01 ? 112 GLU A OE1 1 
ATOM   710  O OE2 . GLU A 1 112 ? -4.606  -10.420 6.826   1.00 31.00 ? 112 GLU A OE2 1 
ATOM   711  N N   . THR A 1 113 ? -1.563  -6.967  2.325   1.00 19.51 ? 113 THR A N   1 
ATOM   712  C CA  . THR A 1 113 ? -0.370  -6.836  1.551   1.00 21.47 ? 113 THR A CA  1 
ATOM   713  C C   . THR A 1 113 ? 0.575   -5.890  2.277   1.00 23.52 ? 113 THR A C   1 
ATOM   714  O O   . THR A 1 113 ? 1.795   -6.179  2.425   1.00 23.67 ? 113 THR A O   1 
ATOM   715  C CB  . THR A 1 113 ? -0.643  -6.308  0.128   1.00 23.50 ? 113 THR A CB  1 
ATOM   716  O OG1 . THR A 1 113 ? -1.586  -7.193  -0.473  1.00 23.34 ? 113 THR A OG1 1 
ATOM   717  C CG2 . THR A 1 113 ? 0.618   -6.210  -0.703  1.00 27.73 ? 113 THR A CG2 1 
ATOM   718  N N   . PHE A 1 114 ? 0.048   -4.735  2.701   1.00 22.08 ? 114 PHE A N   1 
ATOM   719  C CA  . PHE A 1 114 ? 0.941   -3.731  3.297   1.00 20.36 ? 114 PHE A CA  1 
ATOM   720  C C   . PHE A 1 114 ? 1.258   -4.172  4.722   1.00 20.73 ? 114 PHE A C   1 
ATOM   721  O O   . PHE A 1 114 ? 2.339   -3.904  5.207   1.00 20.76 ? 114 PHE A O   1 
ATOM   722  C CB  . PHE A 1 114 ? 0.314   -2.344  3.231   1.00 21.78 ? 114 PHE A CB  1 
ATOM   723  C CG  . PHE A 1 114 ? 0.431   -1.726  1.857   1.00 21.13 ? 114 PHE A CG  1 
ATOM   724  C CD1 . PHE A 1 114 ? 1.574   -1.029  1.489   1.00 24.59 ? 114 PHE A CD1 1 
ATOM   725  C CD2 . PHE A 1 114 ? -0.522  -1.970  0.911   1.00 25.38 ? 114 PHE A CD2 1 
ATOM   726  C CE1 . PHE A 1 114 ? 1.692   -0.491  0.211   1.00 25.03 ? 114 PHE A CE1 1 
ATOM   727  C CE2 . PHE A 1 114 ? -0.390  -1.466  -0.381  1.00 27.35 ? 114 PHE A CE2 1 
ATOM   728  C CZ  . PHE A 1 114 ? 0.704   -0.712  -0.715  1.00 25.14 ? 114 PHE A CZ  1 
ATOM   729  N N   . GLY A 1 115 ? 0.280   -4.829  5.368   1.00 21.49 ? 115 GLY A N   1 
ATOM   730  C CA  . GLY A 1 115 ? 0.457   -5.369  6.741   1.00 22.21 ? 115 GLY A CA  1 
ATOM   731  C C   . GLY A 1 115 ? 1.505   -6.478  6.821   1.00 24.80 ? 115 GLY A C   1 
ATOM   732  O O   . GLY A 1 115 ? 2.092   -6.695  7.903   1.00 24.91 ? 115 GLY A O   1 
ATOM   733  N N   . SER A 1 116 ? 1.732   -7.182  5.703   1.00 26.39 ? 116 SER A N   1 
ATOM   734  C CA  . SER A 1 116 ? 2.802   -8.179  5.572   1.00 29.73 ? 116 SER A CA  1 
ATOM   735  C C   . SER A 1 116 ? 4.180   -7.564  5.296   1.00 30.83 ? 116 SER A C   1 
ATOM   736  O O   . SER A 1 116 ? 5.171   -8.295  5.334   1.00 31.28 ? 116 SER A O   1 
ATOM   737  C CB  . SER A 1 116 ? 2.434   -9.196  4.537   1.00 29.93 ? 116 SER A CB  1 
ATOM   738  O OG  . SER A 1 116 ? 1.244   -9.815  4.950   1.00 32.62 ? 116 SER A OG  1 
ATOM   739  N N   . HIS A 1 117 ? 4.251   -6.250  5.057   1.00 29.06 ? 117 HIS A N   1 
ATOM   740  C CA  . HIS A 1 117 ? 5.494   -5.518  4.741   1.00 29.41 ? 117 HIS A CA  1 
ATOM   741  C C   . HIS A 1 117 ? 5.519   -4.169  5.476   1.00 28.23 ? 117 HIS A C   1 
ATOM   742  O O   . HIS A 1 117 ? 5.642   -3.111  4.869   1.00 25.00 ? 117 HIS A O   1 
ATOM   743  C CB  . HIS A 1 117 ? 5.648   -5.351  3.223   1.00 28.35 ? 117 HIS A CB  1 
ATOM   744  C CG  . HIS A 1 117 ? 5.668   -6.647  2.507   1.00 31.88 ? 117 HIS A CG  1 
ATOM   745  N ND1 . HIS A 1 117 ? 6.811   -7.417  2.431   1.00 31.41 ? 117 HIS A ND1 1 
ATOM   746  C CD2 . HIS A 1 117 ? 4.695   -7.343  1.874   1.00 33.03 ? 117 HIS A CD2 1 
ATOM   747  C CE1 . HIS A 1 117 ? 6.526   -8.538  1.788   1.00 33.65 ? 117 HIS A CE1 1 
ATOM   748  N NE2 . HIS A 1 117 ? 5.249   -8.528  1.451   1.00 34.50 ? 117 HIS A NE2 1 
ATOM   749  N N   . LYS A 1 118 ? 5.403   -4.236  6.807   1.00 29.15 ? 118 LYS A N   1 
ATOM   750  C CA  . LYS A 1 118 ? 5.253   -3.045  7.638   1.00 28.21 ? 118 LYS A CA  1 
ATOM   751  C C   . LYS A 1 118 ? 6.500   -2.167  7.567   1.00 27.94 ? 118 LYS A C   1 
ATOM   752  O O   . LYS A 1 118 ? 6.353   -0.944  7.534   1.00 24.30 ? 118 LYS A O   1 
ATOM   753  C CB  . LYS A 1 118 ? 4.931   -3.416  9.088   1.00 30.71 ? 118 LYS A CB  1 
ATOM   754  C CG  . LYS A 1 118 ? 3.473   -3.793  9.324   1.00 32.44 ? 118 LYS A CG  1 
ATOM   755  C CD  . LYS A 1 118 ? 3.135   -4.215  10.738  1.00 32.93 ? 118 LYS A CD  1 
ATOM   756  C CE  . LYS A 1 118 ? 1.900   -5.082  10.763  1.00 36.17 ? 118 LYS A CE  1 
ATOM   757  N NZ  . LYS A 1 118 ? 1.574   -5.448  12.158  1.00 47.66 ? 118 LYS A NZ  1 
ATOM   758  N N   . ALA A 1 119 ? 7.713   -2.766  7.528   1.00 24.97 ? 119 ALA A N   1 
ATOM   759  C CA  . ALA A 1 119 ? 8.918   -1.930  7.541   1.00 26.37 ? 119 ALA A CA  1 
ATOM   760  C C   . ALA A 1 119 ? 9.035   -1.174  6.205   1.00 22.60 ? 119 ALA A C   1 
ATOM   761  O O   . ALA A 1 119 ? 9.371   -0.020  6.221   1.00 29.46 ? 119 ALA A O   1 
ATOM   762  C CB  . ALA A 1 119 ? 10.170  -2.727  7.839   1.00 28.84 ? 119 ALA A CB  1 
ATOM   763  N N   . VAL A 1 120 ? 8.758   -1.840  5.085   1.00 24.13 ? 120 VAL A N   1 
ATOM   764  C CA  . VAL A 1 120 ? 8.819   -1.220  3.756   1.00 25.38 ? 120 VAL A CA  1 
ATOM   765  C C   . VAL A 1 120 ? 7.734   -0.144  3.662   1.00 28.64 ? 120 VAL A C   1 
ATOM   766  O O   . VAL A 1 120 ? 7.947   0.936   3.107   1.00 31.61 ? 120 VAL A O   1 
ATOM   767  C CB  . VAL A 1 120 ? 8.673   -2.255  2.627   1.00 28.97 ? 120 VAL A CB  1 
ATOM   768  C CG1 . VAL A 1 120 ? 8.407   -1.612  1.262   1.00 29.08 ? 120 VAL A CG1 1 
ATOM   769  C CG2 . VAL A 1 120 ? 9.884   -3.182  2.546   1.00 30.69 ? 120 VAL A CG2 1 
ATOM   770  N N   . THR A 1 121 ? 6.538   -0.475  4.154   1.00 28.86 ? 121 THR A N   1 
ATOM   771  C CA  . THR A 1 121 ? 5.428   0.529   4.221   1.00 28.28 ? 121 THR A CA  1 
ATOM   772  C C   . THR A 1 121 ? 5.884   1.799   4.952   1.00 27.06 ? 121 THR A C   1 
ATOM   773  O O   . THR A 1 121 ? 5.766   2.906   4.432   1.00 30.39 ? 121 THR A O   1 
ATOM   774  C CB  . THR A 1 121 ? 4.196   -0.063  4.903   1.00 25.74 ? 121 THR A CB  1 
ATOM   775  O OG1 . THR A 1 121 ? 3.746   -1.145  4.083   1.00 24.17 ? 121 THR A OG1 1 
ATOM   776  C CG2 . THR A 1 121 ? 3.092   0.959   5.070   1.00 29.42 ? 121 THR A CG2 1 
ATOM   777  N N   . ARG A 1 122 ? 6.357   1.633   6.183   1.00 28.68 ? 122 ARG A N   1 
ATOM   778  C CA  . ARG A 1 122 ? 6.774   2.718   7.022   1.00 33.70 ? 122 ARG A CA  1 
ATOM   779  C C   . ARG A 1 122 ? 7.918   3.514   6.348   1.00 34.13 ? 122 ARG A C   1 
ATOM   780  O O   . ARG A 1 122 ? 7.840   4.723   6.195   1.00 33.48 ? 122 ARG A O   1 
ATOM   781  C CB  . ARG A 1 122 ? 7.161   2.131   8.383   1.00 41.25 ? 122 ARG A CB  1 
ATOM   782  C CG  . ARG A 1 122 ? 7.474   3.153   9.467   1.00 51.48 ? 122 ARG A CG  1 
ATOM   783  C CD  . ARG A 1 122 ? 8.506   2.600   10.444  1.00 64.22 ? 122 ARG A CD  1 
ATOM   784  N NE  . ARG A 1 122 ? 9.807   2.463   9.781   1.00 71.36 ? 122 ARG A NE  1 
ATOM   785  C CZ  . ARG A 1 122 ? 10.719  1.525   10.042  1.00 73.77 ? 122 ARG A CZ  1 
ATOM   786  N NH1 . ARG A 1 122 ? 10.645  0.823   11.163  1.00 66.06 ? 122 ARG A NH1 1 
ATOM   787  N NH2 . ARG A 1 122 ? 11.696  1.298   9.176   1.00 63.81 ? 122 ARG A NH2 1 
ATOM   788  N N   . ALA A 1 123 ? 8.990   2.839   5.903   1.00 31.72 ? 123 ALA A N   1 
ATOM   789  C CA  . ALA A 1 123 ? 10.097  3.561   5.271   1.00 29.61 ? 123 ALA A CA  1 
ATOM   790  C C   . ALA A 1 123 ? 9.633   4.265   3.986   1.00 28.37 ? 123 ALA A C   1 
ATOM   791  O O   . ALA A 1 123 ? 9.997   5.426   3.690   1.00 29.03 ? 123 ALA A O   1 
ATOM   792  C CB  . ALA A 1 123 ? 11.228  2.588   5.027   1.00 32.15 ? 123 ALA A CB  1 
ATOM   793  N N   . GLY A 1 124 ? 8.763   3.598   3.216   1.00 28.60 ? 124 GLY A N   1 
ATOM   794  C CA  . GLY A 1 124 ? 8.343   4.110   1.907   1.00 30.60 ? 124 GLY A CA  1 
ATOM   795  C C   . GLY A 1 124 ? 7.448   5.324   2.030   1.00 33.57 ? 124 GLY A C   1 
ATOM   796  O O   . GLY A 1 124 ? 7.515   6.286   1.227   1.00 36.71 ? 124 GLY A O   1 
ATOM   797  N N   . GLN A 1 125 ? 6.637   5.330   3.085   1.00 35.40 ? 125 GLN A N   1 
ATOM   798  C CA  . GLN A 1 125 ? 5.762   6.469   3.305   1.00 43.12 ? 125 GLN A CA  1 
ATOM   799  C C   . GLN A 1 125 ? 6.605   7.675   3.723   1.00 40.30 ? 125 GLN A C   1 
ATOM   800  O O   . GLN A 1 125 ? 6.373   8.748   3.218   1.00 43.44 ? 125 GLN A O   1 
ATOM   801  C CB  . GLN A 1 125 ? 4.632   6.132   4.279   1.00 47.46 ? 125 GLN A CB  1 
ATOM   802  C CG  . GLN A 1 125 ? 3.627   5.144   3.684   1.00 55.07 ? 125 GLN A CG  1 
ATOM   803  C CD  . GLN A 1 125 ? 3.109   5.516   2.309   1.00 56.48 ? 125 GLN A CD  1 
ATOM   804  O OE1 . GLN A 1 125 ? 2.424   6.526   2.146   1.00 48.53 ? 125 GLN A OE1 1 
ATOM   805  N NE2 . GLN A 1 125 ? 3.428   4.697   1.309   1.00 50.95 ? 125 GLN A NE2 1 
ATOM   806  N N   . ALA A 1 126 ? 7.598   7.479   4.591   1.00 40.37 ? 126 ALA A N   1 
ATOM   807  C CA  . ALA A 1 126 ? 8.512   8.580   4.984   1.00 39.46 ? 126 ALA A CA  1 
ATOM   808  C C   . ALA A 1 126 ? 9.297   9.104   3.769   1.00 41.37 ? 126 ALA A C   1 
ATOM   809  O O   . ALA A 1 126 ? 9.413   10.307  3.581   1.00 47.58 ? 126 ALA A O   1 
ATOM   810  C CB  . ALA A 1 126 ? 9.452   8.111   6.061   1.00 39.61 ? 126 ALA A CB  1 
ATOM   811  N N   . ALA A 1 127 ? 9.799   8.193   2.914   1.00 42.08 ? 127 ALA A N   1 
ATOM   812  C CA  . ALA A 1 127 ? 10.559  8.576   1.710   1.00 36.28 ? 127 ALA A CA  1 
ATOM   813  C C   . ALA A 1 127 ? 9.745   9.499   0.807   1.00 39.20 ? 127 ALA A C   1 
ATOM   814  O O   . ALA A 1 127 ? 10.329  10.197  -0.007  1.00 40.38 ? 127 ALA A O   1 
ATOM   815  C CB  . ALA A 1 127 ? 10.993  7.361   0.931   1.00 35.63 ? 127 ALA A CB  1 
ATOM   816  N N   . ARG A 1 128 ? 8.404   9.492   0.907   1.00 41.46 ? 128 ARG A N   1 
ATOM   817  C CA  . ARG A 1 128 ? 7.562   10.342  0.040   1.00 39.09 ? 128 ARG A CA  1 
ATOM   818  C C   . ARG A 1 128 ? 7.981   11.812  0.138   1.00 40.66 ? 128 ARG A C   1 
ATOM   819  O O   . ARG A 1 128 ? 7.908   12.534  -0.874  1.00 38.65 ? 128 ARG A O   1 
ATOM   820  C CB  . ARG A 1 128 ? 6.075   10.228  0.365   1.00 38.29 ? 128 ARG A CB  1 
ATOM   821  C CG  . ARG A 1 128 ? 5.447   8.964   -0.198  1.00 44.34 ? 128 ARG A CG  1 
ATOM   822  C CD  . ARG A 1 128 ? 4.033   8.734   0.304   1.00 45.77 ? 128 ARG A CD  1 
ATOM   823  N NE  . ARG A 1 128 ? 3.152   9.788   -0.157  1.00 46.53 ? 128 ARG A NE  1 
ATOM   824  C CZ  . ARG A 1 128 ? 1.874   9.908   0.192   1.00 49.80 ? 128 ARG A CZ  1 
ATOM   825  N NH1 . ARG A 1 128 ? 1.381   9.187   1.189   1.00 38.53 ? 128 ARG A NH1 1 
ATOM   826  N NH2 . ARG A 1 128 ? 1.093   10.719  -0.498  1.00 41.12 ? 128 ARG A NH2 1 
ATOM   827  N N   . ALA A 1 129 ? 8.431   12.237  1.322   1.00 43.76 ? 129 ALA A N   1 
ATOM   828  C CA  . ALA A 1 129 ? 8.813   13.635  1.555   1.00 46.18 ? 129 ALA A CA  1 
ATOM   829  C C   . ALA A 1 129 ? 10.081  13.973  0.753   1.00 49.89 ? 129 ALA A C   1 
ATOM   830  O O   . ALA A 1 129 ? 10.170  15.048  0.218   1.00 50.88 ? 129 ALA A O   1 
ATOM   831  C CB  . ALA A 1 129 ? 8.972   13.907  3.035   1.00 43.05 ? 129 ALA A CB  1 
ATOM   832  N N   . THR A 1 130 ? 11.016  13.022  0.614   1.00 49.09 ? 130 THR A N   1 
ATOM   833  C CA  . THR A 1 130 ? 12.366  13.326  0.173   1.00 47.80 ? 130 THR A CA  1 
ATOM   834  C C   . THR A 1 130 ? 12.620  12.805  -1.250  1.00 52.22 ? 130 THR A C   1 
ATOM   835  O O   . THR A 1 130 ? 13.586  13.213  -1.885  1.00 53.84 ? 130 THR A O   1 
ATOM   836  C CB  . THR A 1 130 ? 13.367  12.777  1.198   1.00 50.14 ? 130 THR A CB  1 
ATOM   837  O OG1 . THR A 1 130 ? 13.255  11.352  1.222   1.00 44.37 ? 130 THR A OG1 1 
ATOM   838  C CG2 . THR A 1 130 ? 13.117  13.327  2.586   1.00 49.86 ? 130 THR A CG2 1 
ATOM   839  N N   . SER A 1 131 ? 11.762  11.917  -1.759  1.00 44.05 ? 131 SER A N   1 
ATOM   840  C CA  . SER A 1 131 ? 11.988  11.265  -3.038  1.00 43.73 ? 131 SER A CA  1 
ATOM   841  C C   . SER A 1 131 ? 10.826  11.538  -3.996  1.00 45.99 ? 131 SER A C   1 
ATOM   842  O O   . SER A 1 131 ? 9.692   11.128  -3.732  1.00 40.01 ? 131 SER A O   1 
ATOM   843  C CB  . SER A 1 131 ? 12.196  9.791   -2.856  1.00 42.58 ? 131 SER A CB  1 
ATOM   844  O OG  . SER A 1 131 ? 12.174  9.143   -4.115  1.00 40.82 ? 131 SER A OG  1 
ATOM   845  N N   . VAL A 1 132 ? 11.125  12.214  -5.118  1.00 42.58 ? 132 VAL A N   1 
ATOM   846  C CA  . VAL A 1 132 ? 10.140  12.511  -6.121  1.00 41.90 ? 132 VAL A CA  1 
ATOM   847  C C   . VAL A 1 132 ? 9.632   11.196  -6.725  1.00 40.31 ? 132 VAL A C   1 
ATOM   848  O O   . VAL A 1 132 ? 8.481   11.117  -7.103  1.00 37.28 ? 132 VAL A O   1 
ATOM   849  C CB  . VAL A 1 132 ? 10.686  13.456  -7.213  1.00 46.19 ? 132 VAL A CB  1 
ATOM   850  C CG1 . VAL A 1 132 ? 9.918   13.337  -8.521  1.00 46.83 ? 132 VAL A CG1 1 
ATOM   851  C CG2 . VAL A 1 132 ? 10.703  14.898  -6.746  1.00 49.99 ? 132 VAL A CG2 1 
ATOM   852  N N   . GLU A 1 133 ? 10.502  10.188  -6.883  1.00 36.90 ? 133 GLU A N   1 
ATOM   853  C CA  . GLU A 1 133 ? 10.074  8.959   -7.535  1.00 37.91 ? 133 GLU A CA  1 
ATOM   854  C C   . GLU A 1 133 ? 9.146   8.151   -6.618  1.00 31.27 ? 133 GLU A C   1 
ATOM   855  O O   . GLU A 1 133 ? 8.266   7.438   -7.113  1.00 32.02 ? 133 GLU A O   1 
ATOM   856  C CB  . GLU A 1 133 ? 11.223  8.014   -7.876  1.00 40.79 ? 133 GLU A CB  1 
ATOM   857  C CG  . GLU A 1 133 ? 12.017  8.442   -9.087  1.00 51.46 ? 133 GLU A CG  1 
ATOM   858  C CD  . GLU A 1 133 ? 13.422  8.763   -8.632  1.00 55.80 ? 133 GLU A CD  1 
ATOM   859  O OE1 . GLU A 1 133 ? 14.316  7.982   -9.000  1.00 51.30 ? 133 GLU A OE1 1 
ATOM   860  O OE2 . GLU A 1 133 ? 13.585  9.732   -7.820  1.00 58.69 ? 133 GLU A OE2 1 
ATOM   861  N N   . VAL A 1 134 ? 9.435   8.164   -5.312  1.00 34.09 ? 134 VAL A N   1 
ATOM   862  C CA  . VAL A 1 134 ? 8.536   7.469   -4.380  1.00 32.27 ? 134 VAL A CA  1 
ATOM   863  C C   . VAL A 1 134 ? 7.187   8.203   -4.353  1.00 29.75 ? 134 VAL A C   1 
ATOM   864  O O   . VAL A 1 134 ? 6.151   7.556   -4.447  1.00 29.89 ? 134 VAL A O   1 
ATOM   865  C CB  . VAL A 1 134 ? 9.141   7.320   -2.981  1.00 33.38 ? 134 VAL A CB  1 
ATOM   866  C CG1 . VAL A 1 134 ? 8.084   6.929   -1.967  1.00 31.65 ? 134 VAL A CG1 1 
ATOM   867  C CG2 . VAL A 1 134 ? 10.317  6.359   -2.962  1.00 32.59 ? 134 VAL A CG2 1 
ATOM   868  N N   . ALA A 1 135 ? 7.211   9.546   -4.313  1.00 33.70 ? 135 ALA A N   1 
ATOM   869  C CA  . ALA A 1 135 ? 5.969   10.406  -4.356  1.00 32.37 ? 135 ALA A CA  1 
ATOM   870  C C   . ALA A 1 135 ? 5.142   10.106  -5.620  1.00 32.51 ? 135 ALA A C   1 
ATOM   871  O O   . ALA A 1 135 ? 3.916   9.904   -5.566  1.00 28.92 ? 135 ALA A O   1 
ATOM   872  C CB  . ALA A 1 135 ? 6.332   11.874  -4.234  1.00 32.78 ? 135 ALA A CB  1 
ATOM   873  N N   . GLU A 1 136 ? 5.792   9.998   -6.784  1.00 32.57 ? 136 GLU A N   1 
ATOM   874  C CA  . GLU A 1 136 ? 5.070   9.793   -8.014  1.00 29.84 ? 136 GLU A CA  1 
ATOM   875  C C   . GLU A 1 136 ? 4.567   8.353   -8.098  1.00 27.48 ? 136 GLU A C   1 
ATOM   876  O O   . GLU A 1 136 ? 3.513   8.142   -8.655  1.00 29.54 ? 136 GLU A O   1 
ATOM   877  C CB  . GLU A 1 136 ? 5.914   10.126  -9.256  1.00 35.54 ? 136 GLU A CB  1 
ATOM   878  C CG  . GLU A 1 136 ? 6.375   11.586  -9.273  1.00 42.96 ? 136 GLU A CG  1 
ATOM   879  C CD  . GLU A 1 136 ? 7.165   12.011  -10.509 1.00 49.74 ? 136 GLU A CD  1 
ATOM   880  O OE1 . GLU A 1 136 ? 7.843   11.138  -11.121 1.00 48.90 ? 136 GLU A OE1 1 
ATOM   881  O OE2 . GLU A 1 136 ? 7.098   13.215  -10.864 1.00 48.82 ? 136 GLU A OE2 1 
ATOM   882  N N   . LEU A 1 137 ? 5.330   7.376   -7.578  1.00 25.96 ? 137 LEU A N   1 
ATOM   883  C CA  . LEU A 1 137 ? 4.873   5.994   -7.548  1.00 27.09 ? 137 LEU A CA  1 
ATOM   884  C C   . LEU A 1 137 ? 3.573   5.938   -6.729  1.00 24.68 ? 137 LEU A C   1 
ATOM   885  O O   . LEU A 1 137 ? 2.568   5.364   -7.141  1.00 22.73 ? 137 LEU A O   1 
ATOM   886  C CB  . LEU A 1 137 ? 5.969   5.105   -6.927  1.00 30.03 ? 137 LEU A CB  1 
ATOM   887  C CG  . LEU A 1 137 ? 5.582   3.650   -6.662  1.00 30.58 ? 137 LEU A CG  1 
ATOM   888  C CD1 . LEU A 1 137 ? 5.192   2.934   -7.939  1.00 35.36 ? 137 LEU A CD1 1 
ATOM   889  C CD2 . LEU A 1 137 ? 6.716   2.897   -5.975  1.00 34.31 ? 137 LEU A CD2 1 
ATOM   890  N N   . TRP A 1 138 ? 3.641   6.484   -5.531  1.00 26.07 ? 138 TRP A N   1 
ATOM   891  C CA  . TRP A 1 138 ? 2.499   6.412   -4.617  1.00 27.64 ? 138 TRP A CA  1 
ATOM   892  C C   . TRP A 1 138 ? 1.301   7.122   -5.270  1.00 25.10 ? 138 TRP A C   1 
ATOM   893  O O   . TRP A 1 138 ? 0.204   6.578   -5.384  1.00 22.22 ? 138 TRP A O   1 
ATOM   894  C CB  . TRP A 1 138 ? 2.849   6.948   -3.223  1.00 27.62 ? 138 TRP A CB  1 
ATOM   895  C CG  . TRP A 1 138 ? 1.715   6.647   -2.305  1.00 33.52 ? 138 TRP A CG  1 
ATOM   896  C CD1 . TRP A 1 138 ? 0.756   7.492   -1.832  1.00 33.36 ? 138 TRP A CD1 1 
ATOM   897  C CD2 . TRP A 1 138 ? 1.367   5.338   -1.830  1.00 32.82 ? 138 TRP A CD2 1 
ATOM   898  N NE1 . TRP A 1 138 ? -0.151  6.802   -1.065  1.00 30.75 ? 138 TRP A NE1 1 
ATOM   899  C CE2 . TRP A 1 138 ? 0.188   5.475   -1.062  1.00 33.25 ? 138 TRP A CE2 1 
ATOM   900  C CE3 . TRP A 1 138 ? 1.963   4.081   -1.954  1.00 32.30 ? 138 TRP A CE3 1 
ATOM   901  C CZ2 . TRP A 1 138 ? -0.434  4.377   -0.461  1.00 31.33 ? 138 TRP A CZ2 1 
ATOM   902  C CZ3 . TRP A 1 138 ? 1.356   3.006   -1.351  1.00 32.64 ? 138 TRP A CZ3 1 
ATOM   903  C CH2 . TRP A 1 138 ? 0.186   3.159   -0.612  1.00 30.31 ? 138 TRP A CH2 1 
ATOM   904  N N   . SER A 1 139 ? 1.546   8.319   -5.794  1.00 25.03 ? 139 SER A N   1 
ATOM   905  C CA  . SER A 1 139 ? 0.504   9.137   -6.449  1.00 25.35 ? 139 SER A CA  1 
ATOM   906  C C   . SER A 1 139 ? -0.122  8.389   -7.637  1.00 24.48 ? 139 SER A C   1 
ATOM   907  O O   . SER A 1 139 ? -1.324  8.372   -7.813  1.00 23.50 ? 139 SER A O   1 
ATOM   908  C CB  . SER A 1 139 ? 1.070   10.479  -6.813  0.66 22.41 ? 139 SER A CB  1 
ATOM   909  O OG  . SER A 1 139 ? 0.227   11.111  -7.721  1.00 28.12 ? 139 SER A OG  1 
ATOM   910  N N   . THR A 1 140 ? 0.681   7.717   -8.479  1.00 23.45 ? 140 THR A N   1 
ATOM   911  C CA  . THR A 1 140 ? 0.137   7.005   -9.623  1.00 22.68 ? 140 THR A CA  1 
ATOM   912  C C   . THR A 1 140 ? -0.846  5.918   -9.185  1.00 21.88 ? 140 THR A C   1 
ATOM   913  O O   . THR A 1 140 ? -1.897  5.718   -9.785  1.00 22.82 ? 140 THR A O   1 
ATOM   914  C CB  . THR A 1 140 ? 1.239   6.261   -10.419 1.00 27.33 ? 140 THR A CB  1 
ATOM   915  O OG1 . THR A 1 140 ? 2.160   7.217   -10.918 1.00 34.55 ? 140 THR A OG1 1 
ATOM   916  C CG2 . THR A 1 140 ? 0.730   5.477   -11.590 1.00 29.60 ? 140 THR A CG2 1 
ATOM   917  N N   . PHE A 1 141 ? -0.443  5.108   -8.198  1.00 22.15 ? 141 PHE A N   1 
ATOM   918  C CA  . PHE A 1 141 ? -1.299  3.991   -7.794  1.00 22.41 ? 141 PHE A CA  1 
ATOM   919  C C   . PHE A 1 141 ? -2.519  4.491   -7.018  1.00 19.46 ? 141 PHE A C   1 
ATOM   920  O O   . PHE A 1 141 ? -3.553  3.905   -7.164  1.00 20.38 ? 141 PHE A O   1 
ATOM   921  C CB  . PHE A 1 141 ? -0.520  2.931   -7.017  1.00 24.08 ? 141 PHE A CB  1 
ATOM   922  C CG  . PHE A 1 141 ? 0.204   2.003   -7.976  1.00 25.04 ? 141 PHE A CG  1 
ATOM   923  C CD1 . PHE A 1 141 ? -0.436  0.895   -8.516  1.00 27.13 ? 141 PHE A CD1 1 
ATOM   924  C CD2 . PHE A 1 141 ? 1.473   2.331   -8.440  1.00 28.15 ? 141 PHE A CD2 1 
ATOM   925  C CE1 . PHE A 1 141 ? 0.220   0.069   -9.431  1.00 31.13 ? 141 PHE A CE1 1 
ATOM   926  C CE2 . PHE A 1 141 ? 2.097   1.538   -9.405  1.00 32.76 ? 141 PHE A CE2 1 
ATOM   927  C CZ  . PHE A 1 141 ? 1.463   0.427   -9.907  1.00 29.97 ? 141 PHE A CZ  1 
ATOM   928  N N   . MET A 1 142 ? -2.368  5.552   -6.230  1.00 22.20 ? 142 MET A N   1 
ATOM   929  C CA  . MET A 1 142 ? -3.550  6.138   -5.510  1.00 21.99 ? 142 MET A CA  1 
ATOM   930  C C   . MET A 1 142 ? -4.603  6.561   -6.559  1.00 22.41 ? 142 MET A C   1 
ATOM   931  O O   . MET A 1 142 ? -5.816  6.264   -6.447  1.00 21.04 ? 142 MET A O   1 
ATOM   932  C CB  . MET A 1 142 ? -3.115  7.314   -4.627  1.00 22.36 ? 142 MET A CB  1 
ATOM   933  C CG  . MET A 1 142 ? -2.391  6.885   -3.359  1.00 23.62 ? 142 MET A CG  1 
ATOM   934  S SD  . MET A 1 142 ? -3.431  5.844   -2.251  1.00 28.30 ? 142 MET A SD  1 
ATOM   935  C CE  . MET A 1 142 ? -4.543  7.105   -1.604  1.00 25.19 ? 142 MET A CE  1 
ATOM   936  N N   . GLN A 1 143 ? -4.154  7.209   -7.643  1.00 22.26 ? 143 GLN A N   1 
ATOM   937  C CA  . GLN A 1 143 ? -5.082  7.664   -8.672  1.00 24.61 ? 143 GLN A CA  1 
ATOM   938  C C   . GLN A 1 143 ? -5.802  6.441   -9.266  1.00 21.48 ? 143 GLN A C   1 
ATOM   939  O O   . GLN A 1 143 ? -7.012  6.426   -9.443  1.00 20.84 ? 143 GLN A O   1 
ATOM   940  C CB  . GLN A 1 143 ? -4.348  8.444   -9.770  1.00 25.34 ? 143 GLN A CB  1 
ATOM   941  C CG  . GLN A 1 143 ? -3.735  9.757   -9.292  1.00 32.52 ? 143 GLN A CG  1 
ATOM   942  C CD  . GLN A 1 143 ? -3.022  10.470  -10.431 1.00 41.11 ? 143 GLN A CD  1 
ATOM   943  O OE1 . GLN A 1 143 ? -1.808  10.627  -10.438 1.00 45.43 ? 143 GLN A OE1 1 
ATOM   944  N NE2 . GLN A 1 143 ? -3.766  10.838  -11.450 1.00 42.02 ? 143 GLN A NE2 1 
ATOM   945  N N   . LYS A 1 144 ? -5.048  5.371   -9.513  1.00 21.66 ? 144 LYS A N   1 
ATOM   946  C CA  . LYS A 1 144 ? -5.629  4.147   -10.058 1.00 21.30 ? 144 LYS A CA  1 
ATOM   947  C C   . LYS A 1 144 ? -6.676  3.534   -9.123  1.00 18.95 ? 144 LYS A C   1 
ATOM   948  O O   . LYS A 1 144 ? -7.756  3.107   -9.571  1.00 18.12 ? 144 LYS A O   1 
ATOM   949  C CB  . LYS A 1 144 ? -4.538  3.126   -10.363 1.00 25.36 ? 144 LYS A CB  1 
ATOM   950  C CG  . LYS A 1 144 ? -5.027  1.866   -11.063 1.00 32.57 ? 144 LYS A CG  1 
ATOM   951  C CD  . LYS A 1 144 ? -3.842  0.947   -11.497 1.00 36.21 ? 144 LYS A CD  1 
ATOM   952  C CE  . LYS A 1 144 ? -4.310  -0.319  -12.186 1.00 39.43 ? 144 LYS A CE  1 
ATOM   953  N NZ  . LYS A 1 144 ? -3.152  -1.111  -12.672 1.00 41.03 ? 144 LYS A NZ  1 
ATOM   954  N N   . TRP A 1 145 ? -6.339  3.441   -7.828  1.00 20.94 ? 145 TRP A N   1 
ATOM   955  C CA  . TRP A 1 145 ? -7.227  2.785   -6.854  1.00 21.86 ? 145 TRP A CA  1 
ATOM   956  C C   . TRP A 1 145 ? -8.466  3.643   -6.588  1.00 20.33 ? 145 TRP A C   1 
ATOM   957  O O   . TRP A 1 145 ? -9.549  3.134   -6.487  1.00 18.51 ? 145 TRP A O   1 
ATOM   958  C CB  . TRP A 1 145 ? -6.434  2.489   -5.574  1.00 22.37 ? 145 TRP A CB  1 
ATOM   959  C CG  . TRP A 1 145 ? -5.293  1.552   -5.824  1.00 22.43 ? 145 TRP A CG  1 
ATOM   960  C CD1 . TRP A 1 145 ? -5.285  0.531   -6.736  1.00 21.08 ? 145 TRP A CD1 1 
ATOM   961  C CD2 . TRP A 1 145 ? -4.056  1.471   -5.100  1.00 23.48 ? 145 TRP A CD2 1 
ATOM   962  N NE1 . TRP A 1 145 ? -4.086  -0.113  -6.690  1.00 23.28 ? 145 TRP A NE1 1 
ATOM   963  C CE2 . TRP A 1 145 ? -3.312  0.416   -5.693  1.00 23.05 ? 145 TRP A CE2 1 
ATOM   964  C CE3 . TRP A 1 145 ? -3.444  2.231   -4.096  1.00 24.36 ? 145 TRP A CE3 1 
ATOM   965  C CZ2 . TRP A 1 145 ? -2.034  0.060   -5.245  1.00 25.32 ? 145 TRP A CZ2 1 
ATOM   966  C CZ3 . TRP A 1 145 ? -2.187  1.863   -3.637  1.00 25.68 ? 145 TRP A CZ3 1 
ATOM   967  C CH2 . TRP A 1 145 ? -1.489  0.808   -4.219  1.00 25.18 ? 145 TRP A CH2 1 
ATOM   968  N N   . ILE A 1 146 ? -8.275  4.970   -6.560  1.00 20.11 ? 146 ILE A N   1 
ATOM   969  C CA  . ILE A 1 146 ? -9.448  5.894   -6.486  1.00 19.51 ? 146 ILE A CA  1 
ATOM   970  C C   . ILE A 1 146 ? -10.369 5.734   -7.721  1.00 18.65 ? 146 ILE A C   1 
ATOM   971  O O   . ILE A 1 146 ? -11.588 5.678   -7.589  1.00 19.76 ? 146 ILE A O   1 
ATOM   972  C CB  . ILE A 1 146 ? -8.927  7.326   -6.271  1.00 18.87 ? 146 ILE A CB  1 
ATOM   973  C CG1 . ILE A 1 146 ? -8.392  7.441   -4.838  1.00 17.85 ? 146 ILE A CG1 1 
ATOM   974  C CG2 . ILE A 1 146 ? -10.041 8.328   -6.577  1.00 21.03 ? 146 ILE A CG2 1 
ATOM   975  C CD1 . ILE A 1 146 ? -7.540  8.661   -4.572  1.00 18.98 ? 146 ILE A CD1 1 
ATOM   976  N N   . ALA A 1 147 ? -9.784  5.711   -8.922  1.00 20.64 ? 147 ALA A N   1 
ATOM   977  C CA  . ALA A 1 147 ? -10.549 5.588   -10.186 1.00 22.17 ? 147 ALA A CA  1 
ATOM   978  C C   . ALA A 1 147 ? -11.346 4.285   -10.149 1.00 23.05 ? 147 ALA A C   1 
ATOM   979  O O   . ALA A 1 147 ? -12.557 4.273   -10.456 1.00 20.56 ? 147 ALA A O   1 
ATOM   980  C CB  . ALA A 1 147 ? -9.639  5.654   -11.401 1.00 24.79 ? 147 ALA A CB  1 
ATOM   981  N N   . TYR A 1 148 ? -10.695 3.223   -9.665  1.00 23.16 ? 148 TYR A N   1 
ATOM   982  C CA  . TYR A 1 148 ? -11.391 1.918   -9.594  1.00 24.41 ? 148 TYR A CA  1 
ATOM   983  C C   . TYR A 1 148 ? -12.523 1.988   -8.552  1.00 23.54 ? 148 TYR A C   1 
ATOM   984  O O   . TYR A 1 148 ? -13.617 1.585   -8.800  1.00 20.01 ? 148 TYR A O   1 
ATOM   985  C CB  . TYR A 1 148 ? -10.397 0.793   -9.302  1.00 24.26 ? 148 TYR A CB  1 
ATOM   986  C CG  . TYR A 1 148 ? -11.095 -0.526  -9.187  1.00 28.31 ? 148 TYR A CG  1 
ATOM   987  C CD1 . TYR A 1 148 ? -11.718 -1.112  -10.280 1.00 30.74 ? 148 TYR A CD1 1 
ATOM   988  C CD2 . TYR A 1 148 ? -11.241 -1.132  -7.958  1.00 32.29 ? 148 TYR A CD2 1 
ATOM   989  C CE1 . TYR A 1 148 ? -12.390 -2.313  -10.180 1.00 28.40 ? 148 TYR A CE1 1 
ATOM   990  C CE2 . TYR A 1 148 ? -11.893 -2.348  -7.844  1.00 36.35 ? 148 TYR A CE2 1 
ATOM   991  C CZ  . TYR A 1 148 ? -12.462 -2.940  -8.949  1.00 32.29 ? 148 TYR A CZ  1 
ATOM   992  O OH  . TYR A 1 148 ? -13.126 -4.116  -8.758  1.00 37.78 ? 148 TYR A OH  1 
ATOM   993  N N   . THR A 1 149 ? -12.243 2.566   -7.381  1.00 21.65 ? 149 THR A N   1 
ATOM   994  C CA  . THR A 1 149 ? -13.277 2.738   -6.347  1.00 21.04 ? 149 THR A CA  1 
ATOM   995  C C   . THR A 1 149 ? -14.483 3.491   -6.921  1.00 19.73 ? 149 THR A C   1 
ATOM   996  O O   . THR A 1 149 ? -15.590 3.099   -6.724  1.00 21.17 ? 149 THR A O   1 
ATOM   997  C CB  . THR A 1 149 ? -12.713 3.468   -5.119  1.00 20.87 ? 149 THR A CB  1 
ATOM   998  O OG1 . THR A 1 149 ? -11.662 2.696   -4.535  1.00 20.97 ? 149 THR A OG1 1 
ATOM   999  C CG2 . THR A 1 149 ? -13.749 3.718   -4.054  1.00 20.58 ? 149 THR A CG2 1 
ATOM   1000 N N   . ALA A 1 150 ? -14.211 4.605   -7.595  1.00 19.22 ? 150 ALA A N   1 
ATOM   1001 C CA  . ALA A 1 150 ? -15.261 5.447   -8.163  1.00 23.95 ? 150 ALA A CA  1 
ATOM   1002 C C   . ALA A 1 150 ? -16.084 4.638   -9.186  1.00 22.42 ? 150 ALA A C   1 
ATOM   1003 O O   . ALA A 1 150 ? -17.309 4.730   -9.190  1.00 22.19 ? 150 ALA A O   1 
ATOM   1004 C CB  . ALA A 1 150 ? -14.654 6.689   -8.766  1.00 21.61 ? 150 ALA A CB  1 
ATOM   1005 N N   . ALA A 1 151 ? -15.406 3.857   -10.040 1.00 25.89 ? 151 ALA A N   1 
ATOM   1006 C CA  . ALA A 1 151 ? -16.112 3.004   -11.078 1.00 28.03 ? 151 ALA A CA  1 
ATOM   1007 C C   . ALA A 1 151 ? -17.067 2.028   -10.403 1.00 27.73 ? 151 ALA A C   1 
ATOM   1008 O O   . ALA A 1 151 ? -18.189 1.806   -10.873 1.00 26.04 ? 151 ALA A O   1 
ATOM   1009 C CB  . ALA A 1 151 ? -15.124 2.271   -11.979 1.00 28.11 ? 151 ALA A CB  1 
ATOM   1010 N N   . VAL A 1 152 ? -16.651 1.476   -9.245  1.00 28.12 ? 152 VAL A N   1 
ATOM   1011 C CA  . VAL A 1 152 ? -17.522 0.534   -8.567  1.00 24.75 ? 152 VAL A CA  1 
ATOM   1012 C C   . VAL A 1 152 ? -18.719 1.253   -7.953  1.00 25.51 ? 152 VAL A C   1 
ATOM   1013 O O   . VAL A 1 152 ? -19.809 0.771   -8.043  1.00 25.67 ? 152 VAL A O   1 
ATOM   1014 C CB  . VAL A 1 152 ? -16.765 -0.329  -7.533  1.00 26.35 ? 152 VAL A CB  1 
ATOM   1015 C CG1 . VAL A 1 152 ? -17.724 -1.211  -6.767  1.00 27.18 ? 152 VAL A CG1 1 
ATOM   1016 C CG2 . VAL A 1 152 ? -15.673 -1.171  -8.197  1.00 26.59 ? 152 VAL A CG2 1 
ATOM   1017 N N   . ILE A 1 153 ? -18.510 2.379   -7.264  1.00 22.99 ? 153 ILE A N   1 
ATOM   1018 C CA  . ILE A 1 153 ? -19.623 3.165   -6.725  1.00 23.02 ? 153 ILE A CA  1 
ATOM   1019 C C   . ILE A 1 153 ? -20.621 3.516   -7.853  1.00 24.17 ? 153 ILE A C   1 
ATOM   1020 O O   . ILE A 1 153 ? -21.776 3.433   -7.662  1.00 26.36 ? 153 ILE A O   1 
ATOM   1021 C CB  . ILE A 1 153 ? -19.063 4.418   -6.016  1.00 22.14 ? 153 ILE A CB  1 
ATOM   1022 C CG1 . ILE A 1 153 ? -18.275 4.030   -4.741  1.00 19.77 ? 153 ILE A CG1 1 
ATOM   1023 C CG2 . ILE A 1 153 ? -20.169 5.383   -5.690  1.00 23.04 ? 153 ILE A CG2 1 
ATOM   1024 C CD1 . ILE A 1 153 ? -17.417 5.124   -4.175  1.00 17.80 ? 153 ILE A CD1 1 
ATOM   1025 N N   . ASP A 1 154 ? -20.123 4.050   -8.965  1.00 25.20 ? 154 ASP A N   1 
ATOM   1026 C CA  . ASP A 1 154 ? -20.945 4.410   -10.166 1.00 27.23 ? 154 ASP A CA  1 
ATOM   1027 C C   . ASP A 1 154 ? -21.810 3.222   -10.618 1.00 27.91 ? 154 ASP A C   1 
ATOM   1028 O O   . ASP A 1 154 ? -22.995 3.410   -10.883 1.00 29.31 ? 154 ASP A O   1 
ATOM   1029 C CB  . ASP A 1 154 ? -20.049 4.840   -11.326 1.00 29.30 ? 154 ASP A CB  1 
ATOM   1030 C CG  . ASP A 1 154 ? -19.607 6.284   -11.224 1.00 32.24 ? 154 ASP A CG  1 
ATOM   1031 O OD1 . ASP A 1 154 ? -20.295 7.053   -10.514 1.00 31.33 ? 154 ASP A OD1 1 
ATOM   1032 O OD2 . ASP A 1 154 ? -18.543 6.601   -11.810 1.00 36.46 ? 154 ASP A OD2 1 
ATOM   1033 N N   . ALA A 1 155 ? -21.200 2.044   -10.712 1.00 32.13 ? 155 ALA A N   1 
ATOM   1034 C CA  . ALA A 1 155 ? -21.911 0.785   -11.121 1.00 33.20 ? 155 ALA A CA  1 
ATOM   1035 C C   . ALA A 1 155 ? -22.974 0.446   -10.077 1.00 32.51 ? 155 ALA A C   1 
ATOM   1036 O O   . ALA A 1 155 ? -24.062 0.102   -10.423 1.00 35.67 ? 155 ALA A O   1 
ATOM   1037 C CB  . ALA A 1 155 ? -20.934 -0.349  -11.321 1.00 33.96 ? 155 ALA A CB  1 
ATOM   1038 N N   . GLU A 1 156 ? -22.650 0.611   -8.791  1.00 30.13 ? 156 GLU A N   1 
ATOM   1039 C CA  . GLU A 1 156 ? -23.580 0.429   -7.737  1.00 27.80 ? 156 GLU A CA  1 
ATOM   1040 C C   . GLU A 1 156 ? -24.743 1.435   -7.855  1.00 30.20 ? 156 GLU A C   1 
ATOM   1041 O O   . GLU A 1 156 ? -25.896 1.102   -7.570  1.00 32.84 ? 156 GLU A O   1 
ATOM   1042 C CB  . GLU A 1 156 ? -22.869 0.516   -6.377  1.00 28.20 ? 156 GLU A CB  1 
ATOM   1043 C CG  . GLU A 1 156 ? -22.011 -0.697  -6.029  1.00 29.88 ? 156 GLU A CG  1 
ATOM   1044 C CD  . GLU A 1 156 ? -22.804 -1.989  -5.788  1.00 33.04 ? 156 GLU A CD  1 
ATOM   1045 O OE1 . GLU A 1 156 ? -23.182 -2.623  -6.772  1.00 35.51 ? 156 GLU A OE1 1 
ATOM   1046 O OE2 . GLU A 1 156 ? -23.115 -2.313  -4.633  1.00 27.24 ? 156 GLU A OE2 1 
ATOM   1047 N N   . ARG A 1 157 ? -24.452 2.693   -8.204  1.00 28.69 ? 157 ARG A N   1 
ATOM   1048 C CA  . ARG A 1 157 ? -25.524 3.671   -8.397  1.00 28.99 ? 157 ARG A CA  1 
ATOM   1049 C C   . ARG A 1 157 ? -26.377 3.309   -9.639  1.00 29.79 ? 157 ARG A C   1 
ATOM   1050 O O   . ARG A 1 157 ? -27.572 3.471   -9.625  1.00 33.29 ? 157 ARG A O   1 
ATOM   1051 C CB  . ARG A 1 157 ? -24.931 5.070   -8.519  1.00 29.94 ? 157 ARG A CB  1 
ATOM   1052 C CG  . ARG A 1 157 ? -24.420 5.631   -7.197  1.00 28.21 ? 157 ARG A CG  1 
ATOM   1053 C CD  . ARG A 1 157 ? -23.534 6.864   -7.395  1.00 26.26 ? 157 ARG A CD  1 
ATOM   1054 N NE  . ARG A 1 157 ? -23.058 7.305   -6.108  1.00 24.18 ? 157 ARG A NE  1 
ATOM   1055 C CZ  . ARG A 1 157 ? -22.548 8.501   -5.849  1.00 24.67 ? 157 ARG A CZ  1 
ATOM   1056 N NH1 . ARG A 1 157 ? -22.373 9.383   -6.834  1.00 21.80 ? 157 ARG A NH1 1 
ATOM   1057 N NH2 . ARG A 1 157 ? -22.257 8.802   -4.589  1.00 21.90 ? 157 ARG A NH2 1 
ATOM   1058 N N   . ASP A 1 158 ? -25.724 2.859   -10.704 1.00 29.92 ? 158 ASP A N   1 
ATOM   1059 C CA  . ASP A 1 158 ? -26.364 2.570   -11.993 1.00 37.08 ? 158 ASP A CA  1 
ATOM   1060 C C   . ASP A 1 158 ? -27.327 1.391   -11.803 1.00 39.60 ? 158 ASP A C   1 
ATOM   1061 O O   . ASP A 1 158 ? -28.409 1.420   -12.359 1.00 43.10 ? 158 ASP A O   1 
ATOM   1062 C CB  . ASP A 1 158 ? -25.330 2.333   -13.089 1.00 35.34 ? 158 ASP A CB  1 
ATOM   1063 C CG  . ASP A 1 158 ? -24.625 3.587   -13.598 1.00 38.95 ? 158 ASP A CG  1 
ATOM   1064 O OD1 . ASP A 1 158 ? -25.014 4.727   -13.206 1.00 41.41 ? 158 ASP A OD1 1 
ATOM   1065 O OD2 . ASP A 1 158 ? -23.653 3.422   -14.359 1.00 39.98 ? 158 ASP A OD2 1 
ATOM   1066 N N   . ARG A 1 159 ? -26.963 0.418   -10.966 1.00 36.18 ? 159 ARG A N   1 
ATOM   1067 C CA  . ARG A 1 159 ? -27.826 -0.771  -10.703 1.00 42.15 ? 159 ARG A CA  1 
ATOM   1068 C C   . ARG A 1 159 ? -28.924 -0.422  -9.680  1.00 39.98 ? 159 ARG A C   1 
ATOM   1069 O O   . ARG A 1 159 ? -29.817 -1.207  -9.439  1.00 41.10 ? 159 ARG A O   1 
ATOM   1070 C CB  . ARG A 1 159 ? -26.958 -1.999  -10.366 1.00 42.92 ? 159 ARG A CB  1 
ATOM   1071 C CG  . ARG A 1 159 ? -26.723 -2.309  -8.894  1.00 48.35 ? 159 ARG A CG  1 
ATOM   1072 C CD  . ARG A 1 159 ? -25.861 -3.558  -8.671  1.00 49.77 ? 159 ARG A CD  1 
ATOM   1073 N NE  . ARG A 1 159 ? -25.362 -3.755  -7.296  1.00 47.81 ? 159 ARG A NE  1 
ATOM   1074 C CZ  . ARG A 1 159 ? -26.042 -4.294  -6.270  1.00 53.49 ? 159 ARG A CZ  1 
ATOM   1075 N NH1 . ARG A 1 159 ? -27.289 -4.708  -6.421  1.00 61.25 ? 159 ARG A NH1 1 
ATOM   1076 N NH2 . ARG A 1 159 ? -25.485 -4.390  -5.074  1.00 51.89 ? 159 ARG A NH2 1 
ATOM   1077 N N   . GLY A 1 160 ? -28.850 0.760   -9.060  1.00 38.02 ? 160 GLY A N   1 
ATOM   1078 C CA  . GLY A 1 160 ? -29.833 1.238   -8.113  1.00 33.68 ? 160 GLY A CA  1 
ATOM   1079 C C   . GLY A 1 160 ? -29.590 0.728   -6.699  1.00 34.00 ? 160 GLY A C   1 
ATOM   1080 O O   . GLY A 1 160 ? -30.441 0.854   -5.853  1.00 37.94 ? 160 GLY A O   1 
ATOM   1081 N N   . ALA A 1 161 ? -28.402 0.190   -6.413  1.00 33.31 ? 161 ALA A N   1 
ATOM   1082 C CA  . ALA A 1 161 ? -28.081 -0.300  -5.059  1.00 33.41 ? 161 ALA A CA  1 
ATOM   1083 C C   . ALA A 1 161 ? -27.558 0.834   -4.168  1.00 33.80 ? 161 ALA A C   1 
ATOM   1084 O O   . ALA A 1 161 ? -27.773 0.811   -2.981  1.00 35.37 ? 161 ALA A O   1 
ATOM   1085 C CB  . ALA A 1 161 ? -27.083 -1.417  -5.149  1.00 36.79 ? 161 ALA A CB  1 
ATOM   1086 N N   . ALA A 1 162 ? -26.932 1.850   -4.771  1.00 30.80 ? 162 ALA A N   1 
ATOM   1087 C CA  . ALA A 1 162 ? -26.408 3.029   -4.008  1.00 30.74 ? 162 ALA A CA  1 
ATOM   1088 C C   . ALA A 1 162 ? -27.098 4.326   -4.460  1.00 29.66 ? 162 ALA A C   1 
ATOM   1089 O O   . ALA A 1 162 ? -27.379 4.500   -5.639  1.00 28.09 ? 162 ALA A O   1 
ATOM   1090 C CB  . ALA A 1 162 ? -24.918 3.102   -4.197  1.00 29.52 ? 162 ALA A CB  1 
ATOM   1091 N N   . PRO A 1 163 ? -27.372 5.274   -3.540  1.00 26.53 ? 163 PRO A N   1 
ATOM   1092 C CA  . PRO A 1 163 ? -28.016 6.544   -3.890  1.00 31.04 ? 163 PRO A CA  1 
ATOM   1093 C C   . PRO A 1 163 ? -27.027 7.569   -4.465  1.00 32.58 ? 163 PRO A C   1 
ATOM   1094 O O   . PRO A 1 163 ? -25.799 7.517   -4.186  1.00 27.42 ? 163 PRO A O   1 
ATOM   1095 C CB  . PRO A 1 163 ? -28.609 6.992   -2.540  1.00 27.52 ? 163 PRO A CB  1 
ATOM   1096 C CG  . PRO A 1 163 ? -27.595 6.475   -1.522  1.00 29.99 ? 163 PRO A CG  1 
ATOM   1097 C CD  . PRO A 1 163 ? -27.106 5.151   -2.096  1.00 27.03 ? 163 PRO A CD  1 
ATOM   1098 N N   . ARG A 1 164 ? -27.519 8.457   -5.334  1.00 29.89 ? 164 ARG A N   1 
ATOM   1099 C CA  . ARG A 1 164 ? -26.637 9.437   -5.936  1.00 30.71 ? 164 ARG A CA  1 
ATOM   1100 C C   . ARG A 1 164 ? -26.491 10.600  -4.950  1.00 32.38 ? 164 ARG A C   1 
ATOM   1101 O O   . ARG A 1 164 ? -27.247 11.553  -4.994  1.00 29.61 ? 164 ARG A O   1 
ATOM   1102 C CB  . ARG A 1 164 ? -27.156 9.893   -7.317  1.00 34.72 ? 164 ARG A CB  1 
ATOM   1103 C CG  . ARG A 1 164 ? -27.261 8.749   -8.328  1.00 41.71 ? 164 ARG A CG  1 
ATOM   1104 C CD  . ARG A 1 164 ? -27.593 9.131   -9.780  1.00 46.38 ? 164 ARG A CD  1 
ATOM   1105 N NE  . ARG A 1 164 ? -27.656 7.969   -10.683 1.00 47.65 ? 164 ARG A NE  1 
ATOM   1106 C CZ  . ARG A 1 164 ? -26.597 7.349   -11.231 1.00 44.13 ? 164 ARG A CZ  1 
ATOM   1107 N NH1 . ARG A 1 164 ? -25.374 7.819   -11.033 1.00 44.06 ? 164 ARG A NH1 1 
ATOM   1108 N NH2 . ARG A 1 164 ? -26.762 6.257   -11.970 1.00 43.13 ? 164 ARG A NH2 1 
ATOM   1109 N N   . THR A 1 165 ? -25.449 10.548  -4.118  1.00 27.54 ? 165 THR A N   1 
ATOM   1110 C CA  . THR A 1 165 ? -25.176 11.542  -3.111  1.00 25.16 ? 165 THR A CA  1 
ATOM   1111 C C   . THR A 1 165 ? -24.017 12.396  -3.617  1.00 27.12 ? 165 THR A C   1 
ATOM   1112 O O   . THR A 1 165 ? -24.169 13.101  -4.611  1.00 25.50 ? 165 THR A O   1 
ATOM   1113 C CB  . THR A 1 165 ? -24.938 10.858  -1.751  1.00 25.27 ? 165 THR A CB  1 
ATOM   1114 O OG1 . THR A 1 165 ? -23.937 9.845   -1.952  1.00 22.17 ? 165 THR A OG1 1 
ATOM   1115 C CG2 . THR A 1 165 ? -26.210 10.266  -1.189  1.00 25.89 ? 165 THR A CG2 1 
ATOM   1116 N N   . LEU A 1 166 ? -22.835 12.225  -3.032  1.00 25.25 ? 166 LEU A N   1 
ATOM   1117 C CA  . LEU A 1 166 ? -21.656 12.955  -3.389  1.00 26.55 ? 166 LEU A CA  1 
ATOM   1118 C C   . LEU A 1 166 ? -21.197 12.538  -4.783  1.00 22.90 ? 166 LEU A C   1 
ATOM   1119 O O   . LEU A 1 166 ? -21.378 11.390  -5.155  1.00 25.27 ? 166 LEU A O   1 
ATOM   1120 C CB  . LEU A 1 166 ? -20.513 12.612  -2.431  1.00 24.44 ? 166 LEU A CB  1 
ATOM   1121 C CG  . LEU A 1 166 ? -20.586 13.055  -0.977  1.00 27.00 ? 166 LEU A CG  1 
ATOM   1122 C CD1 . LEU A 1 166 ? -19.283 12.668  -0.307  1.00 22.71 ? 166 LEU A CD1 1 
ATOM   1123 C CD2 . LEU A 1 166 ? -20.843 14.556  -0.833  1.00 25.32 ? 166 LEU A CD2 1 
ATOM   1124 N N   . PRO A 1 167 ? -20.467 13.397  -5.528  1.00 24.01 ? 167 PRO A N   1 
ATOM   1125 C CA  . PRO A 1 167 ? -19.698 12.957  -6.699  1.00 22.72 ? 167 PRO A CA  1 
ATOM   1126 C C   . PRO A 1 167 ? -18.846 11.737  -6.318  1.00 25.24 ? 167 PRO A C   1 
ATOM   1127 O O   . PRO A 1 167 ? -18.077 11.809  -5.311  1.00 19.30 ? 167 PRO A O   1 
ATOM   1128 C CB  . PRO A 1 167 ? -18.806 14.153  -7.002  1.00 22.46 ? 167 PRO A CB  1 
ATOM   1129 C CG  . PRO A 1 167 ? -19.670 15.353  -6.572  1.00 23.10 ? 167 PRO A CG  1 
ATOM   1130 C CD  . PRO A 1 167 ? -20.312 14.838  -5.293  1.00 23.08 ? 167 PRO A CD  1 
ATOM   1131 N N   . ALA A 1 168 ? -18.995 10.647  -7.088  1.00 22.73 ? 168 ALA A N   1 
ATOM   1132 C CA  . ALA A 1 168 ? -18.361 9.382   -6.769  1.00 24.10 ? 168 ALA A CA  1 
ATOM   1133 C C   . ALA A 1 168 ? -16.843 9.533   -6.609  1.00 23.15 ? 168 ALA A C   1 
ATOM   1134 O O   . ALA A 1 168 ? -16.261 8.868   -5.750  1.00 19.57 ? 168 ALA A O   1 
ATOM   1135 C CB  . ALA A 1 168 ? -18.696 8.337   -7.821  1.00 25.25 ? 168 ALA A CB  1 
ATOM   1136 N N   . HIS A 1 169 ? -16.194 10.326  -7.470  1.00 20.54 ? 169 HIS A N   1 
ATOM   1137 C CA  . HIS A 1 169 ? -14.762 10.374  -7.489  1.00 20.84 ? 169 HIS A CA  1 
ATOM   1138 C C   . HIS A 1 169 ? -14.210 11.092  -6.242  1.00 21.23 ? 169 HIS A C   1 
ATOM   1139 O O   . HIS A 1 169 ? -13.167 10.712  -5.679  1.00 17.38 ? 169 HIS A O   1 
ATOM   1140 C CB  . HIS A 1 169 ? -14.247 10.999  -8.782  1.00 21.03 ? 169 HIS A CB  1 
ATOM   1141 C CG  . HIS A 1 169 ? -12.781 10.843  -9.015  1.00 16.99 ? 169 HIS A CG  1 
ATOM   1142 N ND1 . HIS A 1 169 ? -11.839 11.723  -8.505  1.00 18.59 ? 169 HIS A ND1 1 
ATOM   1143 C CD2 . HIS A 1 169 ? -12.104 9.855   -9.625  1.00 16.94 ? 169 HIS A CD2 1 
ATOM   1144 C CE1 . HIS A 1 169 ? -10.647 11.320  -8.863  1.00 19.39 ? 169 HIS A CE1 1 
ATOM   1145 N NE2 . HIS A 1 169 ? -10.789 10.156  -9.595  1.00 18.98 ? 169 HIS A NE2 1 
ATOM   1146 N N   . GLU A 1 170 ? -14.961 12.097  -5.771  1.00 18.16 ? 170 GLU A N   1 
ATOM   1147 C CA  . GLU A 1 170 ? -14.591 12.865  -4.575  1.00 18.70 ? 170 GLU A CA  1 
ATOM   1148 C C   . GLU A 1 170 ? -14.797 11.981  -3.338  1.00 17.88 ? 170 GLU A C   1 
ATOM   1149 O O   . GLU A 1 170 ? -13.937 11.956  -2.483  1.00 16.62 ? 170 GLU A O   1 
ATOM   1150 C CB  . GLU A 1 170 ? -15.442 14.131  -4.473  1.00 19.63 ? 170 GLU A CB  1 
ATOM   1151 C CG  . GLU A 1 170 ? -15.147 15.071  -5.631  1.00 21.68 ? 170 GLU A CG  1 
ATOM   1152 C CD  . GLU A 1 170 ? -16.035 16.323  -5.735  1.00 25.61 ? 170 GLU A CD  1 
ATOM   1153 O OE1 . GLU A 1 170 ? -16.930 16.494  -4.878  1.00 21.70 ? 170 GLU A OE1 1 
ATOM   1154 O OE2 . GLU A 1 170 ? -15.874 17.051  -6.754  1.00 23.10 ? 170 GLU A OE2 1 
ATOM   1155 N N   . LEU A 1 171 ? -15.893 11.216  -3.318  1.00 16.38 ? 171 LEU A N   1 
ATOM   1156 C CA  . LEU A 1 171 ? -16.154 10.236  -2.219  1.00 18.02 ? 171 LEU A CA  1 
ATOM   1157 C C   . LEU A 1 171 ? -15.035 9.182   -2.185  1.00 18.50 ? 171 LEU A C   1 
ATOM   1158 O O   . LEU A 1 171 ? -14.455 8.887   -1.099  1.00 15.60 ? 171 LEU A O   1 
ATOM   1159 C CB  . LEU A 1 171 ? -17.541 9.611   -2.421  1.00 19.10 ? 171 LEU A CB  1 
ATOM   1160 C CG  . LEU A 1 171 ? -17.936 8.485   -1.466  1.00 19.96 ? 171 LEU A CG  1 
ATOM   1161 C CD1 . LEU A 1 171 ? -17.787 8.890   0.007   1.00 20.99 ? 171 LEU A CD1 1 
ATOM   1162 C CD2 . LEU A 1 171 ? -19.344 8.012   -1.757  1.00 23.74 ? 171 LEU A CD2 1 
ATOM   1163 N N   . ALA A 1 172 ? -14.747 8.613   -3.353  1.00 18.03 ? 172 ALA A N   1 
ATOM   1164 C CA  . ALA A 1 172 ? -13.638 7.660   -3.538  1.00 19.20 ? 172 ALA A CA  1 
ATOM   1165 C C   . ALA A 1 172 ? -12.308 8.222   -3.028  1.00 19.61 ? 172 ALA A C   1 
ATOM   1166 O O   . ALA A 1 172 ? -11.532 7.494   -2.342  1.00 18.32 ? 172 ALA A O   1 
ATOM   1167 C CB  . ALA A 1 172 ? -13.576 7.207   -4.972  1.00 20.52 ? 172 ALA A CB  1 
ATOM   1168 N N   . THR A 1 173 ? -12.003 9.479   -3.355  1.00 15.95 ? 173 THR A N   1 
ATOM   1169 C CA  . THR A 1 173 ? -10.765 10.110  -2.937  1.00 16.82 ? 173 THR A CA  1 
ATOM   1170 C C   . THR A 1 173 ? -10.684 10.097  -1.396  1.00 16.20 ? 173 THR A C   1 
ATOM   1171 O O   . THR A 1 173 ? -9.697  9.674   -0.845  1.00 15.32 ? 173 THR A O   1 
ATOM   1172 C CB  . THR A 1 173 ? -10.581 11.493  -3.577  1.00 20.24 ? 173 THR A CB  1 
ATOM   1173 O OG1 . THR A 1 173 ? -10.590 11.337  -5.014  1.00 18.10 ? 173 THR A OG1 1 
ATOM   1174 C CG2 . THR A 1 173 ? -9.302  12.172  -3.126  1.00 18.72 ? 173 THR A CG2 1 
ATOM   1175 N N   . ALA A 1 174 ? -11.681 10.646  -0.706  1.00 14.28 ? 174 ALA A N   1 
ATOM   1176 C CA  . ALA A 1 174 ? -11.603 10.731  0.766   1.00 14.60 ? 174 ALA A CA  1 
ATOM   1177 C C   . ALA A 1 174 ? -11.533 9.364   1.420   1.00 13.95 ? 174 ALA A C   1 
ATOM   1178 O O   . ALA A 1 174 ? -10.873 9.209   2.427   1.00 14.84 ? 174 ALA A O   1 
ATOM   1179 C CB  . ALA A 1 174 ? -12.801 11.530  1.282   1.00 14.28 ? 174 ALA A CB  1 
ATOM   1180 N N   . LEU A 1 175 ? -12.283 8.369   0.902   1.00 13.53 ? 175 LEU A N   1 
ATOM   1181 C CA  . LEU A 1 175 ? -12.278 7.079   1.541   1.00 14.55 ? 175 LEU A CA  1 
ATOM   1182 C C   . LEU A 1 175 ? -10.907 6.409   1.369   1.00 16.92 ? 175 LEU A C   1 
ATOM   1183 O O   . LEU A 1 175 ? -10.444 5.711   2.280   1.00 16.24 ? 175 LEU A O   1 
ATOM   1184 C CB  . LEU A 1 175 ? -13.390 6.213   0.953   1.00 14.31 ? 175 LEU A CB  1 
ATOM   1185 C CG  . LEU A 1 175 ? -14.822 6.653   1.319   1.00 15.49 ? 175 LEU A CG  1 
ATOM   1186 C CD1 . LEU A 1 175 ? -15.825 5.789   0.553   1.00 17.14 ? 175 LEU A CD1 1 
ATOM   1187 C CD2 . LEU A 1 175 ? -15.038 6.545   2.822   1.00 15.98 ? 175 LEU A CD2 1 
ATOM   1188 N N   . ASN A 1 176 ? -10.287 6.617   0.217   1.00 17.40 ? 176 ASN A N   1 
ATOM   1189 C CA  . ASN A 1 176 ? -8.988  6.051   -0.051  1.00 16.62 ? 176 ASN A CA  1 
ATOM   1190 C C   . ASN A 1 176 ? -7.925  6.724   0.816   1.00 17.21 ? 176 ASN A C   1 
ATOM   1191 O O   . ASN A 1 176 ? -7.028  6.028   1.325   1.00 17.96 ? 176 ASN A O   1 
ATOM   1192 C CB  . ASN A 1 176 ? -8.631  6.110   -1.544  1.00 18.53 ? 176 ASN A CB  1 
ATOM   1193 C CG  . ASN A 1 176 ? -9.145  4.902   -2.314  1.00 19.99 ? 176 ASN A CG  1 
ATOM   1194 O OD1 . ASN A 1 176 ? -8.412  3.933   -2.481  1.00 23.94 ? 176 ASN A OD1 1 
ATOM   1195 N ND2 . ASN A 1 176 ? -10.395 4.919   -2.738  1.00 19.99 ? 176 ASN A ND2 1 
ATOM   1196 N N   . LEU A 1 177 ? -7.990  8.051   0.952   1.00 16.82 ? 177 LEU A N   1 
ATOM   1197 C CA  . LEU A 1 177 ? -7.070  8.790   1.836   1.00 16.37 ? 177 LEU A CA  1 
ATOM   1198 C C   . LEU A 1 177 ? -7.255  8.375   3.315   1.00 15.49 ? 177 LEU A C   1 
ATOM   1199 O O   . LEU A 1 177 ? -6.249  8.216   4.050   1.00 17.85 ? 177 LEU A O   1 
ATOM   1200 C CB  . LEU A 1 177 ? -7.236  10.300  1.628   1.00 17.39 ? 177 LEU A CB  1 
ATOM   1201 C CG  . LEU A 1 177 ? -6.651  10.824  0.298   1.00 17.17 ? 177 LEU A CG  1 
ATOM   1202 C CD1 . LEU A 1 177 ? -6.997  12.260  0.128   1.00 19.20 ? 177 LEU A CD1 1 
ATOM   1203 C CD2 . LEU A 1 177 ? -5.163  10.617  0.194   1.00 19.29 ? 177 LEU A CD2 1 
ATOM   1204 N N   . MET A 1 178 ? -8.498  8.197   3.745   1.00 16.07 ? 178 MET A N   1 
ATOM   1205 C CA  . MET A 1 178 ? -8.780  7.642   5.040   1.00 16.55 ? 178 MET A CA  1 
ATOM   1206 C C   . MET A 1 178 ? -8.034  6.320   5.216   1.00 18.37 ? 178 MET A C   1 
ATOM   1207 O O   . MET A 1 178 ? -7.399  6.126   6.261   1.00 17.65 ? 178 MET A O   1 
ATOM   1208 C CB  . MET A 1 178 ? -10.251 7.336   5.289   1.00 17.11 ? 178 MET A CB  1 
ATOM   1209 C CG  . MET A 1 178 ? -10.494 6.620   6.679   1.00 16.24 ? 178 MET A CG  1 
ATOM   1210 S SD  . MET A 1 178 ? -12.259 6.482   7.022   1.00 19.71 ? 178 MET A SD  1 
ATOM   1211 C CE  . MET A 1 178 ? -12.763 5.343   5.736   1.00 18.22 ? 178 MET A CE  1 
ATOM   1212 N N   . ASN A 1 179 ? -8.190  5.403   4.259   1.00 18.52 ? 179 ASN A N   1 
ATOM   1213 C CA  . ASN A 1 179 ? -7.587  4.102   4.376   1.00 21.28 ? 179 ASN A CA  1 
ATOM   1214 C C   . ASN A 1 179 ? -6.071  4.199   4.483   1.00 20.45 ? 179 ASN A C   1 
ATOM   1215 O O   . ASN A 1 179 ? -5.461  3.466   5.297   1.00 18.81 ? 179 ASN A O   1 
ATOM   1216 C CB  . ASN A 1 179 ? -7.967  3.182   3.224   1.00 19.45 ? 179 ASN A CB  1 
ATOM   1217 C CG  . ASN A 1 179 ? -9.333  2.582   3.417   1.00 21.48 ? 179 ASN A CG  1 
ATOM   1218 O OD1 . ASN A 1 179 ? -10.139 3.112   4.211   1.00 20.33 ? 179 ASN A OD1 1 
ATOM   1219 N ND2 . ASN A 1 179 ? -9.624  1.539   2.647   1.00 20.82 ? 179 ASN A ND2 1 
ATOM   1220 N N   . GLU A 1 180 ? -5.478  5.058   3.645   1.00 20.02 ? 180 GLU A N   1 
ATOM   1221 C CA  . GLU A 1 180 ? -4.030  5.266   3.632   1.00 20.22 ? 180 GLU A CA  1 
ATOM   1222 C C   . GLU A 1 180 ? -3.559  5.683   5.046   1.00 20.88 ? 180 GLU A C   1 
ATOM   1223 O O   . GLU A 1 180 ? -2.662  5.043   5.677   1.00 19.84 ? 180 GLU A O   1 
ATOM   1224 C CB  . GLU A 1 180 ? -3.645  6.313   2.597   1.00 20.50 ? 180 GLU A CB  1 
ATOM   1225 C CG  . GLU A 1 180 ? -2.175  6.691   2.658   1.00 21.76 ? 180 GLU A CG  1 
ATOM   1226 C CD  . GLU A 1 180 ? -1.810  7.911   1.839   1.00 23.74 ? 180 GLU A CD  1 
ATOM   1227 O OE1 . GLU A 1 180 ? -2.194  7.965   0.667   1.00 23.23 ? 180 GLU A OE1 1 
ATOM   1228 O OE2 . GLU A 1 180 ? -1.076  8.779   2.369   1.00 26.10 ? 180 GLU A OE2 1 
ATOM   1229 N N   . ARG A 1 181 ? -4.169  6.736   5.591   1.00 18.56 ? 181 ARG A N   1 
ATOM   1230 C CA  . ARG A 1 181 ? -3.656  7.291   6.861   1.00 19.73 ? 181 ARG A CA  1 
ATOM   1231 C C   . ARG A 1 181 ? -3.972  6.325   8.013   1.00 18.63 ? 181 ARG A C   1 
ATOM   1232 O O   . ARG A 1 181 ? -3.171  6.204   8.948   1.00 18.77 ? 181 ARG A O   1 
ATOM   1233 C CB  . ARG A 1 181 ? -4.316  8.637   7.161   1.00 19.05 ? 181 ARG A CB  1 
ATOM   1234 C CG  . ARG A 1 181 ? -3.759  9.394   8.353   1.00 22.09 ? 181 ARG A CG  1 
ATOM   1235 C CD  . ARG A 1 181 ? -2.327  9.808   8.123   1.00 24.78 ? 181 ARG A CD  1 
ATOM   1236 N NE  . ARG A 1 181 ? -1.866  10.404  9.347   1.00 28.81 ? 181 ARG A NE  1 
ATOM   1237 C CZ  . ARG A 1 181 ? -1.241  9.747   10.321  1.00 29.92 ? 181 ARG A CZ  1 
ATOM   1238 N NH1 . ARG A 1 181 ? -0.884  8.487   10.145  1.00 30.59 ? 181 ARG A NH1 1 
ATOM   1239 N NH2 . ARG A 1 181 ? -0.957  10.376  11.447  1.00 30.75 ? 181 ARG A NH2 1 
ATOM   1240 N N   . THR A 1 182 ? -5.164  5.703   7.985   1.00 17.77 ? 182 THR A N   1 
ATOM   1241 C CA  . THR A 1 182 ? -5.642  4.878   9.117   1.00 20.78 ? 182 THR A CA  1 
ATOM   1242 C C   . THR A 1 182 ? -4.870  3.542   9.149   1.00 22.23 ? 182 THR A C   1 
ATOM   1243 O O   . THR A 1 182 ? -4.358  3.178   10.196  1.00 20.37 ? 182 THR A O   1 
ATOM   1244 C CB  . THR A 1 182 ? -7.173  4.710   9.057   1.00 20.82 ? 182 THR A CB  1 
ATOM   1245 O OG1 . THR A 1 182 ? -7.805  6.000   8.993   1.00 20.03 ? 182 THR A OG1 1 
ATOM   1246 C CG2 . THR A 1 182 ? -7.709  3.942   10.242  1.00 20.86 ? 182 THR A CG2 1 
ATOM   1247 N N   . LEU A 1 183 ? -4.724  2.862   7.985   1.00 19.31 ? 183 LEU A N   1 
ATOM   1248 C CA  . LEU A 1 183 ? -3.946  1.630   7.901   1.00 20.96 ? 183 LEU A CA  1 
ATOM   1249 C C   . LEU A 1 183 ? -2.526  1.877   8.368   1.00 21.56 ? 183 LEU A C   1 
ATOM   1250 O O   . LEU A 1 183 ? -2.046  1.131   9.250   1.00 21.65 ? 183 LEU A O   1 
ATOM   1251 C CB  . LEU A 1 183 ? -3.967  1.030   6.502   1.00 23.95 ? 183 LEU A CB  1 
ATOM   1252 C CG  . LEU A 1 183 ? -5.282  0.362   6.131   1.00 24.09 ? 183 LEU A CG  1 
ATOM   1253 C CD1 . LEU A 1 183 ? -5.213  -0.117  4.709   1.00 28.34 ? 183 LEU A CD1 1 
ATOM   1254 C CD2 . LEU A 1 183 ? -5.629  -0.781  7.095   1.00 27.18 ? 183 LEU A CD2 1 
ATOM   1255 N N   . PHE A 1 184 ? -1.904  2.926   7.848   1.00 22.05 ? 184 PHE A N   1 
ATOM   1256 C CA  . PHE A 1 184 ? -0.501  3.249   8.193   1.00 24.15 ? 184 PHE A CA  1 
ATOM   1257 C C   . PHE A 1 184 ? -0.357  3.596   9.690   1.00 24.00 ? 184 PHE A C   1 
ATOM   1258 O O   . PHE A 1 184 ? 0.544   3.077   10.359  1.00 22.59 ? 184 PHE A O   1 
ATOM   1259 C CB  . PHE A 1 184 ? 0.077   4.261   7.199   1.00 24.87 ? 184 PHE A CB  1 
ATOM   1260 C CG  . PHE A 1 184 ? 0.145   3.730   5.773   1.00 30.17 ? 184 PHE A CG  1 
ATOM   1261 C CD1 . PHE A 1 184 ? -0.067  2.378   5.482   1.00 33.87 ? 184 PHE A CD1 1 
ATOM   1262 C CD2 . PHE A 1 184 ? 0.426   4.571   4.702   1.00 34.73 ? 184 PHE A CD2 1 
ATOM   1263 C CE1 . PHE A 1 184 ? -0.066  1.908   4.172   1.00 33.90 ? 184 PHE A CE1 1 
ATOM   1264 C CE2 . PHE A 1 184 ? 0.494   4.083   3.400   1.00 32.47 ? 184 PHE A CE2 1 
ATOM   1265 C CZ  . PHE A 1 184 ? 0.236   2.759   3.140   1.00 30.95 ? 184 PHE A CZ  1 
ATOM   1266 N N   . ALA A 1 185 ? -1.259  4.395   10.262  1.00 21.40 ? 185 ALA A N   1 
ATOM   1267 C CA  . ALA A 1 185 ? -1.181  4.636   11.691  1.00 21.73 ? 185 ALA A CA  1 
ATOM   1268 C C   . ALA A 1 185 ? -1.295  3.329   12.508  1.00 20.54 ? 185 ALA A C   1 
ATOM   1269 O O   . ALA A 1 185 ? -0.564  3.165   13.505  1.00 21.68 ? 185 ALA A O   1 
ATOM   1270 C CB  . ALA A 1 185 ? -2.276  5.595   12.079  1.00 21.02 ? 185 ALA A CB  1 
ATOM   1271 N N   . SER A 1 186 ? -2.179  2.398   12.110  1.00 17.96 ? 186 SER A N   1 
ATOM   1272 C CA  . SER A 1 186 ? -2.359  1.161   12.853  1.00 19.85 ? 186 SER A CA  1 
ATOM   1273 C C   . SER A 1 186 ? -1.076  0.318   12.761  1.00 22.31 ? 186 SER A C   1 
ATOM   1274 O O   . SER A 1 186 ? -0.622  -0.257  13.772  1.00 22.04 ? 186 SER A O   1 
ATOM   1275 C CB  . SER A 1 186 ? -3.559  0.338   12.371  1.00 20.49 ? 186 SER A CB  1 
ATOM   1276 O OG  . SER A 1 186 ? -4.778  0.971   12.637  1.00 25.69 ? 186 SER A OG  1 
ATOM   1277 N N   . PHE A 1 187 ? -0.501  0.251   11.564  1.00 21.51 ? 187 PHE A N   1 
ATOM   1278 C CA  . PHE A 1 187 ? 0.645   -0.628  11.327  1.00 24.98 ? 187 PHE A CA  1 
ATOM   1279 C C   . PHE A 1 187 ? 1.831   -0.130  12.138  1.00 31.29 ? 187 PHE A C   1 
ATOM   1280 O O   . PHE A 1 187 ? 2.566   -0.941  12.716  1.00 33.50 ? 187 PHE A O   1 
ATOM   1281 C CB  . PHE A 1 187 ? 1.040   -0.690  9.854   1.00 23.55 ? 187 PHE A CB  1 
ATOM   1282 C CG  . PHE A 1 187 ? 0.044   -1.390  8.961   1.00 22.80 ? 187 PHE A CG  1 
ATOM   1283 C CD1 . PHE A 1 187 ? -0.778  -2.363  9.463   1.00 24.87 ? 187 PHE A CD1 1 
ATOM   1284 C CD2 . PHE A 1 187 ? -0.040  -1.072  7.618   1.00 23.91 ? 187 PHE A CD2 1 
ATOM   1285 C CE1 . PHE A 1 187 ? -1.695  -3.004  8.643   1.00 25.89 ? 187 PHE A CE1 1 
ATOM   1286 C CE2 . PHE A 1 187 ? -0.963  -1.698  6.807   1.00 25.66 ? 187 PHE A CE2 1 
ATOM   1287 C CZ  . PHE A 1 187 ? -1.788  -2.665  7.323   1.00 25.09 ? 187 PHE A CZ  1 
ATOM   1288 N N   . ALA A 1 188 ? 2.002   1.194   12.153  1.00 30.23 ? 188 ALA A N   1 
ATOM   1289 C CA  . ALA A 1 188 ? 3.105   1.845   12.864  1.00 30.24 ? 188 ALA A CA  1 
ATOM   1290 C C   . ALA A 1 188 ? 2.859   1.904   14.373  1.00 31.73 ? 188 ALA A C   1 
ATOM   1291 O O   . ALA A 1 188 ? 3.746   2.288   15.091  1.00 36.69 ? 188 ALA A O   1 
ATOM   1292 C CB  . ALA A 1 188 ? 3.366   3.217   12.272  1.00 31.56 ? 188 ALA A CB  1 
ATOM   1293 N N   . GLY A 1 189 ? 1.682   1.517   14.868  1.00 29.18 ? 189 GLY A N   1 
ATOM   1294 C CA  . GLY A 1 189 ? 1.347   1.699   16.288  1.00 32.67 ? 189 GLY A CA  1 
ATOM   1295 C C   . GLY A 1 189 ? 1.370   3.164   16.732  1.00 33.23 ? 189 GLY A C   1 
ATOM   1296 O O   . GLY A 1 189 ? 1.669   3.439   17.900  1.00 30.97 ? 189 GLY A O   1 
ATOM   1297 N N   . GLU A 1 190 ? 0.981   4.113   15.852  1.00 26.97 ? 190 GLU A N   1 
ATOM   1298 C CA  . GLU A 1 190 ? 0.971   5.536   16.202  1.00 29.16 ? 190 GLU A CA  1 
ATOM   1299 C C   . GLU A 1 190 ? -0.026  5.810   17.331  1.00 27.19 ? 190 GLU A C   1 
ATOM   1300 O O   . GLU A 1 190 ? -0.971  5.062   17.562  1.00 23.37 ? 190 GLU A O   1 
ATOM   1301 C CB  . GLU A 1 190 ? 0.545   6.443   15.053  1.00 29.53 ? 190 GLU A CB  1 
ATOM   1302 C CG  . GLU A 1 190 ? 1.569   6.477   13.972  1.00 32.35 ? 190 GLU A CG  1 
ATOM   1303 C CD  . GLU A 1 190 ? 1.224   7.437   12.857  1.00 34.12 ? 190 GLU A CD  1 
ATOM   1304 O OE1 . GLU A 1 190 ? 0.274   8.218   13.021  1.00 32.95 ? 190 GLU A OE1 1 
ATOM   1305 O OE2 . GLU A 1 190 ? 1.973   7.422   11.871  1.00 39.87 ? 190 GLU A OE2 1 
ATOM   1306 N N   . GLN A 1 191 ? 0.198   6.915   18.044  1.00 29.69 ? 191 GLN A N   1 
ATOM   1307 C CA  . GLN A 1 191 ? -0.861  7.400   18.938  1.00 33.10 ? 191 GLN A CA  1 
ATOM   1308 C C   . GLN A 1 191 ? -1.302  8.768   18.453  1.00 33.47 ? 191 GLN A C   1 
ATOM   1309 O O   . GLN A 1 191 ? -0.489  9.693   18.349  1.00 36.69 ? 191 GLN A O   1 
ATOM   1310 C CB  . GLN A 1 191 ? -0.487  7.338   20.422  1.00 43.16 ? 191 GLN A CB  1 
ATOM   1311 C CG  . GLN A 1 191 ? 0.793   8.039   20.828  1.00 55.55 ? 191 GLN A CG  1 
ATOM   1312 C CD  . GLN A 1 191 ? 0.972   7.915   22.326  1.00 68.54 ? 191 GLN A CD  1 
ATOM   1313 O OE1 . GLN A 1 191 ? 0.017   8.046   23.101  1.00 71.08 ? 191 GLN A OE1 1 
ATOM   1314 N NE2 . GLN A 1 191 ? 2.197   7.630   22.743  1.00 66.43 ? 191 GLN A NE2 1 
ATOM   1315 N N   . PRO A 1 192 ? -2.594  8.887   18.124  1.00 31.26 ? 192 PRO A N   1 
ATOM   1316 C CA  . PRO A 1 192 ? -3.601  7.832   18.082  1.00 26.64 ? 192 PRO A CA  1 
ATOM   1317 C C   . PRO A 1 192 ? -3.628  6.849   16.886  1.00 24.16 ? 192 PRO A C   1 
ATOM   1318 O O   . PRO A 1 192 ? -3.251  7.148   15.726  1.00 22.60 ? 192 PRO A O   1 
ATOM   1319 C CB  . PRO A 1 192 ? -4.862  8.716   17.971  1.00 31.54 ? 192 PRO A CB  1 
ATOM   1320 C CG  . PRO A 1 192 ? -4.462  9.786   16.976  1.00 31.69 ? 192 PRO A CG  1 
ATOM   1321 C CD  . PRO A 1 192 ? -3.011  10.061  17.313  1.00 34.46 ? 192 PRO A CD  1 
ATOM   1322 N N   . SER A 1 193 ? -4.235  5.676   17.108  1.00 22.81 ? 193 SER A N   1 
ATOM   1323 C CA  . SER A 1 193 ? -4.492  4.778   16.008  1.00 21.22 ? 193 SER A CA  1 
ATOM   1324 C C   . SER A 1 193 ? -5.603  3.818   16.424  1.00 21.90 ? 193 SER A C   1 
ATOM   1325 O O   . SER A 1 193 ? -5.756  3.542   17.582  1.00 23.89 ? 193 SER A O   1 
ATOM   1326 C CB  . SER A 1 193 ? -3.226  4.061   15.569  1.00 20.49 ? 193 SER A CB  1 
ATOM   1327 O OG  . SER A 1 193 ? -2.694  3.330   16.660  1.00 21.65 ? 193 SER A OG  1 
ATOM   1328 N N   . VAL A 1 194 ? -6.275  3.254   15.444  1.00 19.71 ? 194 VAL A N   1 
ATOM   1329 C CA  . VAL A 1 194 ? -7.198  2.140   15.627  1.00 20.13 ? 194 VAL A CA  1 
ATOM   1330 C C   . VAL A 1 194 ? -6.337  0.916   15.855  1.00 20.98 ? 194 VAL A C   1 
ATOM   1331 O O   . VAL A 1 194 ? -5.372  0.706   15.107  1.00 19.74 ? 194 VAL A O   1 
ATOM   1332 C CB  . VAL A 1 194 ? -8.125  1.957   14.419  1.00 19.91 ? 194 VAL A CB  1 
ATOM   1333 C CG1 . VAL A 1 194 ? -9.108  0.830   14.576  1.00 20.63 ? 194 VAL A CG1 1 
ATOM   1334 C CG2 . VAL A 1 194 ? -8.908  3.215   14.073  1.00 25.06 ? 194 VAL A CG2 1 
ATOM   1335 N N   . PRO A 1 195 ? -6.630  0.049   16.846  1.00 21.93 ? 195 PRO A N   1 
ATOM   1336 C CA  . PRO A 1 195 ? -5.891  -1.209  16.965  1.00 23.86 ? 195 PRO A CA  1 
ATOM   1337 C C   . PRO A 1 195 ? -5.950  -2.023  15.669  1.00 22.42 ? 195 PRO A C   1 
ATOM   1338 O O   . PRO A 1 195 ? -6.992  -2.090  14.987  1.00 19.09 ? 195 PRO A O   1 
ATOM   1339 C CB  . PRO A 1 195 ? -6.641  -1.965  18.074  1.00 26.03 ? 195 PRO A CB  1 
ATOM   1340 C CG  . PRO A 1 195 ? -7.328  -0.883  18.865  1.00 26.40 ? 195 PRO A CG  1 
ATOM   1341 C CD  . PRO A 1 195 ? -7.699  0.174   17.849  1.00 24.04 ? 195 PRO A CD  1 
ATOM   1342 N N   . GLU A 1 196 ? -4.816  -2.636  15.303  1.00 21.54 ? 196 GLU A N   1 
ATOM   1343 C CA  . GLU A 1 196 ? -4.729  -3.352  14.069  1.00 20.27 ? 196 GLU A CA  1 
ATOM   1344 C C   . GLU A 1 196 ? -5.827  -4.411  13.959  1.00 20.00 ? 196 GLU A C   1 
ATOM   1345 O O   . GLU A 1 196 ? -6.368  -4.616  12.891  1.00 19.93 ? 196 GLU A O   1 
ATOM   1346 C CB  . GLU A 1 196 ? -3.301  -3.907  13.947  1.00 24.46 ? 196 GLU A CB  1 
ATOM   1347 C CG  . GLU A 1 196 ? -3.030  -4.585  12.639  1.00 29.72 ? 196 GLU A CG  1 
ATOM   1348 C CD  . GLU A 1 196 ? -1.580  -5.037  12.479  1.00 33.53 ? 196 GLU A CD  1 
ATOM   1349 O OE1 . GLU A 1 196 ? -0.796  -4.780  13.392  1.00 43.25 ? 196 GLU A OE1 1 
ATOM   1350 O OE2 . GLU A 1 196 ? -1.232  -5.537  11.401  1.00 40.28 ? 196 GLU A OE2 1 
ATOM   1351 N N   . ALA A 1 197 ? -6.183  -5.075  15.071  1.00 19.25 ? 197 ALA A N   1 
ATOM   1352 C CA  . ALA A 1 197 ? -7.234  -6.087  15.063  1.00 20.32 ? 197 ALA A CA  1 
ATOM   1353 C C   . ALA A 1 197 ? -8.647  -5.492  14.885  1.00 19.07 ? 197 ALA A C   1 
ATOM   1354 O O   . ALA A 1 197 ? -9.583  -6.268  14.704  1.00 23.15 ? 197 ALA A O   1 
ATOM   1355 C CB  . ALA A 1 197 ? -7.153  -6.883  16.372  1.00 22.37 ? 197 ALA A CB  1 
ATOM   1356 N N   . ARG A 1 198 ? -8.816  -4.165  14.831  1.00 17.11 ? 198 ARG A N   1 
ATOM   1357 C CA  . ARG A 1 198 ? -10.178 -3.536  14.700  1.00 17.99 ? 198 ARG A CA  1 
ATOM   1358 C C   . ARG A 1 198 ? -10.245 -2.668  13.434  1.00 18.55 ? 198 ARG A C   1 
ATOM   1359 O O   . ARG A 1 198 ? -11.302 -2.215  13.087  1.00 18.12 ? 198 ARG A O   1 
ATOM   1360 C CB  . ARG A 1 198 ? -10.477 -2.642  15.891  1.00 20.51 ? 198 ARG A CB  1 
ATOM   1361 C CG  . ARG A 1 198 ? -10.624 -3.450  17.173  1.00 21.08 ? 198 ARG A CG  1 
ATOM   1362 C CD  . ARG A 1 198 ? -11.943 -4.237  17.177  1.00 22.51 ? 198 ARG A CD  1 
ATOM   1363 N NE  . ARG A 1 198 ? -13.079 -3.395  16.815  1.00 25.10 ? 198 ARG A NE  1 
ATOM   1364 C CZ  . ARG A 1 198 ? -14.086 -3.789  16.047  1.00 26.27 ? 198 ARG A CZ  1 
ATOM   1365 N NH1 . ARG A 1 198 ? -14.225 -5.081  15.768  1.00 25.65 ? 198 ARG A NH1 1 
ATOM   1366 N NH2 . ARG A 1 198 ? -14.924 -2.908  15.522  1.00 25.00 ? 198 ARG A NH2 1 
ATOM   1367 N N   . VAL A 1 199 ? -9.107  -2.476  12.770  1.00 18.43 ? 199 VAL A N   1 
ATOM   1368 C CA  . VAL A 1 199 ? -9.037  -1.439  11.698  1.00 19.70 ? 199 VAL A CA  1 
ATOM   1369 C C   . VAL A 1 199 ? -9.854  -1.879  10.474  1.00 18.77 ? 199 VAL A C   1 
ATOM   1370 O O   . VAL A 1 199 ? -10.588 -1.085  9.881   1.00 19.44 ? 199 VAL A O   1 
ATOM   1371 C CB  . VAL A 1 199 ? -7.588  -0.997  11.396  1.00 21.99 ? 199 VAL A CB  1 
ATOM   1372 C CG1 . VAL A 1 199 ? -6.761  -2.021  10.694  1.00 22.87 ? 199 VAL A CG1 1 
ATOM   1373 C CG2 . VAL A 1 199 ? -7.575  0.313   10.599  1.00 22.57 ? 199 VAL A CG2 1 
ATOM   1374 N N   . LEU A 1 200 ? -9.810  -3.163  10.106  1.00 20.27 ? 200 LEU A N   1 
ATOM   1375 C CA  . LEU A 1 200 ? -10.605 -3.587  8.946   1.00 20.00 ? 200 LEU A CA  1 
ATOM   1376 C C   . LEU A 1 200 ? -12.100 -3.288  9.140   1.00 21.40 ? 200 LEU A C   1 
ATOM   1377 O O   . LEU A 1 200 ? -12.721 -2.623  8.246   1.00 21.15 ? 200 LEU A O   1 
ATOM   1378 C CB  . LEU A 1 200 ? -10.332 -5.057  8.647   1.00 22.62 ? 200 LEU A CB  1 
ATOM   1379 C CG  . LEU A 1 200 ? -10.899 -5.576  7.341   1.00 24.17 ? 200 LEU A CG  1 
ATOM   1380 C CD1 . LEU A 1 200 ? -10.389 -4.749  6.151   1.00 23.69 ? 200 LEU A CD1 1 
ATOM   1381 C CD2 . LEU A 1 200 ? -10.547 -7.060  7.209   1.00 25.47 ? 200 LEU A CD2 1 
ATOM   1382 N N   . ASP A 1 201 ? -12.687 -3.746  10.254  1.00 19.00 ? 201 ASP A N   1 
ATOM   1383 C CA  . ASP A 1 201 ? -14.102 -3.523  10.528  1.00 19.31 ? 201 ASP A CA  1 
ATOM   1384 C C   . ASP A 1 201 ? -14.409 -2.015  10.600  1.00 17.62 ? 201 ASP A C   1 
ATOM   1385 O O   . ASP A 1 201 ? -15.493 -1.599  10.229  1.00 19.57 ? 201 ASP A O   1 
ATOM   1386 C CB  . ASP A 1 201 ? -14.596 -4.105  11.851  1.00 23.38 ? 201 ASP A CB  1 
ATOM   1387 C CG  . ASP A 1 201 ? -14.862 -5.611  11.921  1.00 29.02 ? 201 ASP A CG  1 
ATOM   1388 O OD1 . ASP A 1 201 ? -14.918 -6.262  10.865  1.00 26.03 ? 201 ASP A OD1 1 
ATOM   1389 O OD2 . ASP A 1 201 ? -14.976 -6.120  13.088  1.00 31.31 ? 201 ASP A OD2 1 
ATOM   1390 N N   . THR A 1 202 ? -13.481 -1.190  11.108  1.00 17.48 ? 202 THR A N   1 
ATOM   1391 C CA  . THR A 1 202 ? -13.740 0.239   11.249  1.00 16.29 ? 202 THR A CA  1 
ATOM   1392 C C   . THR A 1 202 ? -13.904 0.873   9.860   1.00 15.91 ? 202 THR A C   1 
ATOM   1393 O O   . THR A 1 202 ? -14.881 1.529   9.573   1.00 17.60 ? 202 THR A O   1 
ATOM   1394 C CB  . THR A 1 202 ? -12.589 0.901   12.018  1.00 17.61 ? 202 THR A CB  1 
ATOM   1395 O OG1 . THR A 1 202 ? -12.510 0.283   13.323  1.00 18.60 ? 202 THR A OG1 1 
ATOM   1396 C CG2 . THR A 1 202 ? -12.760 2.401   12.130  1.00 18.38 ? 202 THR A CG2 1 
ATOM   1397 N N   . LEU A 1 203 ? -12.960 0.564   8.974   1.00 16.12 ? 203 LEU A N   1 
ATOM   1398 C CA  . LEU A 1 203 ? -12.930 1.119   7.589   1.00 16.48 ? 203 LEU A CA  1 
ATOM   1399 C C   . LEU A 1 203 ? -14.130 0.606   6.819   1.00 17.22 ? 203 LEU A C   1 
ATOM   1400 O O   . LEU A 1 203 ? -14.788 1.388   6.103   1.00 18.57 ? 203 LEU A O   1 
ATOM   1401 C CB  . LEU A 1 203 ? -11.580 0.769   6.939   1.00 15.02 ? 203 LEU A CB  1 
ATOM   1402 C CG  . LEU A 1 203 ? -10.347 1.362   7.621   1.00 16.70 ? 203 LEU A CG  1 
ATOM   1403 C CD1 . LEU A 1 203 ? -9.061  0.848   7.014   1.00 18.66 ? 203 LEU A CD1 1 
ATOM   1404 C CD2 . LEU A 1 203 ? -10.364 2.841   7.614   1.00 20.09 ? 203 LEU A CD2 1 
ATOM   1405 N N   . VAL A 1 204 ? -14.461 -0.674  6.978   1.00 17.48 ? 204 VAL A N   1 
ATOM   1406 C CA  . VAL A 1 204 ? -15.514 -1.261  6.176   1.00 17.84 ? 204 VAL A CA  1 
ATOM   1407 C C   . VAL A 1 204 ? -16.848 -0.561  6.540   1.00 18.19 ? 204 VAL A C   1 
ATOM   1408 O O   . VAL A 1 204 ? -17.641 -0.166  5.665   1.00 19.01 ? 204 VAL A O   1 
ATOM   1409 C CB  . VAL A 1 204 ? -15.599 -2.782  6.336   1.00 18.91 ? 204 VAL A CB  1 
ATOM   1410 C CG1 . VAL A 1 204 ? -16.904 -3.306  5.773   1.00 20.58 ? 204 VAL A CG1 1 
ATOM   1411 C CG2 . VAL A 1 204 ? -14.410 -3.536  5.716   1.00 20.33 ? 204 VAL A CG2 1 
ATOM   1412 N N   . HIS A 1 205 ? -17.072 -0.345  7.827   1.00 18.63 ? 205 HIS A N   1 
ATOM   1413 C CA  . HIS A 1 205 ? -18.309 0.316   8.266   1.00 18.04 ? 205 HIS A CA  1 
ATOM   1414 C C   . HIS A 1 205 ? -18.440 1.721   7.632   1.00 17.98 ? 205 HIS A C   1 
ATOM   1415 O O   . HIS A 1 205 ? -19.523 2.090   7.164   1.00 18.81 ? 205 HIS A O   1 
ATOM   1416 C CB  . HIS A 1 205 ? -18.312 0.447   9.771   1.00 18.95 ? 205 HIS A CB  1 
ATOM   1417 C CG  . HIS A 1 205 ? -19.341 1.404   10.271  1.00 20.41 ? 205 HIS A CG  1 
ATOM   1418 N ND1 . HIS A 1 205 ? -20.641 1.004   10.500  1.00 19.90 ? 205 HIS A ND1 1 
ATOM   1419 C CD2 . HIS A 1 205 ? -19.276 2.725   10.568  1.00 18.92 ? 205 HIS A CD2 1 
ATOM   1420 C CE1 . HIS A 1 205 ? -21.346 2.024   10.940  1.00 21.60 ? 205 HIS A CE1 1 
ATOM   1421 N NE2 . HIS A 1 205 ? -20.531 3.119   10.992  1.00 18.54 ? 205 HIS A NE2 1 
ATOM   1422 N N   . ILE A 1 206 ? -17.345 2.514   7.669   1.00 17.77 ? 206 ILE A N   1 
ATOM   1423 C CA  . ILE A 1 206 ? -17.349 3.861   7.131   1.00 17.19 ? 206 ILE A CA  1 
ATOM   1424 C C   . ILE A 1 206 ? -17.557 3.820   5.606   1.00 18.00 ? 206 ILE A C   1 
ATOM   1425 O O   . ILE A 1 206 ? -18.264 4.655   5.075   1.00 18.48 ? 206 ILE A O   1 
ATOM   1426 C CB  . ILE A 1 206 ? -16.085 4.645   7.572   1.00 17.12 ? 206 ILE A CB  1 
ATOM   1427 C CG1 . ILE A 1 206 ? -16.020 4.735   9.104   1.00 18.68 ? 206 ILE A CG1 1 
ATOM   1428 C CG2 . ILE A 1 206 ? -16.072 6.032   6.947   1.00 17.25 ? 206 ILE A CG2 1 
ATOM   1429 C CD1 . ILE A 1 206 ? -14.676 5.299   9.613   1.00 19.65 ? 206 ILE A CD1 1 
ATOM   1430 N N   . TRP A 1 207 ? -16.897 2.899   4.887   1.00 18.68 ? 207 TRP A N   1 
ATOM   1431 C CA  . TRP A 1 207 ? -17.104 2.748   3.413   1.00 20.73 ? 207 TRP A CA  1 
ATOM   1432 C C   . TRP A 1 207 ? -18.568 2.417   3.090   1.00 21.08 ? 207 TRP A C   1 
ATOM   1433 O O   . TRP A 1 207 ? -19.214 3.106   2.262   1.00 19.40 ? 207 TRP A O   1 
ATOM   1434 C CB  . TRP A 1 207 ? -16.193 1.674   2.816   1.00 19.96 ? 207 TRP A CB  1 
ATOM   1435 C CG  . TRP A 1 207 ? -14.786 2.127   2.598   1.00 18.78 ? 207 TRP A CG  1 
ATOM   1436 C CD1 . TRP A 1 207 ? -13.922 2.709   3.488   1.00 19.27 ? 207 TRP A CD1 1 
ATOM   1437 C CD2 . TRP A 1 207 ? -14.106 2.118   1.338   1.00 20.89 ? 207 TRP A CD2 1 
ATOM   1438 N NE1 . TRP A 1 207 ? -12.720 2.962   2.887   1.00 20.43 ? 207 TRP A NE1 1 
ATOM   1439 C CE2 . TRP A 1 207 ? -12.819 2.667   1.554   1.00 20.54 ? 207 TRP A CE2 1 
ATOM   1440 C CE3 . TRP A 1 207 ? -14.475 1.750   0.043   1.00 19.12 ? 207 TRP A CE3 1 
ATOM   1441 C CZ2 . TRP A 1 207 ? -11.887 2.810   0.521   1.00 21.29 ? 207 TRP A CZ2 1 
ATOM   1442 C CZ3 . TRP A 1 207 ? -13.538 1.847   -0.961  1.00 18.98 ? 207 TRP A CZ3 1 
ATOM   1443 C CH2 . TRP A 1 207 ? -12.277 2.384   -0.731  1.00 20.36 ? 207 TRP A CH2 1 
ATOM   1444 N N   . VAL A 1 208 ? -19.131 1.438   3.801   1.00 22.58 ? 208 VAL A N   1 
ATOM   1445 C CA  . VAL A 1 208 ? -20.471 0.949   3.482   1.00 21.36 ? 208 VAL A CA  1 
ATOM   1446 C C   . VAL A 1 208 ? -21.538 1.995   3.833   1.00 21.84 ? 208 VAL A C   1 
ATOM   1447 O O   . VAL A 1 208 ? -22.426 2.271   3.004   1.00 22.07 ? 208 VAL A O   1 
ATOM   1448 C CB  . VAL A 1 208 ? -20.764 -0.403  4.159   1.00 24.36 ? 208 VAL A CB  1 
ATOM   1449 C CG1 . VAL A 1 208 ? -22.260 -0.734  4.151   1.00 31.01 ? 208 VAL A CG1 1 
ATOM   1450 C CG2 . VAL A 1 208 ? -19.961 -1.503  3.489   1.00 24.59 ? 208 VAL A CG2 1 
ATOM   1451 N N   . THR A 1 209 ? -21.425 2.625   5.006   1.00 20.92 ? 209 THR A N   1 
ATOM   1452 C CA  . THR A 1 209 ? -22.423 3.614   5.366   1.00 22.21 ? 209 THR A CA  1 
ATOM   1453 C C   . THR A 1 209 ? -22.294 4.840   4.452   1.00 21.13 ? 209 THR A C   1 
ATOM   1454 O O   . THR A 1 209 ? -23.301 5.365   4.054   1.00 21.22 ? 209 THR A O   1 
ATOM   1455 C CB  . THR A 1 209 ? -22.388 4.003   6.837   1.00 24.23 ? 209 THR A CB  1 
ATOM   1456 O OG1 . THR A 1 209 ? -21.061 4.477   7.091   1.00 22.58 ? 209 THR A OG1 1 
ATOM   1457 C CG2 . THR A 1 209 ? -22.846 2.863   7.727   1.00 23.00 ? 209 THR A CG2 1 
ATOM   1458 N N   . SER A 1 210 ? -21.067 5.230   4.062   1.00 18.58 ? 210 SER A N   1 
ATOM   1459 C CA  . SER A 1 210 ? -20.913 6.441   3.255   1.00 19.32 ? 210 SER A CA  1 
ATOM   1460 C C   . SER A 1 210 ? -21.291 6.192   1.785   1.00 21.35 ? 210 SER A C   1 
ATOM   1461 O O   . SER A 1 210 ? -21.756 7.141   1.090   1.00 20.73 ? 210 SER A O   1 
ATOM   1462 C CB  . SER A 1 210 ? -19.578 7.093   3.479   1.00 17.35 ? 210 SER A CB  1 
ATOM   1463 O OG  . SER A 1 210 ? -18.523 6.434   2.801   1.00 18.97 ? 210 SER A OG  1 
ATOM   1464 N N   . ILE A 1 211 ? -21.224 4.931   1.336   1.00 19.52 ? 211 ILE A N   1 
ATOM   1465 C CA  . ILE A 1 211 ? -21.474 4.596   -0.038  1.00 22.34 ? 211 ILE A CA  1 
ATOM   1466 C C   . ILE A 1 211 ? -22.978 4.325   -0.227  1.00 22.80 ? 211 ILE A C   1 
ATOM   1467 O O   . ILE A 1 211 ? -23.529 4.768   -1.255  1.00 23.12 ? 211 ILE A O   1 
ATOM   1468 C CB  . ILE A 1 211 ? -20.585 3.443   -0.551  1.00 22.21 ? 211 ILE A CB  1 
ATOM   1469 C CG1 . ILE A 1 211 ? -19.158 3.944   -0.707  1.00 19.63 ? 211 ILE A CG1 1 
ATOM   1470 C CG2 . ILE A 1 211 ? -21.144 2.879   -1.854  1.00 23.02 ? 211 ILE A CG2 1 
ATOM   1471 C CD1 . ILE A 1 211 ? -18.120 2.850   -0.909  1.00 20.11 ? 211 ILE A CD1 1 
ATOM   1472 N N   . TYR A 1 212 ? -23.636 3.750   0.777   1.00 22.33 ? 212 TYR A N   1 
ATOM   1473 C CA  . TYR A 1 212 ? -25.035 3.251   0.606   1.00 24.82 ? 212 TYR A CA  1 
ATOM   1474 C C   . TYR A 1 212 ? -26.013 4.169   1.330   1.00 27.88 ? 212 TYR A C   1 
ATOM   1475 O O   . TYR A 1 212 ? -27.223 4.097   1.080   1.00 25.47 ? 212 TYR A O   1 
ATOM   1476 C CB  . TYR A 1 212 ? -25.147 1.767   1.001   1.00 21.76 ? 212 TYR A CB  1 
ATOM   1477 C CG  . TYR A 1 212 ? -24.358 0.886   0.079   1.00 25.49 ? 212 TYR A CG  1 
ATOM   1478 C CD1 . TYR A 1 212 ? -24.836 0.527   -1.185  1.00 26.51 ? 212 TYR A CD1 1 
ATOM   1479 C CD2 . TYR A 1 212 ? -23.095 0.437   0.436   1.00 25.74 ? 212 TYR A CD2 1 
ATOM   1480 C CE1 . TYR A 1 212 ? -24.055 -0.202  -2.066  1.00 23.02 ? 212 TYR A CE1 1 
ATOM   1481 C CE2 . TYR A 1 212 ? -22.315 -0.303  -0.430  1.00 24.34 ? 212 TYR A CE2 1 
ATOM   1482 C CZ  . TYR A 1 212 ? -22.812 -0.666  -1.673  1.00 25.21 ? 212 TYR A CZ  1 
ATOM   1483 O OH  . TYR A 1 212 ? -22.001 -1.352  -2.543  1.00 22.92 ? 212 TYR A OH  1 
ATOM   1484 N N   . GLY A 1 213 ? -25.496 5.043   2.211   1.00 27.83 ? 213 GLY A N   1 
ATOM   1485 C CA  . GLY A 1 213 ? -26.348 5.790   3.098   1.00 29.98 ? 213 GLY A CA  1 
ATOM   1486 C C   . GLY A 1 213 ? -26.884 7.053   2.428   1.00 35.93 ? 213 GLY A C   1 
ATOM   1487 O O   . GLY A 1 213 ? -26.239 7.647   1.582   1.00 30.80 ? 213 GLY A O   1 
ATOM   1488 N N   . GLU A 1 214 ? -28.096 7.467   2.817   1.00 43.58 ? 214 GLU A N   1 
ATOM   1489 C CA  . GLU A 1 214 ? -28.621 8.816   2.477   1.00 50.80 ? 214 GLU A CA  1 
ATOM   1490 C C   . GLU A 1 214 ? -29.048 9.498   3.774   1.00 46.00 ? 214 GLU A C   1 
ATOM   1491 O O   . GLU A 1 214 ? -28.375 10.424  4.217   1.00 60.79 ? 214 GLU A O   1 
ATOM   1492 C CB  . GLU A 1 214 ? -29.754 8.735   1.461   1.00 51.17 ? 214 GLU A CB  1 
ATOM   1493 C CG  . GLU A 1 214 ? -30.659 7.532   1.652   1.00 53.71 ? 214 GLU A CG  1 
ATOM   1494 C CD  . GLU A 1 214 ? -31.294 7.042   0.365   1.00 64.62 ? 214 GLU A CD  1 
ATOM   1495 O OE1 . GLU A 1 214 ? -31.666 5.848   0.319   1.00 64.72 ? 214 GLU A OE1 1 
ATOM   1496 O OE2 . GLU A 1 214 ? -31.401 7.853   -0.594  1.00 62.42 ? 214 GLU A OE2 1 
HETATM 1497 C C4  . UAK B 2 .   ? -9.768  -0.084  -0.691  1.00 42.49 ? 401 UAK A C4  1 
HETATM 1498 C C14 . UAK B 2 .   ? -8.579  0.815   -2.723  1.00 40.06 ? 401 UAK A C14 1 
HETATM 1499 C C5  . UAK B 2 .   ? -7.662  1.115   -0.356  1.00 38.72 ? 401 UAK A C5  1 
HETATM 1500 C C6  . UAK B 2 .   ? -5.906  2.787   0.056   1.00 35.31 ? 401 UAK A C6  1 
HETATM 1501 C C11 . UAK B 2 .   ? -2.247  0.979   1.462   1.00 38.89 ? 401 UAK A C11 1 
HETATM 1502 C C7  . UAK B 2 .   ? -5.593  4.047   -0.732  1.00 37.46 ? 401 UAK A C7  1 
HETATM 1503 C C8  . UAK B 2 .   ? -4.624  2.135   0.546   1.00 32.88 ? 401 UAK A C8  1 
HETATM 1504 C C9  . UAK B 2 .   ? -4.330  2.055   1.894   1.00 33.17 ? 401 UAK A C9  1 
HETATM 1505 C C10 . UAK B 2 .   ? -3.146  1.494   2.348   1.00 35.59 ? 401 UAK A C10 1 
HETATM 1506 C C12 . UAK B 2 .   ? -2.521  1.047   0.109   1.00 42.20 ? 401 UAK A C12 1 
HETATM 1507 C C13 . UAK B 2 .   ? -3.703  1.621   -0.347  1.00 41.59 ? 401 UAK A C13 1 
HETATM 1508 N N1  . UAK B 2 .   ? -8.585  0.587   -1.252  1.00 36.84 ? 401 UAK A N1  1 
HETATM 1509 N N2  . UAK B 2 .   ? -6.735  1.932   -0.810  1.00 34.77 ? 401 UAK A N2  1 
HETATM 1510 C C3  . UAK B 2 .   ? -10.435 -1.085  -1.615  1.00 38.13 ? 401 UAK A C3  1 
HETATM 1511 C C1  . UAK B 2 .   ? -11.625 -1.400  -3.812  1.00 39.67 ? 401 UAK A C1  1 
HETATM 1512 C C2  . UAK B 2 .   ? -10.738 -0.497  -2.966  1.00 37.49 ? 401 UAK A C2  1 
HETATM 1513 O O1  . UAK B 2 .   ? -7.695  0.861   0.860   1.00 39.50 ? 401 UAK A O1  1 
HETATM 1514 C C15 . UAK B 2 .   ? -9.384  -0.178  -3.563  1.00 40.64 ? 401 UAK A C15 1 
HETATM 1515 O O   . HOH C 3 .   ? -16.550 5.790   -12.733 1.00 45.57 ? 501 HOH A O   1 
HETATM 1516 O O   . HOH C 3 .   ? -23.645 6.342   -11.873 1.00 42.77 ? 502 HOH A O   1 
HETATM 1517 O O   . HOH C 3 .   ? 0.898   -7.133  13.765  1.00 47.67 ? 503 HOH A O   1 
HETATM 1518 O O   . HOH C 3 .   ? 8.095   6.921   -9.509  1.00 40.91 ? 504 HOH A O   1 
HETATM 1519 O O   . HOH C 3 .   ? -1.691  9.125   14.298  1.00 28.87 ? 505 HOH A O   1 
HETATM 1520 O O   . HOH C 3 .   ? -17.952 15.501  -2.776  1.00 25.88 ? 506 HOH A O   1 
HETATM 1521 O O   . HOH C 3 .   ? -23.912 9.400   -9.602  1.00 41.76 ? 507 HOH A O   1 
HETATM 1522 O O   . HOH C 3 .   ? -2.551  6.098   -12.277 1.00 28.51 ? 508 HOH A O   1 
HETATM 1523 O O   . HOH C 3 .   ? 0.318   -3.937  -11.078 1.00 39.17 ? 509 HOH A O   1 
HETATM 1524 O O   . HOH C 3 .   ? -18.629 2.271   -13.408 1.00 37.69 ? 510 HOH A O   1 
HETATM 1525 O O   . HOH C 3 .   ? -24.168 7.855   -0.267  1.00 20.61 ? 511 HOH A O   1 
HETATM 1526 O O   . HOH C 3 .   ? -13.518 5.812   -12.350 1.00 24.06 ? 512 HOH A O   1 
HETATM 1527 O O   . HOH C 3 .   ? -7.284  -10.393 6.931   1.00 23.03 ? 513 HOH A O   1 
HETATM 1528 O O   . HOH C 3 .   ? -14.091 16.332  -8.587  0.50 21.89 ? 514 HOH A O   1 
HETATM 1529 O O   . HOH C 3 .   ? -28.942 4.820   -7.789  1.00 40.53 ? 515 HOH A O   1 
HETATM 1530 O O   . HOH C 3 .   ? -2.053  11.702  13.503  1.00 34.61 ? 516 HOH A O   1 
HETATM 1531 O O   . HOH C 3 .   ? 2.696   10.810  -3.351  1.00 38.97 ? 517 HOH A O   1 
HETATM 1532 O O   . HOH C 3 .   ? -16.768 8.606   -11.565 1.00 32.88 ? 518 HOH A O   1 
HETATM 1533 O O   . HOH C 3 .   ? -21.055 -8.931  -4.126  1.00 52.79 ? 519 HOH A O   1 
HETATM 1534 O O   . HOH C 3 .   ? 16.585  1.617   15.333  1.00 52.63 ? 520 HOH A O   1 
HETATM 1535 O O   . HOH C 3 .   ? 31.044  -8.432  -4.711  1.00 28.25 ? 521 HOH A O   1 
HETATM 1536 O O   . HOH C 3 .   ? 12.608  5.834   4.317   1.00 38.37 ? 522 HOH A O   1 
HETATM 1537 O O   . HOH C 3 .   ? -8.545  -5.467  11.487  1.00 19.63 ? 523 HOH A O   1 
HETATM 1538 O O   . HOH C 3 .   ? -23.382 6.484   -3.400  1.00 20.76 ? 524 HOH A O   1 
HETATM 1539 O O   . HOH C 3 .   ? 8.502   -4.752  5.308   1.00 28.78 ? 525 HOH A O   1 
HETATM 1540 O O   . HOH C 3 .   ? -0.991  8.897   5.112   1.00 42.67 ? 526 HOH A O   1 
HETATM 1541 O O   . HOH C 3 .   ? -8.520  12.337  -6.518  1.00 30.82 ? 527 HOH A O   1 
HETATM 1542 O O   . HOH C 3 .   ? 12.526  1.943   12.829  1.00 56.99 ? 528 HOH A O   1 
HETATM 1543 O O   . HOH C 3 .   ? -17.429 -3.506  9.763   1.00 22.63 ? 529 HOH A O   1 
HETATM 1544 O O   . HOH C 3 .   ? -8.301  2.157   -12.120 1.00 34.73 ? 530 HOH A O   1 
HETATM 1545 O O   . HOH C 3 .   ? 30.826  -2.782  -9.863  1.00 21.75 ? 531 HOH A O   1 
HETATM 1546 O O   . HOH C 3 .   ? 13.607  5.889   -1.860  1.00 43.01 ? 532 HOH A O   1 
HETATM 1547 O O   . HOH C 3 .   ? 33.139  -3.535  -0.047  1.00 43.85 ? 533 HOH A O   1 
HETATM 1548 O O   . HOH C 3 .   ? -17.990 18.464  -7.969  1.00 32.73 ? 534 HOH A O   1 
HETATM 1549 O O   . HOH C 3 .   ? -29.601 5.842   4.563   1.00 47.06 ? 535 HOH A O   1 
HETATM 1550 O O   . HOH C 3 .   ? 5.234   0.416   -11.085 1.00 35.01 ? 536 HOH A O   1 
HETATM 1551 O O   . HOH C 3 .   ? -8.231  9.021   -10.023 1.00 24.52 ? 537 HOH A O   1 
HETATM 1552 O O   . HOH C 3 .   ? -9.544  -8.769  13.364  1.00 36.21 ? 538 HOH A O   1 
HETATM 1553 O O   . HOH C 3 .   ? -5.445  3.798   12.781  1.00 21.68 ? 539 HOH A O   1 
HETATM 1554 O O   . HOH C 3 .   ? 2.787   2.305   8.780   1.00 33.63 ? 540 HOH A O   1 
HETATM 1555 O O   . HOH C 3 .   ? 5.466   -6.639  8.340   1.00 30.79 ? 541 HOH A O   1 
HETATM 1556 O O   . HOH C 3 .   ? -2.309  -1.783  16.424  1.00 39.46 ? 542 HOH A O   1 
HETATM 1557 O O   . HOH C 3 .   ? 19.344  7.217   -6.883  1.00 51.17 ? 543 HOH A O   1 
HETATM 1558 O O   . HOH C 3 .   ? -11.342 -5.476  12.156  1.00 20.43 ? 544 HOH A O   1 
HETATM 1559 O O   . HOH C 3 .   ? 2.709   8.302   17.585  1.00 40.04 ? 545 HOH A O   1 
HETATM 1560 O O   . HOH C 3 .   ? -20.684 11.213  -9.394  1.00 31.92 ? 546 HOH A O   1 
HETATM 1561 O O   . HOH C 3 .   ? -30.417 8.599   -5.682  1.00 36.20 ? 547 HOH A O   1 
HETATM 1562 O O   . HOH C 3 .   ? -4.342  -5.443  17.336  1.00 24.04 ? 548 HOH A O   1 
HETATM 1563 O O   . HOH C 3 .   ? -20.456 -10.715 -6.843  1.00 43.96 ? 549 HOH A O   1 
HETATM 1564 O O   . HOH C 3 .   ? 15.342  7.162   7.426   1.00 39.89 ? 550 HOH A O   1 
HETATM 1565 O O   . HOH C 3 .   ? -4.093  1.350   18.772  1.00 40.76 ? 551 HOH A O   1 
HETATM 1566 O O   . HOH C 3 .   ? -20.917 -1.546  12.125  1.00 43.44 ? 552 HOH A O   1 
HETATM 1567 O O   . HOH C 3 .   ? 8.007   -5.845  7.971   1.00 36.99 ? 553 HOH A O   1 
HETATM 1568 O O   . HOH C 3 .   ? -19.842 -2.853  8.388   1.00 34.39 ? 554 HOH A O   1 
HETATM 1569 O O   . HOH C 3 .   ? -0.249  11.807  15.986  1.00 48.79 ? 555 HOH A O   1 
HETATM 1570 O O   . HOH C 3 .   ? 0.134   11.223  7.002   1.00 44.26 ? 556 HOH A O   1 
HETATM 1571 O O   . HOH C 3 .   ? -12.178 -7.714  13.372  1.00 60.71 ? 557 HOH A O   1 
HETATM 1572 O O   . HOH C 3 .   ? -10.656 -7.179  17.637  1.00 44.71 ? 558 HOH A O   1 
HETATM 1573 O O   . HOH C 3 .   ? 25.304  5.085   2.738   1.00 50.96 ? 559 HOH A O   1 
HETATM 1574 O O   . HOH C 3 .   ? -6.501  12.802  -10.049 1.00 43.40 ? 560 HOH A O   1 
HETATM 1575 O O   . HOH C 3 .   ? 2.042   12.055  3.497   1.00 63.11 ? 561 HOH A O   1 
HETATM 1576 O O   . HOH C 3 .   ? 35.882  -6.182  -3.530  1.00 32.97 ? 562 HOH A O   1 
HETATM 1577 O O   . HOH C 3 .   ? -11.026 1.744   -13.237 1.00 49.19 ? 563 HOH A O   1 
HETATM 1578 O O   . HOH C 3 .   ? -7.041  10.856  -8.411  1.00 31.63 ? 564 HOH A O   1 
HETATM 1579 O O   . HOH C 3 .   ? 13.959  7.914   3.215   1.00 44.98 ? 565 HOH A O   1 
HETATM 1580 O O   . HOH C 3 .   ? -2.767  -7.372  15.811  1.00 42.18 ? 566 HOH A O   1 
HETATM 1581 O O   . HOH C 3 .   ? -12.057 4.955   -14.463 1.00 40.90 ? 567 HOH A O   1 
HETATM 1582 O O   . HOH C 3 .   ? 14.462  7.557   0.266   1.00 44.70 ? 568 HOH A O   1 
HETATM 1583 O O   . HOH C 3 .   ? -8.468  -8.170  11.103  1.00 29.28 ? 569 HOH A O   1 
HETATM 1584 O O   . HOH C 3 .   ? 3.892   4.877   7.760   1.00 42.51 ? 570 HOH A O   1 
HETATM 1585 O O   . HOH C 3 .   ? 35.718  -3.605  -2.312  1.00 43.81 ? 571 HOH A O   1 
HETATM 1586 O O   . HOH C 3 .   ? 35.417  -7.482  -0.895  1.00 46.78 ? 572 HOH A O   1 
HETATM 1587 O O   . HOH C 3 .   ? 4.358   2.910   -12.330 1.00 59.69 ? 573 HOH A O   1 
# 
